data_4RGZ
#
_entry.id   4RGZ
#
_cell.length_a   97.600
_cell.length_b   123.720
_cell.length_c   136.520
_cell.angle_alpha   90.00
_cell.angle_beta   90.00
_cell.angle_gamma   90.00
#
_symmetry.space_group_name_H-M   'P 21 2 21'
#
loop_
_entity.id
_entity.type
_entity.pdbx_description
1 polymer 'Xaa-Pro aminopeptidase'
2 non-polymer 'ZINC ION'
3 non-polymer 'PHOSPHATE ION'
4 water water
#
_entity_poly.entity_id   1
_entity_poly.type   'polypeptide(L)'
_entity_poly.pdbx_seq_one_letter_code
;GSMDYKRRIHKFQAHFGKKGFEGALVAPGSNFYYLTGFNPLGTLERLFVLILPSEGLLTAIAPRLYEKELEEFNGEVVLW
SDSENPYKIFATKIKETFKEGEKLLIDDTMPVGVFLKAKDIFDKYSLHPISPVISELREIKDKDEIKAHKKAAEIVDKVF
YRFIEGKLEGKSERELANRIEYMIKNEFGADDVSFEPIVASGPNGANPHHRPSHRKIRKGDVVIFDYGAKYLGYCSDVTR
TVVVGPPSEEVKKVYEIVKEAQETAVQKVAEGIPAEVVDATARGIISKYGYGEYFIHRTGHGLGIDVHEEPYISPGNKKI
LKDGMVFTIEPGIYLQGKFGVRIEDDVALVDKKGIRLTNADRELITL
;
_entity_poly.pdbx_strand_id   A,N,1,e
#
loop_
_chem_comp.id
_chem_comp.type
_chem_comp.name
_chem_comp.formula
PO4 non-polymer 'PHOSPHATE ION' 'O4 P -3'
ZN non-polymer 'ZINC ION' 'Zn 2'
#
# COMPACT_ATOMS: atom_id res chain seq x y z
N GLY A 1 -7.54 -47.04 -22.62
CA GLY A 1 -6.99 -45.86 -21.89
C GLY A 1 -6.98 -44.59 -22.75
N SER A 2 -5.98 -43.72 -22.57
CA SER A 2 -4.93 -43.89 -21.55
C SER A 2 -4.73 -42.59 -20.74
N MET A 3 -4.28 -41.53 -21.43
CA MET A 3 -3.89 -40.21 -20.86
C MET A 3 -2.87 -40.31 -19.70
N ASP A 4 -1.95 -39.35 -19.63
CA ASP A 4 -0.67 -39.53 -18.91
C ASP A 4 0.06 -40.72 -19.57
N TYR A 5 1.32 -41.03 -19.26
CA TYR A 5 2.25 -40.35 -18.34
C TYR A 5 2.55 -38.90 -18.81
N LYS A 6 2.94 -37.94 -17.94
CA LYS A 6 3.35 -38.07 -16.52
C LYS A 6 3.09 -39.37 -15.74
N ARG A 7 4.15 -40.07 -15.32
CA ARG A 7 5.57 -39.65 -15.39
C ARG A 7 5.96 -38.59 -16.45
N ARG A 8 6.64 -37.52 -16.03
CA ARG A 8 7.10 -36.44 -16.93
C ARG A 8 5.99 -35.43 -17.30
N ILE A 9 5.87 -34.26 -16.65
CA ILE A 9 6.56 -33.74 -15.42
C ILE A 9 8.08 -33.78 -15.25
N HIS A 10 8.67 -34.97 -15.14
CA HIS A 10 10.11 -35.09 -15.04
C HIS A 10 10.77 -34.76 -16.35
N LYS A 11 10.04 -34.87 -17.45
CA LYS A 11 10.54 -34.43 -18.74
C LYS A 11 10.59 -32.93 -18.64
N PHE A 12 9.57 -32.36 -17.99
CA PHE A 12 9.51 -30.92 -17.82
C PHE A 12 10.56 -30.45 -16.82
N GLN A 13 10.66 -31.15 -15.70
CA GLN A 13 11.78 -30.94 -14.81
C GLN A 13 13.10 -31.06 -15.58
N ALA A 14 13.42 -32.24 -16.10
CA ALA A 14 14.67 -32.45 -16.84
C ALA A 14 14.90 -31.32 -17.82
N HIS A 15 13.85 -30.98 -18.56
CA HIS A 15 13.87 -29.84 -19.49
C HIS A 15 14.13 -28.53 -18.80
N PHE A 16 13.36 -28.19 -17.76
CA PHE A 16 13.61 -26.89 -17.10
C PHE A 16 14.98 -26.85 -16.45
N GLY A 17 15.50 -28.05 -16.18
CA GLY A 17 16.92 -28.32 -15.95
C GLY A 17 17.70 -27.24 -15.22
N LYS A 18 18.91 -26.93 -15.67
CA LYS A 18 19.57 -27.51 -16.85
C LYS A 18 18.97 -27.17 -18.22
N LYS A 19 18.45 -25.95 -18.29
CA LYS A 19 18.14 -25.24 -19.53
C LYS A 19 18.20 -23.70 -19.34
N GLY A 20 18.50 -23.18 -18.14
CA GLY A 20 18.88 -23.93 -16.93
C GLY A 20 18.25 -23.42 -15.64
N PHE A 21 16.92 -23.30 -15.64
CA PHE A 21 16.13 -22.70 -14.57
C PHE A 21 16.05 -23.50 -13.27
N GLU A 22 16.00 -22.79 -12.15
CA GLU A 22 15.87 -23.43 -10.83
C GLU A 22 14.55 -24.22 -10.65
N GLY A 23 13.41 -23.58 -10.89
CA GLY A 23 12.10 -24.26 -10.76
C GLY A 23 10.92 -23.60 -11.45
N ALA A 24 9.75 -24.22 -11.33
CA ALA A 24 8.53 -23.78 -12.03
C ALA A 24 7.27 -23.68 -11.15
N LEU A 25 6.58 -22.54 -11.23
CA LEU A 25 5.36 -22.34 -10.45
C LEU A 25 4.14 -22.30 -11.35
N VAL A 26 3.39 -23.41 -11.38
CA VAL A 26 2.26 -23.62 -12.28
C VAL A 26 0.90 -23.21 -11.70
N ALA A 27 0.08 -22.52 -12.50
CA ALA A 27 -1.22 -22.00 -12.07
C ALA A 27 -2.38 -22.74 -12.79
N PRO A 28 -3.65 -22.45 -12.42
CA PRO A 28 -4.79 -22.90 -13.23
C PRO A 28 -4.70 -22.47 -14.68
N GLY A 29 -5.16 -23.35 -15.58
CA GLY A 29 -5.02 -23.13 -17.01
C GLY A 29 -4.42 -24.31 -17.77
N SER A 30 -4.08 -24.09 -19.04
CA SER A 30 -3.67 -25.18 -19.95
C SER A 30 -2.50 -26.03 -19.46
N ASN A 31 -1.52 -25.39 -18.85
CA ASN A 31 -0.38 -26.08 -18.32
C ASN A 31 -0.66 -26.98 -17.12
N PHE A 32 -1.53 -26.52 -16.21
CA PHE A 32 -1.93 -27.32 -15.04
C PHE A 32 -2.52 -28.63 -15.54
N TYR A 33 -3.51 -28.48 -16.42
CA TYR A 33 -4.21 -29.57 -17.09
C TYR A 33 -3.32 -30.47 -17.94
N TYR A 34 -2.17 -29.95 -18.38
CA TYR A 34 -1.30 -30.72 -19.23
C TYR A 34 -0.44 -31.65 -18.40
N LEU A 35 0.05 -31.09 -17.32
CA LEU A 35 0.97 -31.72 -16.42
C LEU A 35 0.28 -32.75 -15.52
N THR A 36 -0.79 -32.33 -14.85
CA THR A 36 -1.63 -33.24 -14.09
C THR A 36 -2.62 -33.89 -15.06
N GLY A 37 -3.89 -33.51 -14.94
CA GLY A 37 -4.97 -34.08 -15.72
C GLY A 37 -6.30 -33.57 -15.24
N PHE A 38 -6.30 -32.81 -14.14
CA PHE A 38 -7.50 -32.03 -13.77
C PHE A 38 -7.43 -30.55 -14.17
N ASN A 39 -8.59 -29.92 -14.10
CA ASN A 39 -8.86 -28.68 -14.77
C ASN A 39 -9.72 -27.78 -13.89
N PRO A 40 -9.16 -27.28 -12.75
CA PRO A 40 -9.84 -26.40 -11.81
C PRO A 40 -10.40 -25.09 -12.40
N LEU A 41 -11.71 -24.90 -12.28
CA LEU A 41 -12.41 -23.75 -12.88
C LEU A 41 -13.34 -23.10 -11.85
N GLY A 42 -13.17 -21.81 -11.59
CA GLY A 42 -12.05 -21.01 -12.10
C GLY A 42 -11.55 -20.20 -10.93
N THR A 43 -10.79 -19.15 -11.19
CA THR A 43 -10.26 -18.33 -10.10
C THR A 43 -9.32 -17.21 -10.53
N LEU A 44 -9.47 -16.06 -9.89
CA LEU A 44 -8.53 -14.94 -10.06
C LEU A 44 -8.05 -14.47 -8.69
N GLU A 45 -8.37 -15.28 -7.68
CA GLU A 45 -7.94 -15.05 -6.31
C GLU A 45 -6.94 -16.12 -5.88
N ARG A 46 -6.83 -16.30 -4.56
CA ARG A 46 -6.27 -17.48 -3.89
C ARG A 46 -4.89 -17.94 -4.35
N LEU A 47 -4.25 -17.12 -5.18
CA LEU A 47 -2.98 -17.48 -5.79
C LEU A 47 -3.12 -18.77 -6.61
N PHE A 48 -3.49 -19.86 -5.93
CA PHE A 48 -3.66 -21.20 -6.52
C PHE A 48 -2.52 -21.54 -7.48
N VAL A 49 -1.42 -22.04 -6.90
CA VAL A 49 -0.18 -22.12 -7.65
C VAL A 49 0.65 -23.37 -7.32
N LEU A 50 0.75 -24.28 -8.29
CA LEU A 50 1.44 -25.57 -8.13
C LEU A 50 2.95 -25.52 -7.91
N ILE A 51 3.41 -26.50 -7.13
CA ILE A 51 4.77 -26.63 -6.61
C ILE A 51 5.86 -26.96 -7.66
N LEU A 52 6.37 -28.19 -7.66
CA LEU A 52 7.44 -28.71 -8.57
C LEU A 52 8.76 -27.90 -8.73
N PRO A 53 9.73 -28.11 -7.82
CA PRO A 53 11.09 -27.62 -8.04
C PRO A 53 11.91 -28.62 -8.87
N SER A 54 13.19 -28.32 -9.10
CA SER A 54 14.16 -29.24 -9.74
C SER A 54 13.66 -30.66 -9.99
N GLU A 55 13.37 -31.39 -8.91
CA GLU A 55 12.77 -32.75 -8.95
C GLU A 55 12.39 -33.28 -7.55
N GLY A 56 11.96 -34.54 -7.53
CA GLY A 56 11.37 -35.14 -6.34
C GLY A 56 9.93 -35.46 -6.64
N LEU A 57 9.07 -35.25 -5.65
CA LEU A 57 7.65 -35.56 -5.78
C LEU A 57 6.73 -34.35 -5.62
N LEU A 58 5.61 -34.39 -6.35
CA LEU A 58 4.57 -33.35 -6.35
C LEU A 58 3.99 -32.92 -5.00
N THR A 59 3.32 -31.77 -5.02
CA THR A 59 2.46 -31.28 -3.93
C THR A 59 1.44 -30.25 -4.40
N ALA A 60 0.18 -30.50 -4.07
CA ALA A 60 -0.91 -29.54 -4.24
C ALA A 60 -0.77 -28.42 -3.21
N ILE A 61 -1.39 -27.28 -3.50
CA ILE A 61 -0.78 -26.00 -3.12
C ILE A 61 -1.59 -24.98 -2.31
N ALA A 62 -2.15 -23.97 -2.96
CA ALA A 62 -2.61 -22.76 -2.25
C ALA A 62 -4.05 -22.75 -1.64
N PRO A 63 -5.12 -22.81 -2.47
CA PRO A 63 -6.53 -22.63 -2.06
C PRO A 63 -7.02 -23.81 -1.21
N ARG A 64 -8.21 -23.81 -0.57
CA ARG A 64 -9.35 -22.86 -0.67
C ARG A 64 -10.04 -22.95 -2.04
N LEU A 65 -11.11 -23.73 -2.21
CA LEU A 65 -11.82 -24.50 -1.18
C LEU A 65 -11.52 -26.00 -1.35
N TYR A 66 -11.63 -26.44 -2.60
CA TYR A 66 -11.23 -27.75 -3.14
C TYR A 66 -10.63 -28.80 -2.15
N GLU A 67 -11.15 -30.03 -2.01
CA GLU A 67 -12.36 -30.65 -2.64
C GLU A 67 -12.08 -32.14 -3.07
N LYS A 68 -12.74 -32.58 -4.15
CA LYS A 68 -12.47 -33.84 -4.87
C LYS A 68 -12.62 -33.45 -6.37
N GLU A 69 -11.79 -33.94 -7.31
CA GLU A 69 -10.90 -35.10 -7.17
C GLU A 69 -9.43 -34.78 -6.85
N LEU A 70 -9.16 -33.69 -6.15
CA LEU A 70 -7.78 -33.43 -5.72
C LEU A 70 -7.33 -34.49 -4.72
N GLU A 71 -8.31 -35.11 -4.05
CA GLU A 71 -8.11 -36.37 -3.34
C GLU A 71 -7.25 -37.32 -4.20
N GLU A 72 -7.44 -37.23 -5.52
CA GLU A 72 -6.73 -38.05 -6.52
C GLU A 72 -5.37 -37.49 -6.97
N PHE A 73 -4.92 -36.41 -6.32
CA PHE A 73 -3.62 -35.82 -6.61
C PHE A 73 -2.46 -36.66 -6.07
N ASN A 74 -1.39 -36.73 -6.84
CA ASN A 74 -0.22 -37.57 -6.53
C ASN A 74 0.83 -36.87 -5.66
N GLY A 75 1.19 -37.49 -4.55
CA GLY A 75 2.19 -36.92 -3.63
C GLY A 75 1.58 -36.46 -2.33
N GLU A 76 1.04 -35.24 -2.35
CA GLU A 76 0.28 -34.69 -1.21
C GLU A 76 -0.60 -33.52 -1.61
N VAL A 77 -1.85 -33.57 -1.17
CA VAL A 77 -2.83 -32.47 -1.28
C VAL A 77 -2.74 -31.54 -0.06
N VAL A 78 -2.77 -30.24 -0.32
CA VAL A 78 -2.82 -29.23 0.74
C VAL A 78 -3.89 -28.23 0.35
N LEU A 79 -4.98 -28.20 1.12
CA LEU A 79 -6.11 -27.32 0.83
C LEU A 79 -6.27 -26.23 1.88
N TRP A 80 -7.53 -25.87 2.15
CA TRP A 80 -7.89 -24.94 3.21
C TRP A 80 -7.65 -23.50 2.83
N SER A 81 -8.43 -22.54 3.35
CA SER A 81 -9.70 -22.69 4.08
C SER A 81 -10.14 -21.28 4.48
N ASP A 82 -11.36 -20.89 4.10
CA ASP A 82 -11.87 -19.54 4.39
C ASP A 82 -10.95 -18.49 3.78
N SER A 83 -9.96 -18.07 4.58
CA SER A 83 -8.90 -17.16 4.21
C SER A 83 -7.90 -17.12 5.37
N GLU A 84 -6.69 -17.61 5.10
CA GLU A 84 -5.56 -17.49 6.02
C GLU A 84 -4.57 -16.46 5.51
N ASN A 85 -5.00 -15.69 4.51
CA ASN A 85 -4.17 -14.70 3.83
C ASN A 85 -2.90 -15.32 3.23
N PRO A 86 -3.03 -16.02 2.10
CA PRO A 86 -1.91 -16.72 1.46
C PRO A 86 -0.99 -15.82 0.64
N TYR A 87 -0.68 -14.64 1.17
CA TYR A 87 0.29 -13.74 0.53
C TYR A 87 1.69 -14.01 1.05
N LYS A 88 1.75 -14.75 2.15
CA LYS A 88 2.99 -15.37 2.62
C LYS A 88 2.64 -16.69 3.31
N ILE A 89 1.35 -16.87 3.61
CA ILE A 89 0.83 -18.19 4.06
C ILE A 89 1.05 -19.20 2.94
N PHE A 90 2.00 -18.85 2.07
CA PHE A 90 2.56 -19.71 1.06
C PHE A 90 4.08 -19.59 1.17
N ALA A 91 4.64 -20.26 2.18
CA ALA A 91 6.09 -20.20 2.40
C ALA A 91 6.70 -21.51 2.92
N THR A 92 5.97 -22.25 3.74
CA THR A 92 6.53 -23.43 4.44
C THR A 92 6.92 -24.60 3.51
N LYS A 93 6.16 -24.79 2.42
CA LYS A 93 6.31 -25.98 1.58
C LYS A 93 7.21 -25.94 0.32
N ILE A 94 7.11 -25.01 -0.64
CA ILE A 94 6.42 -23.68 -0.76
C ILE A 94 7.20 -22.40 -0.36
N LYS A 95 8.45 -22.58 0.10
CA LYS A 95 9.52 -21.54 0.07
C LYS A 95 10.68 -21.72 1.08
N GLU A 96 11.52 -22.77 1.02
CA GLU A 96 11.30 -24.11 0.40
C GLU A 96 10.71 -24.27 -1.01
N THR A 97 11.53 -24.58 -2.03
CA THR A 97 12.96 -24.80 -1.88
C THR A 97 13.68 -23.58 -2.46
N PHE A 98 12.90 -22.69 -3.10
CA PHE A 98 13.42 -21.45 -3.66
C PHE A 98 13.76 -20.41 -2.57
N LYS A 99 14.47 -20.82 -1.52
CA LYS A 99 14.83 -19.88 -0.44
C LYS A 99 16.35 -19.79 -0.14
N GLU A 100 17.10 -19.06 -0.97
CA GLU A 100 16.57 -18.33 -2.12
C GLU A 100 17.41 -18.64 -3.34
N GLY A 101 17.11 -19.77 -3.96
CA GLY A 101 17.88 -20.30 -5.09
C GLY A 101 18.01 -19.41 -6.31
N GLU A 102 18.25 -20.04 -7.46
CA GLU A 102 18.52 -19.33 -8.71
C GLU A 102 17.27 -18.73 -9.38
N LYS A 103 17.18 -18.89 -10.70
CA LYS A 103 16.19 -18.22 -11.55
C LYS A 103 14.80 -18.83 -11.44
N LEU A 104 13.83 -18.32 -12.20
CA LEU A 104 12.45 -18.77 -12.08
C LEU A 104 11.65 -18.88 -13.37
N LEU A 105 10.81 -19.91 -13.41
CA LEU A 105 9.79 -20.05 -14.43
C LEU A 105 8.44 -19.93 -13.78
N ILE A 106 7.77 -18.80 -14.03
CA ILE A 106 6.39 -18.65 -13.64
C ILE A 106 5.52 -19.06 -14.81
N ASP A 107 4.51 -19.89 -14.52
CA ASP A 107 3.46 -20.21 -15.49
C ASP A 107 2.79 -18.95 -16.04
N ASP A 108 3.10 -18.64 -17.29
CA ASP A 108 2.44 -17.55 -18.06
C ASP A 108 0.99 -17.29 -17.66
N THR A 109 0.16 -18.32 -17.75
CA THR A 109 -1.28 -18.22 -17.47
C THR A 109 -1.68 -17.73 -16.06
N MET A 110 -0.71 -17.63 -15.15
CA MET A 110 -0.94 -17.04 -13.81
C MET A 110 -1.36 -15.58 -14.03
N PRO A 111 -2.34 -15.10 -13.24
CA PRO A 111 -2.81 -13.73 -13.46
C PRO A 111 -2.00 -12.68 -12.68
N VAL A 112 -1.82 -11.50 -13.28
CA VAL A 112 -1.11 -10.39 -12.61
C VAL A 112 -2.01 -9.74 -11.58
N GLY A 113 -2.01 -10.30 -10.38
CA GLY A 113 -2.86 -9.88 -9.30
C GLY A 113 -2.60 -10.95 -8.27
N VAL A 114 -2.52 -12.17 -8.78
CA VAL A 114 -1.97 -13.29 -8.03
C VAL A 114 -0.46 -13.18 -7.98
N PHE A 115 0.14 -12.71 -9.08
CA PHE A 115 1.58 -12.54 -9.14
C PHE A 115 2.01 -11.29 -8.39
N LEU A 116 1.18 -10.25 -8.43
CA LEU A 116 1.47 -9.03 -7.69
C LEU A 116 1.20 -9.11 -6.18
N LYS A 117 0.20 -9.91 -5.79
CA LYS A 117 -0.12 -10.09 -4.37
C LYS A 117 -0.21 -11.59 -4.02
N ALA A 118 0.86 -12.12 -3.44
CA ALA A 118 2.06 -11.34 -3.15
C ALA A 118 3.09 -11.32 -4.29
N LYS A 119 3.88 -10.25 -4.32
CA LYS A 119 4.86 -9.97 -5.38
C LYS A 119 6.23 -10.65 -5.24
N ASP A 120 6.59 -11.05 -4.02
CA ASP A 120 7.97 -11.48 -3.74
C ASP A 120 8.15 -13.00 -3.52
N ILE A 121 8.73 -13.74 -4.49
CA ILE A 121 9.06 -13.38 -5.90
C ILE A 121 10.00 -12.18 -6.23
N PHE A 122 9.66 -10.97 -5.77
CA PHE A 122 10.49 -9.77 -5.94
C PHE A 122 11.28 -9.44 -4.65
N ASP A 123 12.56 -9.81 -4.61
CA ASP A 123 13.18 -10.73 -5.56
C ASP A 123 13.47 -12.05 -4.80
N LYS A 124 14.70 -12.56 -4.74
CA LYS A 124 15.86 -12.13 -5.51
C LYS A 124 16.08 -13.07 -6.69
N TYR A 125 14.97 -13.58 -7.25
CA TYR A 125 14.96 -14.57 -8.32
C TYR A 125 14.88 -13.87 -9.67
N SER A 126 15.52 -14.45 -10.69
CA SER A 126 15.45 -13.91 -12.03
C SER A 126 14.29 -14.53 -12.81
N LEU A 127 13.27 -13.72 -13.07
CA LEU A 127 12.02 -14.20 -13.64
C LEU A 127 12.03 -14.35 -15.16
N HIS A 128 11.57 -15.51 -15.63
CA HIS A 128 11.31 -15.76 -17.05
C HIS A 128 10.04 -16.58 -17.17
N PRO A 129 9.38 -16.54 -18.34
CA PRO A 129 8.12 -17.27 -18.54
C PRO A 129 8.26 -18.77 -18.74
N ILE A 130 7.23 -19.53 -18.39
CA ILE A 130 7.22 -20.98 -18.55
C ILE A 130 7.11 -21.41 -20.01
N SER A 131 6.40 -20.64 -20.81
CA SER A 131 5.97 -21.10 -22.15
C SER A 131 7.09 -21.48 -23.14
N PRO A 132 8.23 -20.75 -23.12
CA PRO A 132 9.35 -21.17 -23.97
C PRO A 132 9.88 -22.57 -23.66
N VAL A 133 9.75 -23.01 -22.42
CA VAL A 133 10.19 -24.36 -22.03
C VAL A 133 9.08 -25.42 -22.19
N ILE A 134 7.87 -25.15 -21.70
CA ILE A 134 6.84 -26.19 -21.72
C ILE A 134 6.29 -26.42 -23.12
N SER A 135 6.35 -25.40 -23.96
CA SER A 135 5.77 -25.53 -25.30
C SER A 135 6.51 -26.60 -26.07
N GLU A 136 7.77 -26.79 -25.70
CA GLU A 136 8.63 -27.84 -26.22
C GLU A 136 8.01 -29.21 -26.08
N LEU A 137 7.37 -29.47 -24.94
CA LEU A 137 6.67 -30.72 -24.69
C LEU A 137 5.28 -30.74 -25.27
N ARG A 138 4.51 -29.67 -25.09
CA ARG A 138 3.11 -29.63 -25.59
C ARG A 138 2.99 -29.69 -27.12
N GLU A 139 4.00 -29.22 -27.86
CA GLU A 139 3.93 -29.22 -29.32
C GLU A 139 4.19 -30.59 -29.93
N ILE A 140 4.72 -31.51 -29.14
CA ILE A 140 4.89 -32.90 -29.59
C ILE A 140 3.84 -33.79 -28.92
N LYS A 141 2.67 -33.91 -29.54
CA LYS A 141 1.62 -34.76 -29.02
C LYS A 141 2.04 -36.22 -29.05
N ASP A 142 1.58 -37.00 -28.08
CA ASP A 142 1.82 -38.42 -28.11
C ASP A 142 0.63 -39.11 -28.78
N LYS A 143 0.62 -40.43 -28.73
CA LYS A 143 -0.31 -41.20 -29.54
C LYS A 143 -1.75 -40.95 -29.12
N ASP A 144 -1.95 -40.74 -27.81
CA ASP A 144 -3.25 -40.56 -27.19
C ASP A 144 -3.77 -39.16 -27.40
N GLU A 145 -2.87 -38.18 -27.28
CA GLU A 145 -3.21 -36.80 -27.54
C GLU A 145 -3.62 -36.66 -28.98
N ILE A 146 -2.94 -37.37 -29.89
CA ILE A 146 -3.29 -37.36 -31.33
C ILE A 146 -4.64 -38.02 -31.54
N LYS A 147 -4.92 -39.10 -30.80
CA LYS A 147 -6.19 -39.80 -30.88
C LYS A 147 -7.32 -38.85 -30.48
N ALA A 148 -7.04 -38.02 -29.47
CA ALA A 148 -8.01 -37.05 -29.01
C ALA A 148 -8.33 -36.00 -30.11
N HIS A 149 -7.31 -35.46 -30.76
CA HIS A 149 -7.52 -34.68 -31.99
C HIS A 149 -8.23 -35.41 -33.09
N LYS A 150 -8.00 -36.71 -33.27
CA LYS A 150 -8.74 -37.41 -34.32
C LYS A 150 -10.25 -37.39 -34.01
N LYS A 151 -10.59 -37.75 -32.79
CA LYS A 151 -11.98 -37.78 -32.32
C LYS A 151 -12.69 -36.42 -32.48
N ALA A 152 -11.97 -35.34 -32.17
CA ALA A 152 -12.56 -34.02 -32.20
C ALA A 152 -12.61 -33.49 -33.62
N ALA A 153 -11.72 -34.01 -34.47
CA ALA A 153 -11.77 -33.69 -35.90
C ALA A 153 -12.99 -34.42 -36.47
N GLU A 154 -13.22 -35.66 -36.00
CA GLU A 154 -14.40 -36.42 -36.41
C GLU A 154 -15.72 -35.78 -36.03
N ILE A 155 -15.88 -35.33 -34.78
CA ILE A 155 -17.08 -34.56 -34.37
C ILE A 155 -17.36 -33.40 -35.34
N VAL A 156 -16.31 -32.69 -35.69
CA VAL A 156 -16.44 -31.49 -36.50
C VAL A 156 -16.73 -31.81 -37.99
N ASP A 157 -16.32 -33.00 -38.44
CA ASP A 157 -16.77 -33.53 -39.74
C ASP A 157 -18.28 -33.83 -39.71
N LYS A 158 -18.73 -34.61 -38.75
CA LYS A 158 -20.15 -34.95 -38.72
C LYS A 158 -21.05 -33.71 -38.69
N VAL A 159 -20.69 -32.73 -37.86
CA VAL A 159 -21.35 -31.43 -37.80
C VAL A 159 -21.39 -30.79 -39.21
N PHE A 160 -20.25 -30.68 -39.86
CA PHE A 160 -20.25 -30.25 -41.26
C PHE A 160 -21.40 -30.80 -42.11
N TYR A 161 -21.62 -32.11 -42.12
CA TYR A 161 -22.63 -32.71 -42.98
C TYR A 161 -24.04 -32.35 -42.52
N ARG A 162 -24.30 -32.51 -41.24
CA ARG A 162 -25.63 -32.23 -40.73
C ARG A 162 -25.94 -30.76 -40.98
N PHE A 163 -24.91 -29.92 -40.86
CA PHE A 163 -25.01 -28.49 -41.14
C PHE A 163 -25.45 -28.22 -42.56
N ILE A 164 -24.54 -28.42 -43.52
CA ILE A 164 -24.85 -28.23 -44.94
C ILE A 164 -26.01 -29.05 -45.47
N GLU A 165 -26.60 -29.91 -44.64
CA GLU A 165 -27.74 -30.72 -45.06
C GLU A 165 -29.05 -30.13 -44.53
N GLY A 166 -28.92 -29.07 -43.75
CA GLY A 166 -30.07 -28.36 -43.20
C GLY A 166 -30.53 -27.26 -44.13
N LYS A 167 -31.18 -26.24 -43.59
CA LYS A 167 -31.62 -25.10 -44.42
C LYS A 167 -30.79 -23.89 -43.99
N LEU A 168 -30.09 -23.30 -44.95
CA LEU A 168 -29.30 -22.11 -44.71
C LEU A 168 -30.02 -20.79 -45.04
N GLU A 169 -30.86 -20.80 -46.06
CA GLU A 169 -31.63 -19.62 -46.43
C GLU A 169 -32.55 -19.11 -45.34
N GLY A 170 -32.56 -17.79 -45.17
CA GLY A 170 -33.56 -17.15 -44.33
C GLY A 170 -33.06 -17.06 -42.91
N LYS A 171 -31.92 -17.67 -42.65
CA LYS A 171 -31.37 -17.63 -41.31
C LYS A 171 -30.23 -16.67 -41.21
N SER A 172 -30.09 -16.02 -40.05
CA SER A 172 -28.99 -15.11 -39.77
C SER A 172 -27.70 -15.86 -39.40
N GLU A 173 -26.57 -15.29 -39.80
CA GLU A 173 -25.27 -15.68 -39.25
C GLU A 173 -25.33 -16.19 -37.76
N ARG A 174 -25.98 -15.43 -36.86
CA ARG A 174 -26.05 -15.81 -35.46
C ARG A 174 -26.82 -17.12 -35.23
N GLU A 175 -28.03 -17.22 -35.80
CA GLU A 175 -28.75 -18.48 -35.80
C GLU A 175 -27.89 -19.65 -36.28
N LEU A 176 -27.25 -19.51 -37.42
CA LEU A 176 -26.45 -20.57 -37.92
C LEU A 176 -25.31 -20.96 -36.95
N ALA A 177 -24.57 -19.95 -36.47
CA ALA A 177 -23.59 -20.11 -35.40
C ALA A 177 -24.16 -20.87 -34.18
N ASN A 178 -25.41 -20.61 -33.85
CA ASN A 178 -26.07 -21.33 -32.81
C ASN A 178 -26.37 -22.78 -33.10
N ARG A 179 -26.88 -23.09 -34.31
CA ARG A 179 -27.11 -24.52 -34.69
C ARG A 179 -25.77 -25.25 -34.52
N ILE A 180 -24.69 -24.64 -35.00
CA ILE A 180 -23.41 -25.31 -34.99
C ILE A 180 -23.02 -25.67 -33.55
N GLU A 181 -22.96 -24.67 -32.68
CA GLU A 181 -22.62 -24.91 -31.29
C GLU A 181 -23.51 -25.97 -30.65
N TYR A 182 -24.81 -25.87 -30.88
CA TYR A 182 -25.80 -26.79 -30.34
C TYR A 182 -25.55 -28.19 -30.82
N MET A 183 -25.36 -28.34 -32.12
CA MET A 183 -24.97 -29.62 -32.70
C MET A 183 -23.75 -30.25 -32.04
N ILE A 184 -22.64 -29.53 -31.98
CA ILE A 184 -21.42 -29.99 -31.32
C ILE A 184 -21.67 -30.48 -29.88
N LYS A 185 -22.62 -29.85 -29.18
CA LYS A 185 -22.92 -30.28 -27.82
C LYS A 185 -24.04 -31.31 -27.73
N ASN A 186 -24.70 -31.63 -28.86
CA ASN A 186 -25.49 -32.91 -29.04
C ASN A 186 -25.01 -33.77 -30.27
N GLU A 187 -23.68 -33.91 -30.35
CA GLU A 187 -22.97 -34.88 -31.18
C GLU A 187 -21.87 -35.39 -30.26
N PHE A 188 -22.20 -35.55 -28.98
CA PHE A 188 -21.31 -36.18 -28.02
C PHE A 188 -20.45 -35.16 -27.29
N GLY A 189 -19.89 -35.61 -26.17
CA GLY A 189 -18.83 -34.92 -25.43
C GLY A 189 -17.45 -34.92 -26.10
N ALA A 190 -16.93 -33.75 -26.47
CA ALA A 190 -17.60 -32.42 -26.46
C ALA A 190 -18.89 -32.30 -25.64
N ASP A 191 -18.83 -32.08 -24.32
CA ASP A 191 -17.70 -31.52 -23.55
C ASP A 191 -17.77 -30.03 -23.78
N ASP A 192 -17.12 -29.57 -24.83
CA ASP A 192 -17.21 -28.19 -25.18
C ASP A 192 -16.80 -27.93 -26.61
N VAL A 193 -16.83 -26.65 -26.89
CA VAL A 193 -16.55 -26.03 -28.15
C VAL A 193 -15.12 -25.54 -27.87
N SER A 194 -14.24 -25.55 -28.86
CA SER A 194 -12.93 -24.97 -28.63
C SER A 194 -12.92 -23.46 -28.73
N PHE A 195 -13.99 -22.89 -29.30
CA PHE A 195 -14.24 -21.44 -29.44
C PHE A 195 -15.64 -21.22 -30.03
N GLU A 196 -16.20 -20.03 -29.87
CA GLU A 196 -17.51 -19.71 -30.41
C GLU A 196 -17.43 -19.74 -31.91
N PRO A 197 -18.38 -20.44 -32.58
CA PRO A 197 -18.36 -20.61 -34.05
C PRO A 197 -18.47 -19.27 -34.78
N ILE A 198 -17.87 -19.22 -35.96
CA ILE A 198 -17.93 -18.07 -36.84
C ILE A 198 -18.65 -18.41 -38.14
N VAL A 199 -19.67 -17.63 -38.44
CA VAL A 199 -20.36 -17.75 -39.70
C VAL A 199 -20.30 -16.36 -40.33
N ALA A 200 -19.80 -16.29 -41.56
CA ALA A 200 -19.63 -15.02 -42.24
C ALA A 200 -20.15 -15.13 -43.68
N SER A 201 -21.23 -14.38 -43.98
CA SER A 201 -21.95 -14.55 -45.22
C SER A 201 -21.83 -13.34 -46.15
N GLY A 202 -21.80 -13.59 -47.46
CA GLY A 202 -21.64 -12.53 -48.44
C GLY A 202 -20.48 -11.62 -48.08
N PRO A 203 -20.71 -10.28 -48.01
CA PRO A 203 -19.59 -9.34 -47.78
C PRO A 203 -18.92 -9.53 -46.42
N ASN A 204 -19.67 -10.05 -45.44
CA ASN A 204 -19.10 -10.33 -44.10
C ASN A 204 -18.00 -11.35 -44.12
N GLY A 205 -18.03 -12.25 -45.11
CA GLY A 205 -16.93 -13.20 -45.25
C GLY A 205 -15.55 -12.62 -45.50
N ALA A 206 -15.50 -11.34 -45.86
CA ALA A 206 -14.28 -10.70 -46.36
C ALA A 206 -13.42 -10.31 -45.22
N ASN A 207 -14.00 -10.37 -44.03
CA ASN A 207 -13.33 -9.94 -42.82
C ASN A 207 -13.06 -11.17 -41.94
N PRO A 208 -11.77 -11.58 -41.86
CA PRO A 208 -11.46 -12.84 -41.15
C PRO A 208 -11.90 -12.82 -39.70
N HIS A 209 -12.13 -11.61 -39.16
CA HIS A 209 -12.37 -11.41 -37.73
C HIS A 209 -13.83 -11.23 -37.37
N HIS A 210 -14.72 -11.62 -38.28
CA HIS A 210 -16.10 -11.25 -38.23
C HIS A 210 -16.84 -11.87 -37.10
N ARG A 211 -17.69 -11.08 -36.47
CA ARG A 211 -18.56 -11.54 -35.41
C ARG A 211 -19.93 -11.76 -36.07
N PRO A 212 -20.47 -12.99 -36.02
CA PRO A 212 -21.80 -13.31 -36.56
C PRO A 212 -22.82 -12.25 -36.22
N SER A 213 -23.59 -11.81 -37.21
CA SER A 213 -24.56 -10.74 -37.01
C SER A 213 -25.96 -11.20 -37.40
N HIS A 214 -26.91 -10.27 -37.41
CA HIS A 214 -28.30 -10.56 -37.84
C HIS A 214 -28.48 -10.72 -39.33
N ARG A 215 -27.43 -10.47 -40.10
CA ARG A 215 -27.54 -10.55 -41.52
C ARG A 215 -28.05 -11.93 -41.93
N LYS A 216 -29.14 -11.98 -42.68
CA LYS A 216 -29.64 -13.26 -43.18
C LYS A 216 -28.91 -13.81 -44.40
N ILE A 217 -28.68 -15.12 -44.40
CA ILE A 217 -28.11 -15.81 -45.54
C ILE A 217 -29.17 -15.87 -46.64
N ARG A 218 -28.78 -15.49 -47.86
CA ARG A 218 -29.71 -15.47 -48.99
C ARG A 218 -29.00 -15.98 -50.24
N LYS A 219 -29.78 -16.21 -51.31
CA LYS A 219 -29.26 -16.65 -52.61
C LYS A 219 -28.15 -15.77 -53.17
N GLY A 220 -27.07 -16.40 -53.61
CA GLY A 220 -25.94 -15.67 -54.18
C GLY A 220 -24.85 -15.37 -53.20
N ASP A 221 -25.06 -15.72 -51.93
CA ASP A 221 -24.08 -15.54 -50.85
C ASP A 221 -23.08 -16.67 -50.78
N VAL A 222 -21.79 -16.34 -50.72
CA VAL A 222 -20.86 -17.33 -50.21
C VAL A 222 -20.77 -17.21 -48.69
N VAL A 223 -20.73 -18.36 -48.04
CA VAL A 223 -20.79 -18.43 -46.60
C VAL A 223 -19.68 -19.30 -46.08
N ILE A 224 -18.83 -18.67 -45.29
CA ILE A 224 -17.74 -19.28 -44.60
C ILE A 224 -18.21 -19.70 -43.22
N PHE A 225 -17.87 -20.91 -42.82
CA PHE A 225 -18.15 -21.35 -41.44
C PHE A 225 -16.97 -22.07 -40.77
N ASP A 226 -16.67 -21.65 -39.55
CA ASP A 226 -15.39 -21.92 -38.91
C ASP A 226 -15.73 -22.21 -37.45
N TYR A 227 -15.37 -23.39 -36.98
CA TYR A 227 -15.82 -23.86 -35.68
C TYR A 227 -14.90 -24.93 -35.19
N GLY A 228 -15.18 -25.46 -34.01
CA GLY A 228 -14.32 -26.47 -33.43
C GLY A 228 -14.87 -27.07 -32.15
N ALA A 229 -14.35 -28.24 -31.85
CA ALA A 229 -14.82 -29.03 -30.73
C ALA A 229 -13.61 -29.42 -29.92
N LYS A 230 -13.87 -29.83 -28.67
CA LYS A 230 -12.86 -30.44 -27.79
C LYS A 230 -13.22 -31.87 -27.38
N TYR A 231 -12.27 -32.78 -27.53
CA TYR A 231 -12.44 -34.17 -27.04
C TYR A 231 -11.38 -34.45 -26.00
N LEU A 232 -11.82 -34.89 -24.81
CA LEU A 232 -10.97 -34.99 -23.64
C LEU A 232 -9.98 -33.83 -23.56
N GLY A 233 -10.48 -32.61 -23.77
CA GLY A 233 -9.67 -31.41 -23.58
C GLY A 233 -8.93 -30.94 -24.80
N TYR A 234 -8.79 -31.80 -25.81
CA TYR A 234 -8.07 -31.40 -27.00
C TYR A 234 -8.99 -30.81 -28.10
N CYS A 235 -8.39 -29.98 -28.94
CA CYS A 235 -9.10 -29.03 -29.80
C CYS A 235 -9.00 -29.33 -31.31
N SER A 236 -10.15 -29.18 -31.96
CA SER A 236 -10.16 -29.19 -33.40
C SER A 236 -10.69 -27.85 -33.85
N ASP A 237 -10.64 -27.64 -35.17
CA ASP A 237 -10.79 -26.31 -35.77
C ASP A 237 -10.90 -26.51 -37.28
N VAL A 238 -12.10 -26.34 -37.81
CA VAL A 238 -12.30 -26.52 -39.21
C VAL A 238 -13.01 -25.29 -39.77
N THR A 239 -12.73 -24.99 -41.03
CA THR A 239 -13.42 -23.96 -41.79
C THR A 239 -13.84 -24.54 -43.16
N ARG A 240 -15.07 -24.25 -43.59
CA ARG A 240 -15.47 -24.63 -44.94
C ARG A 240 -16.28 -23.51 -45.60
N THR A 241 -16.28 -23.48 -46.93
CA THR A 241 -16.96 -22.42 -47.65
C THR A 241 -17.93 -23.01 -48.65
N VAL A 242 -19.16 -22.52 -48.59
CA VAL A 242 -20.25 -22.98 -49.44
C VAL A 242 -20.95 -21.80 -50.12
N VAL A 243 -21.66 -22.05 -51.21
CA VAL A 243 -22.44 -21.04 -51.93
C VAL A 243 -23.91 -21.37 -51.93
N VAL A 244 -24.73 -20.39 -51.57
CA VAL A 244 -26.18 -20.50 -51.75
C VAL A 244 -26.42 -20.01 -53.18
N GLY A 245 -27.22 -20.75 -53.94
CA GLY A 245 -27.41 -20.51 -55.37
C GLY A 245 -26.18 -20.94 -56.17
N PRO A 246 -26.30 -21.04 -57.51
CA PRO A 246 -25.08 -21.35 -58.26
C PRO A 246 -24.07 -20.22 -58.09
N PRO A 247 -22.77 -20.53 -58.25
CA PRO A 247 -21.76 -19.49 -58.09
C PRO A 247 -21.36 -18.77 -59.35
N SER A 248 -21.01 -17.50 -59.16
CA SER A 248 -20.51 -16.62 -60.23
C SER A 248 -19.15 -17.12 -60.69
N GLU A 249 -18.69 -16.64 -61.85
CA GLU A 249 -17.38 -17.01 -62.34
C GLU A 249 -16.22 -16.55 -61.44
N GLU A 250 -16.39 -15.50 -60.64
CA GLU A 250 -15.25 -15.14 -59.76
C GLU A 250 -15.23 -15.92 -58.45
N VAL A 251 -16.40 -16.28 -57.96
CA VAL A 251 -16.50 -17.14 -56.78
C VAL A 251 -15.82 -18.46 -57.15
N LYS A 252 -16.28 -19.13 -58.22
CA LYS A 252 -15.63 -20.34 -58.74
C LYS A 252 -14.12 -20.18 -58.82
N LYS A 253 -13.70 -19.06 -59.36
CA LYS A 253 -12.32 -18.86 -59.68
C LYS A 253 -11.55 -18.73 -58.39
N VAL A 254 -12.06 -17.89 -57.49
CA VAL A 254 -11.33 -17.61 -56.26
C VAL A 254 -11.32 -18.82 -55.37
N TYR A 255 -12.46 -19.47 -55.22
CA TYR A 255 -12.53 -20.73 -54.51
C TYR A 255 -11.45 -21.68 -55.01
N GLU A 256 -11.47 -22.00 -56.31
CA GLU A 256 -10.42 -22.88 -56.87
C GLU A 256 -8.98 -22.41 -56.58
N ILE A 257 -8.72 -21.11 -56.54
CA ILE A 257 -7.40 -20.65 -56.14
C ILE A 257 -7.11 -21.08 -54.69
N VAL A 258 -8.08 -20.91 -53.79
CA VAL A 258 -7.84 -21.24 -52.39
C VAL A 258 -7.64 -22.76 -52.23
N LYS A 259 -8.51 -23.54 -52.86
CA LYS A 259 -8.40 -25.00 -52.86
C LYS A 259 -7.05 -25.50 -53.25
N GLU A 260 -6.47 -24.94 -54.31
CA GLU A 260 -5.16 -25.41 -54.80
C GLU A 260 -4.06 -25.06 -53.80
N ALA A 261 -4.20 -23.94 -53.11
CA ALA A 261 -3.14 -23.43 -52.21
C ALA A 261 -3.11 -24.16 -50.90
N GLN A 262 -4.29 -24.57 -50.43
CA GLN A 262 -4.49 -25.35 -49.21
C GLN A 262 -4.04 -26.77 -49.49
N GLU A 263 -4.54 -27.34 -50.56
CA GLU A 263 -4.12 -28.68 -50.98
C GLU A 263 -2.58 -28.79 -51.06
N THR A 264 -1.89 -27.77 -51.52
CA THR A 264 -0.51 -27.97 -51.84
C THR A 264 0.34 -27.73 -50.59
N ALA A 265 -0.15 -26.87 -49.71
CA ALA A 265 0.53 -26.62 -48.44
C ALA A 265 0.43 -27.86 -47.55
N VAL A 266 -0.75 -28.48 -47.56
CA VAL A 266 -0.95 -29.74 -46.87
C VAL A 266 0.06 -30.76 -47.41
N GLN A 267 0.15 -30.91 -48.72
CA GLN A 267 1.07 -31.89 -49.29
C GLN A 267 2.52 -31.59 -48.94
N LYS A 268 2.82 -30.31 -48.71
CA LYS A 268 4.19 -29.91 -48.38
C LYS A 268 4.56 -30.33 -46.96
N VAL A 269 3.57 -30.44 -46.07
CA VAL A 269 3.88 -30.84 -44.69
C VAL A 269 4.64 -32.17 -44.65
N ALA A 270 5.84 -32.10 -44.05
CA ALA A 270 6.78 -33.21 -43.88
C ALA A 270 7.67 -32.91 -42.65
N GLU A 271 8.11 -33.94 -41.92
CA GLU A 271 9.06 -33.69 -40.86
C GLU A 271 10.34 -33.08 -41.44
N GLY A 272 10.84 -32.06 -40.77
CA GLY A 272 12.12 -31.50 -41.16
C GLY A 272 11.98 -30.22 -41.96
N ILE A 273 10.75 -29.77 -42.26
CA ILE A 273 10.63 -28.57 -43.05
C ILE A 273 10.11 -27.39 -42.22
N PRO A 274 10.59 -26.15 -42.54
CA PRO A 274 10.24 -25.05 -41.64
C PRO A 274 8.79 -24.66 -41.81
N ALA A 275 8.18 -24.23 -40.71
CA ALA A 275 6.78 -23.87 -40.70
C ALA A 275 6.52 -22.75 -41.69
N GLU A 276 7.44 -21.81 -41.79
CA GLU A 276 7.33 -20.76 -42.80
C GLU A 276 7.30 -21.27 -44.26
N VAL A 277 8.08 -22.32 -44.55
CA VAL A 277 8.11 -22.88 -45.91
C VAL A 277 6.71 -23.36 -46.28
N VAL A 278 6.02 -23.94 -45.31
CA VAL A 278 4.65 -24.43 -45.53
C VAL A 278 3.72 -23.25 -45.74
N ASP A 279 3.93 -22.19 -44.98
CA ASP A 279 3.17 -20.96 -45.16
C ASP A 279 3.43 -20.36 -46.53
N ALA A 280 4.71 -20.28 -46.89
CA ALA A 280 5.12 -19.78 -48.22
C ALA A 280 4.58 -20.58 -49.41
N THR A 281 4.17 -21.82 -49.18
CA THR A 281 3.64 -22.65 -50.25
C THR A 281 2.24 -22.16 -50.64
N ALA A 282 1.32 -22.20 -49.68
CA ALA A 282 0.00 -21.57 -49.76
C ALA A 282 0.09 -20.17 -50.36
N ARG A 283 0.83 -19.30 -49.66
CA ARG A 283 0.99 -17.90 -50.02
C ARG A 283 1.49 -17.66 -51.46
N GLY A 284 2.59 -18.32 -51.84
CA GLY A 284 3.15 -18.21 -53.20
C GLY A 284 2.04 -18.43 -54.21
N ILE A 285 1.24 -19.47 -53.97
CA ILE A 285 0.22 -19.87 -54.92
C ILE A 285 -0.79 -18.76 -55.08
N ILE A 286 -1.25 -18.22 -53.96
CA ILE A 286 -2.15 -17.11 -53.99
C ILE A 286 -1.55 -15.90 -54.73
N SER A 287 -0.33 -15.48 -54.38
CA SER A 287 0.29 -14.43 -55.15
C SER A 287 0.23 -14.73 -56.64
N LYS A 288 0.62 -15.94 -57.04
CA LYS A 288 0.78 -16.30 -58.47
C LYS A 288 -0.45 -15.89 -59.26
N TYR A 289 -1.60 -16.10 -58.64
CA TYR A 289 -2.84 -15.80 -59.31
C TYR A 289 -3.25 -14.34 -59.24
N GLY A 290 -2.32 -13.49 -58.78
CA GLY A 290 -2.56 -12.09 -58.47
C GLY A 290 -3.27 -11.77 -57.16
N TYR A 291 -3.72 -12.78 -56.42
CA TYR A 291 -4.50 -12.50 -55.23
C TYR A 291 -3.74 -12.26 -53.96
N GLY A 292 -2.44 -12.06 -54.06
CA GLY A 292 -1.59 -11.83 -52.88
C GLY A 292 -2.11 -10.81 -51.85
N GLU A 293 -2.57 -9.65 -52.31
CA GLU A 293 -2.99 -8.55 -51.41
C GLU A 293 -4.04 -9.01 -50.41
N TYR A 294 -4.79 -10.02 -50.81
CA TYR A 294 -6.04 -10.34 -50.14
C TYR A 294 -5.98 -11.50 -49.17
N PHE A 295 -4.77 -11.97 -48.88
CA PHE A 295 -4.52 -13.12 -47.98
C PHE A 295 -3.90 -12.51 -46.74
N ILE A 296 -4.74 -12.21 -45.76
CA ILE A 296 -4.26 -11.26 -44.74
C ILE A 296 -3.91 -11.88 -43.42
N HIS A 297 -3.46 -13.12 -43.46
CA HIS A 297 -3.24 -13.86 -42.24
C HIS A 297 -2.33 -15.02 -42.48
N ARG A 298 -1.82 -15.56 -41.37
CA ARG A 298 -0.93 -16.68 -41.43
C ARG A 298 -1.72 -17.87 -41.95
N THR A 299 -0.99 -18.83 -42.50
CA THR A 299 -1.57 -20.06 -43.03
C THR A 299 -2.20 -20.86 -41.91
N GLY A 300 -1.52 -20.92 -40.77
CA GLY A 300 -2.12 -21.64 -39.62
C GLY A 300 -1.49 -21.49 -38.24
N HIS A 301 -2.16 -22.09 -37.26
CA HIS A 301 -1.70 -22.17 -35.88
C HIS A 301 -1.78 -23.59 -35.37
N GLY A 302 -1.11 -23.87 -34.25
CA GLY A 302 -1.17 -25.20 -33.63
C GLY A 302 -2.45 -25.48 -32.84
N LEU A 303 -2.71 -26.75 -32.58
CA LEU A 303 -3.81 -27.18 -31.73
C LEU A 303 -3.26 -28.02 -30.58
N GLY A 304 -3.87 -27.88 -29.40
CA GLY A 304 -3.53 -28.66 -28.23
C GLY A 304 -4.70 -28.54 -27.28
N ILE A 305 -4.39 -28.29 -26.01
CA ILE A 305 -5.35 -27.97 -24.97
C ILE A 305 -5.89 -26.58 -25.24
N ASP A 306 -5.15 -25.83 -26.04
CA ASP A 306 -5.58 -24.54 -26.55
C ASP A 306 -5.77 -24.56 -28.05
N VAL A 307 -6.67 -23.72 -28.55
CA VAL A 307 -6.88 -23.56 -29.99
C VAL A 307 -5.76 -22.82 -30.72
N HIS A 308 -4.99 -22.00 -30.01
CA HIS A 308 -3.81 -21.44 -30.61
C HIS A 308 -2.63 -21.83 -29.78
N GLU A 309 -1.71 -22.55 -30.39
CA GLU A 309 -0.43 -22.80 -29.78
C GLU A 309 0.57 -23.13 -30.85
N GLU A 310 1.80 -23.38 -30.42
CA GLU A 310 2.88 -23.71 -31.34
C GLU A 310 2.57 -25.10 -31.92
N PRO A 311 2.88 -25.34 -33.19
CA PRO A 311 3.58 -24.51 -34.17
C PRO A 311 2.72 -23.52 -34.94
N TYR A 312 3.23 -22.29 -35.02
CA TYR A 312 2.58 -21.27 -35.86
C TYR A 312 3.10 -21.40 -37.28
N ILE A 313 2.16 -21.65 -38.22
CA ILE A 313 2.47 -21.80 -39.63
C ILE A 313 2.38 -20.41 -40.26
N SER A 314 3.47 -19.65 -40.14
CA SER A 314 3.48 -18.26 -40.53
C SER A 314 4.84 -17.81 -41.02
N PRO A 315 4.87 -16.69 -41.75
CA PRO A 315 6.07 -16.13 -42.36
C PRO A 315 7.21 -15.98 -41.37
N GLY A 316 6.87 -15.61 -40.14
CA GLY A 316 7.96 -15.52 -39.17
C GLY A 316 8.78 -16.81 -39.03
N ASN A 317 8.08 -17.95 -39.02
CA ASN A 317 8.50 -19.10 -38.22
C ASN A 317 9.53 -20.07 -38.78
N LYS A 318 10.72 -20.03 -38.20
CA LYS A 318 11.85 -20.86 -38.65
C LYS A 318 11.78 -22.28 -38.08
N LYS A 319 10.79 -22.50 -37.21
CA LYS A 319 10.68 -23.71 -36.43
C LYS A 319 10.52 -24.90 -37.37
N ILE A 320 11.37 -25.90 -37.16
CA ILE A 320 11.32 -27.13 -37.93
C ILE A 320 10.10 -27.93 -37.47
N LEU A 321 9.37 -28.50 -38.40
CA LEU A 321 8.19 -29.29 -38.04
C LEU A 321 8.60 -30.72 -37.68
N LYS A 322 7.93 -31.28 -36.68
CA LYS A 322 8.36 -32.62 -36.18
C LYS A 322 7.16 -33.53 -35.98
N ASP A 323 7.37 -34.81 -36.20
CA ASP A 323 6.37 -35.80 -35.77
C ASP A 323 5.74 -35.36 -34.45
N GLY A 324 4.42 -35.41 -34.39
CA GLY A 324 3.74 -35.12 -33.15
C GLY A 324 3.03 -33.79 -33.13
N MET A 325 3.49 -32.87 -34.00
CA MET A 325 2.92 -31.55 -34.09
C MET A 325 1.54 -31.60 -34.74
N VAL A 326 0.59 -30.84 -34.21
CA VAL A 326 -0.74 -30.73 -34.81
C VAL A 326 -1.04 -29.28 -35.03
N PHE A 327 -1.68 -28.98 -36.15
CA PHE A 327 -1.88 -27.59 -36.58
C PHE A 327 -2.80 -27.45 -37.76
N THR A 328 -3.20 -26.23 -38.01
CA THR A 328 -4.12 -25.90 -39.10
C THR A 328 -3.39 -25.45 -40.34
N ILE A 329 -4.04 -25.69 -41.49
CA ILE A 329 -3.62 -25.16 -42.81
C ILE A 329 -4.89 -24.51 -43.33
N GLU A 330 -4.88 -23.18 -43.43
CA GLU A 330 -6.12 -22.39 -43.71
C GLU A 330 -5.86 -21.07 -44.48
N PRO A 331 -5.26 -21.19 -45.67
CA PRO A 331 -5.17 -19.98 -46.49
C PRO A 331 -6.56 -19.46 -46.88
N GLY A 332 -6.67 -18.15 -47.09
CA GLY A 332 -7.91 -17.61 -47.60
C GLY A 332 -7.71 -16.45 -48.53
N ILE A 333 -8.77 -16.11 -49.25
CA ILE A 333 -8.81 -14.86 -49.98
C ILE A 333 -10.01 -14.03 -49.50
N TYR A 334 -9.75 -12.74 -49.27
CA TYR A 334 -10.74 -11.82 -48.70
C TYR A 334 -10.87 -10.57 -49.53
N LEU A 335 -12.06 -10.43 -50.09
CA LEU A 335 -12.33 -9.44 -51.09
C LEU A 335 -13.37 -8.48 -50.57
N GLN A 336 -12.87 -7.34 -50.10
CA GLN A 336 -13.72 -6.35 -49.46
C GLN A 336 -14.93 -6.02 -50.33
N GLY A 337 -16.11 -6.04 -49.73
CA GLY A 337 -17.32 -5.68 -50.43
C GLY A 337 -17.94 -6.86 -51.15
N LYS A 338 -17.20 -7.93 -51.30
CA LYS A 338 -17.67 -9.05 -52.11
C LYS A 338 -17.93 -10.33 -51.29
N PHE A 339 -16.88 -11.07 -50.98
CA PHE A 339 -16.98 -12.37 -50.28
C PHE A 339 -15.60 -12.77 -49.81
N GLY A 340 -15.53 -13.83 -49.02
CA GLY A 340 -14.24 -14.43 -48.66
C GLY A 340 -14.28 -15.93 -48.92
N VAL A 341 -13.09 -16.55 -49.03
CA VAL A 341 -12.97 -18.02 -48.97
C VAL A 341 -11.80 -18.46 -48.12
N ARG A 342 -12.08 -19.33 -47.14
CA ARG A 342 -11.06 -19.99 -46.33
C ARG A 342 -11.39 -21.49 -46.25
N ILE A 343 -10.35 -22.33 -46.35
CA ILE A 343 -10.50 -23.79 -46.23
C ILE A 343 -9.43 -24.23 -45.21
N GLU A 344 -9.89 -24.84 -44.13
CA GLU A 344 -9.05 -25.18 -43.00
C GLU A 344 -9.17 -26.66 -42.67
N ASP A 345 -8.01 -27.27 -42.48
CA ASP A 345 -7.95 -28.64 -42.03
C ASP A 345 -7.03 -28.70 -40.81
N ASP A 346 -7.18 -29.79 -40.06
CA ASP A 346 -6.29 -30.07 -38.96
C ASP A 346 -5.33 -31.14 -39.45
N VAL A 347 -4.03 -30.88 -39.33
CA VAL A 347 -3.01 -31.82 -39.81
C VAL A 347 -2.14 -32.25 -38.63
N ALA A 348 -1.84 -33.54 -38.56
CA ALA A 348 -0.95 -34.12 -37.56
C ALA A 348 0.17 -34.66 -38.38
N LEU A 349 1.39 -34.45 -37.91
CA LEU A 349 2.57 -34.96 -38.56
C LEU A 349 2.92 -36.32 -37.92
N VAL A 350 2.68 -37.42 -38.63
CA VAL A 350 3.02 -38.74 -38.09
C VAL A 350 3.72 -39.60 -39.12
N ASP A 351 4.77 -40.28 -38.65
CA ASP A 351 5.68 -41.03 -39.51
C ASP A 351 6.17 -40.17 -40.67
N LYS A 352 6.67 -38.99 -40.31
CA LYS A 352 7.34 -38.05 -41.23
C LYS A 352 6.45 -37.31 -42.22
N LYS A 353 5.19 -37.71 -42.30
CA LYS A 353 4.26 -37.11 -43.25
C LYS A 353 3.07 -36.41 -42.55
N GLY A 354 2.47 -35.44 -43.25
CA GLY A 354 1.31 -34.71 -42.74
C GLY A 354 0.10 -35.53 -43.07
N ILE A 355 -0.87 -35.56 -42.15
CA ILE A 355 -2.05 -36.39 -42.31
C ILE A 355 -3.23 -35.51 -41.93
N ARG A 356 -4.23 -35.42 -42.81
CA ARG A 356 -5.42 -34.64 -42.50
C ARG A 356 -6.24 -35.37 -41.47
N LEU A 357 -6.69 -34.64 -40.45
CA LEU A 357 -7.55 -35.21 -39.42
C LEU A 357 -9.02 -34.97 -39.73
N THR A 358 -9.30 -33.77 -40.22
CA THR A 358 -10.59 -33.40 -40.74
C THR A 358 -10.64 -33.83 -42.21
N ASN A 359 -11.76 -34.38 -42.65
CA ASN A 359 -11.89 -34.85 -44.01
C ASN A 359 -13.14 -34.45 -44.74
N ALA A 360 -13.88 -33.49 -44.21
CA ALA A 360 -15.11 -32.99 -44.87
C ALA A 360 -14.81 -32.51 -46.29
N ASP A 361 -15.78 -32.64 -47.20
CA ASP A 361 -15.66 -32.17 -48.58
C ASP A 361 -14.93 -30.79 -48.68
N ARG A 362 -13.96 -30.71 -49.58
CA ARG A 362 -13.27 -29.47 -49.91
C ARG A 362 -13.71 -28.87 -51.28
N GLU A 363 -14.55 -29.59 -52.04
CA GLU A 363 -15.08 -29.06 -53.29
C GLU A 363 -16.09 -27.95 -53.02
N LEU A 364 -16.29 -27.06 -53.98
CA LEU A 364 -17.27 -26.00 -53.83
C LEU A 364 -18.72 -26.50 -53.90
N ILE A 365 -19.43 -26.44 -52.78
CA ILE A 365 -20.77 -27.04 -52.70
C ILE A 365 -21.87 -26.00 -52.80
N THR A 366 -22.83 -26.26 -53.69
CA THR A 366 -23.98 -25.38 -53.87
C THR A 366 -25.22 -25.79 -53.05
N LEU A 367 -25.61 -24.95 -52.10
CA LEU A 367 -26.78 -25.23 -51.27
C LEU A 367 -28.01 -24.49 -51.74
N GLY B 1 -25.12 0.85 -28.11
CA GLY B 1 -25.30 1.52 -26.79
C GLY B 1 -24.96 3.00 -26.85
N SER B 2 -25.73 3.81 -26.13
CA SER B 2 -25.63 5.27 -26.19
C SER B 2 -24.53 5.86 -25.29
N MET B 3 -23.95 5.02 -24.44
CA MET B 3 -22.96 5.43 -23.42
C MET B 3 -21.72 6.15 -23.97
N ASP B 4 -21.03 6.92 -23.12
CA ASP B 4 -19.93 7.74 -23.60
C ASP B 4 -18.51 7.11 -23.64
N TYR B 5 -18.03 6.65 -22.48
CA TYR B 5 -16.64 6.18 -22.29
C TYR B 5 -15.62 7.31 -21.94
N LYS B 6 -15.50 8.34 -22.78
CA LYS B 6 -14.56 9.45 -22.53
C LYS B 6 -14.64 10.00 -21.09
N ARG B 7 -15.86 10.05 -20.54
CA ARG B 7 -16.09 10.48 -19.15
C ARG B 7 -15.67 9.40 -18.16
N ARG B 8 -16.07 8.17 -18.46
CA ARG B 8 -15.67 7.00 -17.69
C ARG B 8 -14.16 6.98 -17.55
N ILE B 9 -13.46 7.17 -18.66
CA ILE B 9 -12.01 7.22 -18.65
C ILE B 9 -11.51 8.37 -17.78
N HIS B 10 -12.06 9.56 -18.00
CA HIS B 10 -11.54 10.79 -17.38
C HIS B 10 -11.88 10.93 -15.91
N LYS B 11 -12.85 10.15 -15.43
CA LYS B 11 -13.06 10.00 -13.98
C LYS B 11 -12.54 8.66 -13.46
N PHE B 12 -11.91 7.91 -14.34
CA PHE B 12 -11.09 6.78 -13.91
C PHE B 12 -9.66 7.31 -13.78
N GLN B 13 -9.18 7.93 -14.85
CA GLN B 13 -7.98 8.79 -14.78
C GLN B 13 -8.00 9.62 -13.49
N ALA B 14 -9.13 10.29 -13.23
CA ALA B 14 -9.27 11.14 -12.05
C ALA B 14 -9.91 10.41 -10.86
N HIS B 15 -9.62 9.12 -10.74
CA HIS B 15 -9.88 8.36 -9.50
C HIS B 15 -8.56 7.87 -8.96
N PHE B 16 -7.51 8.00 -9.76
CA PHE B 16 -6.12 7.92 -9.27
C PHE B 16 -5.36 9.22 -9.52
N GLY B 17 -6.01 10.14 -10.25
CA GLY B 17 -5.64 11.56 -10.22
C GLY B 17 -6.48 12.11 -9.09
N LYS B 18 -6.62 11.26 -8.06
CA LYS B 18 -7.50 11.44 -6.91
C LYS B 18 -7.23 10.26 -5.95
N LYS B 19 -6.17 9.49 -6.25
CA LYS B 19 -5.62 8.46 -5.34
C LYS B 19 -4.12 8.29 -5.53
N GLY B 20 -3.56 8.99 -6.51
CA GLY B 20 -2.13 8.98 -6.78
C GLY B 20 -1.62 7.69 -7.39
N PHE B 21 -1.89 7.52 -8.70
CA PHE B 21 -1.32 6.43 -9.51
C PHE B 21 -0.82 7.02 -10.84
N GLU B 22 0.33 6.51 -11.33
CA GLU B 22 0.89 7.02 -12.58
C GLU B 22 0.58 6.16 -13.82
N GLY B 23 0.01 4.97 -13.61
CA GLY B 23 -0.35 4.09 -14.74
C GLY B 23 -1.46 3.07 -14.53
N ALA B 24 -2.02 2.58 -15.64
CA ALA B 24 -2.96 1.46 -15.67
C ALA B 24 -2.92 0.77 -17.02
N LEU B 25 -2.55 -0.51 -17.05
CA LEU B 25 -2.52 -1.28 -18.29
C LEU B 25 -3.69 -2.27 -18.35
N VAL B 26 -4.40 -2.31 -19.47
CA VAL B 26 -5.56 -3.21 -19.63
C VAL B 26 -5.58 -3.94 -20.96
N ALA B 27 -6.12 -5.16 -20.94
CA ALA B 27 -6.19 -6.02 -22.12
C ALA B 27 -7.63 -6.48 -22.31
N PRO B 28 -8.02 -6.83 -23.56
CA PRO B 28 -9.36 -7.31 -23.87
C PRO B 28 -10.03 -7.93 -22.66
N GLY B 29 -11.20 -7.43 -22.31
CA GLY B 29 -11.92 -7.90 -21.14
C GLY B 29 -12.89 -6.87 -20.66
N SER B 30 -13.47 -7.14 -19.51
CA SER B 30 -14.52 -6.35 -18.93
C SER B 30 -14.14 -4.88 -18.87
N ASN B 31 -12.99 -4.60 -18.24
CA ASN B 31 -12.52 -3.23 -18.04
C ASN B 31 -12.32 -2.56 -19.37
N PHE B 32 -11.90 -3.35 -20.34
CA PHE B 32 -11.65 -2.89 -21.69
C PHE B 32 -12.95 -2.39 -22.34
N TYR B 33 -13.89 -3.32 -22.50
CA TYR B 33 -15.21 -3.07 -23.06
C TYR B 33 -15.93 -1.94 -22.34
N TYR B 34 -15.80 -1.91 -21.02
CA TYR B 34 -16.44 -0.89 -20.22
C TYR B 34 -15.85 0.47 -20.54
N LEU B 35 -14.55 0.52 -20.81
CA LEU B 35 -13.85 1.75 -21.14
C LEU B 35 -13.89 2.15 -22.62
N THR B 36 -14.39 1.28 -23.50
CA THR B 36 -14.31 1.59 -24.94
C THR B 36 -15.56 1.20 -25.75
N GLY B 37 -16.26 0.18 -25.28
CA GLY B 37 -17.35 -0.44 -26.05
C GLY B 37 -16.85 -1.51 -27.00
N PHE B 38 -15.55 -1.50 -27.28
CA PHE B 38 -14.97 -2.51 -28.15
C PHE B 38 -14.78 -3.82 -27.37
N ASN B 39 -15.24 -4.94 -27.90
CA ASN B 39 -14.54 -6.16 -27.49
C ASN B 39 -14.02 -7.09 -28.57
N PRO B 40 -12.71 -6.98 -28.81
CA PRO B 40 -11.91 -7.84 -29.67
C PRO B 40 -12.14 -9.29 -29.30
N LEU B 41 -12.64 -10.07 -30.25
CA LEU B 41 -12.93 -11.46 -29.99
C LEU B 41 -11.79 -12.29 -30.60
N GLY B 42 -11.34 -13.30 -29.86
CA GLY B 42 -10.22 -14.14 -30.27
C GLY B 42 -8.87 -13.45 -30.20
N THR B 43 -8.29 -13.39 -29.01
CA THR B 43 -6.92 -12.87 -28.85
C THR B 43 -5.97 -14.01 -28.41
N LEU B 44 -5.29 -13.83 -27.27
CA LEU B 44 -4.35 -14.80 -26.68
C LEU B 44 -3.20 -15.29 -27.60
N GLU B 45 -2.05 -15.45 -26.97
CA GLU B 45 -0.74 -15.42 -27.62
C GLU B 45 -0.57 -14.14 -28.43
N ARG B 46 -1.71 -13.55 -28.80
CA ARG B 46 -1.70 -12.33 -29.59
C ARG B 46 -1.90 -11.14 -28.70
N LEU B 47 -0.80 -10.49 -28.34
CA LEU B 47 -0.79 -9.31 -27.49
C LEU B 47 -1.75 -8.22 -27.98
N PHE B 48 -2.55 -7.68 -27.07
CA PHE B 48 -3.52 -6.62 -27.37
C PHE B 48 -3.65 -5.73 -26.14
N VAL B 49 -3.20 -4.48 -26.26
CA VAL B 49 -3.08 -3.64 -25.08
C VAL B 49 -3.55 -2.18 -25.21
N LEU B 50 -4.04 -1.67 -24.08
CA LEU B 50 -4.42 -0.27 -23.87
C LEU B 50 -3.80 0.22 -22.57
N ILE B 51 -2.78 1.05 -22.70
CA ILE B 51 -2.12 1.68 -21.56
C ILE B 51 -2.84 2.99 -21.23
N LEU B 52 -3.09 3.21 -19.94
CA LEU B 52 -3.81 4.41 -19.48
C LEU B 52 -3.00 5.28 -18.52
N PRO B 53 -2.66 6.49 -19.00
CA PRO B 53 -1.61 7.36 -18.44
C PRO B 53 -2.05 8.22 -17.27
N SER B 54 -1.08 8.94 -16.68
CA SER B 54 -1.33 10.02 -15.74
C SER B 54 -2.77 10.49 -15.90
N GLU B 55 -3.00 11.25 -16.97
CA GLU B 55 -4.34 11.49 -17.54
C GLU B 55 -4.18 12.07 -18.95
N GLY B 56 -5.15 11.78 -19.81
CA GLY B 56 -5.05 12.07 -21.24
C GLY B 56 -5.44 10.89 -22.12
N LEU B 57 -5.26 11.06 -23.43
CA LEU B 57 -5.57 10.03 -24.44
C LEU B 57 -4.74 8.77 -24.21
N LEU B 58 -5.41 7.66 -23.90
CA LEU B 58 -4.75 6.36 -23.74
C LEU B 58 -4.02 5.86 -25.01
N THR B 59 -3.80 4.55 -25.10
CA THR B 59 -3.13 3.96 -26.27
C THR B 59 -3.87 2.73 -26.80
N ALA B 60 -3.52 2.31 -28.01
CA ALA B 60 -4.06 1.12 -28.65
C ALA B 60 -2.97 0.38 -29.41
N ILE B 61 -2.73 -0.88 -29.02
CA ILE B 61 -1.77 -1.70 -29.74
C ILE B 61 -2.41 -2.93 -30.39
N ALA B 62 -2.78 -2.76 -31.66
CA ALA B 62 -2.86 -3.82 -32.69
C ALA B 62 -3.56 -5.09 -32.27
N PRO B 63 -3.31 -6.23 -32.97
CA PRO B 63 -2.52 -6.46 -34.17
C PRO B 63 -3.27 -6.16 -35.45
N ARG B 64 -2.53 -6.07 -36.54
CA ARG B 64 -3.03 -5.62 -37.84
C ARG B 64 -4.47 -6.04 -38.16
N LEU B 65 -4.70 -7.35 -38.25
CA LEU B 65 -5.91 -7.89 -38.89
C LEU B 65 -7.21 -7.44 -38.23
N TYR B 66 -7.09 -6.54 -37.26
CA TYR B 66 -8.23 -6.06 -36.52
C TYR B 66 -8.73 -4.69 -36.97
N GLU B 67 -7.97 -3.99 -37.81
CA GLU B 67 -8.25 -2.57 -38.09
C GLU B 67 -9.59 -2.30 -38.78
N LYS B 68 -9.94 -3.09 -39.79
CA LYS B 68 -11.20 -2.86 -40.53
C LYS B 68 -12.47 -3.19 -39.73
N GLU B 69 -12.28 -3.56 -38.45
CA GLU B 69 -13.31 -3.50 -37.40
C GLU B 69 -12.78 -2.62 -36.24
N LEU B 70 -12.13 -1.52 -36.65
CA LEU B 70 -11.61 -0.47 -35.77
C LEU B 70 -11.67 0.84 -36.57
N GLU B 71 -12.76 1.00 -37.31
CA GLU B 71 -12.97 2.14 -38.21
C GLU B 71 -12.80 3.50 -37.50
N GLU B 72 -13.29 3.59 -36.25
CA GLU B 72 -13.07 4.79 -35.42
C GLU B 72 -12.44 4.46 -34.06
N PHE B 73 -11.64 5.40 -33.56
CA PHE B 73 -10.93 5.28 -32.28
C PHE B 73 -10.25 6.59 -31.84
N ASN B 74 -10.23 6.83 -30.53
CA ASN B 74 -9.61 8.05 -29.94
C ASN B 74 -8.47 7.73 -28.96
N GLY B 75 -7.24 7.95 -29.39
CA GLY B 75 -6.04 7.55 -28.62
C GLY B 75 -5.15 6.66 -29.47
N GLU B 76 -5.80 5.95 -30.39
CA GLU B 76 -5.25 5.26 -31.58
C GLU B 76 -3.73 5.12 -31.79
N VAL B 77 -3.27 4.10 -32.52
CA VAL B 77 -4.01 2.93 -33.02
C VAL B 77 -2.98 1.84 -33.19
N VAL B 78 -1.87 2.21 -33.84
CA VAL B 78 -0.72 1.37 -34.24
C VAL B 78 -0.89 -0.15 -34.43
N LEU B 79 -0.33 -0.65 -35.54
CA LEU B 79 -0.60 -2.01 -35.98
C LEU B 79 0.65 -2.86 -36.19
N TRP B 80 0.62 -4.07 -35.65
CA TRP B 80 1.64 -5.07 -35.89
C TRP B 80 1.10 -6.29 -36.60
N SER B 81 1.94 -6.83 -37.48
CA SER B 81 1.58 -7.88 -38.43
C SER B 81 2.10 -9.24 -37.94
N ASP B 82 1.45 -10.32 -38.40
CA ASP B 82 1.92 -11.71 -38.18
C ASP B 82 3.38 -11.96 -38.62
N SER B 83 4.22 -10.92 -38.49
CA SER B 83 5.65 -10.97 -38.82
C SER B 83 6.49 -10.19 -37.81
N GLU B 84 5.86 -9.23 -37.13
CA GLU B 84 6.54 -8.35 -36.19
C GLU B 84 6.44 -8.86 -34.77
N ASN B 85 7.40 -8.44 -33.94
CA ASN B 85 7.47 -8.83 -32.53
C ASN B 85 6.89 -7.75 -31.60
N PRO B 86 5.80 -8.07 -30.87
CA PRO B 86 5.37 -7.18 -29.79
C PRO B 86 6.32 -7.28 -28.58
N TYR B 87 5.91 -6.76 -27.42
CA TYR B 87 6.80 -6.58 -26.26
C TYR B 87 7.99 -5.68 -26.65
N LYS B 88 8.59 -5.97 -27.79
CA LYS B 88 9.38 -5.00 -28.53
C LYS B 88 8.46 -4.36 -29.58
N ILE B 89 7.50 -3.60 -29.08
CA ILE B 89 6.58 -2.75 -29.84
C ILE B 89 5.97 -1.94 -28.70
N PHE B 90 6.42 -2.32 -27.52
CA PHE B 90 6.79 -1.37 -26.49
C PHE B 90 8.25 -1.01 -26.83
N ALA B 91 8.44 -0.15 -27.83
CA ALA B 91 9.77 0.39 -28.21
C ALA B 91 9.96 1.89 -27.85
N THR B 92 8.98 2.75 -28.20
CA THR B 92 8.85 4.16 -27.70
C THR B 92 7.40 4.79 -27.80
N LYS B 93 6.39 4.38 -27.01
CA LYS B 93 6.33 3.28 -26.03
C LYS B 93 7.06 2.04 -26.50
N ILE B 94 7.79 1.33 -25.65
CA ILE B 94 7.80 1.36 -24.17
C ILE B 94 7.82 2.75 -23.53
N LYS B 95 8.84 3.53 -23.87
CA LYS B 95 9.07 4.82 -23.24
C LYS B 95 8.99 5.93 -24.27
N GLU B 96 8.07 6.90 -24.13
CA GLU B 96 7.10 7.06 -23.02
C GLU B 96 7.33 6.30 -21.69
N THR B 97 6.49 5.30 -21.42
CA THR B 97 6.22 4.83 -20.05
C THR B 97 6.23 6.03 -19.12
N PHE B 98 6.63 5.83 -17.87
CA PHE B 98 6.77 6.95 -16.93
C PHE B 98 7.85 6.68 -15.89
N LYS B 99 8.38 7.74 -15.30
CA LYS B 99 9.52 7.69 -14.36
C LYS B 99 9.79 6.30 -13.75
N GLU B 100 11.05 5.88 -13.82
CA GLU B 100 11.49 4.59 -13.29
C GLU B 100 11.18 4.45 -11.79
N GLY B 101 10.15 3.68 -11.48
CA GLY B 101 9.85 3.32 -10.10
C GLY B 101 8.61 3.95 -9.49
N GLU B 102 7.70 4.41 -10.34
CA GLU B 102 6.42 4.94 -9.86
C GLU B 102 5.22 3.99 -10.07
N LYS B 103 4.02 4.43 -9.67
CA LYS B 103 2.85 3.56 -9.53
C LYS B 103 2.26 3.04 -10.84
N LEU B 104 1.73 1.81 -10.81
CA LEU B 104 1.08 1.19 -11.97
C LEU B 104 -0.09 0.28 -11.59
N LEU B 105 -1.14 0.29 -12.40
CA LEU B 105 -2.28 -0.60 -12.25
C LEU B 105 -2.36 -1.62 -13.40
N ILE B 106 -2.64 -2.88 -13.08
CA ILE B 106 -2.75 -3.95 -14.08
C ILE B 106 -4.04 -4.73 -13.87
N ASP B 107 -4.61 -5.27 -14.94
CA ASP B 107 -5.71 -6.25 -14.86
C ASP B 107 -5.37 -7.45 -13.96
N ASP B 108 -6.13 -7.63 -12.89
CA ASP B 108 -6.11 -8.89 -12.13
C ASP B 108 -6.40 -10.02 -13.11
N THR B 109 -7.52 -9.90 -13.85
CA THR B 109 -8.00 -10.90 -14.81
C THR B 109 -6.92 -11.50 -15.72
N MET B 110 -6.06 -10.63 -16.26
CA MET B 110 -5.11 -11.00 -17.29
C MET B 110 -3.91 -11.82 -16.77
N PRO B 111 -3.58 -12.93 -17.48
CA PRO B 111 -2.31 -13.67 -17.33
C PRO B 111 -1.05 -12.79 -17.37
N VAL B 112 -0.02 -13.15 -16.58
CA VAL B 112 1.25 -12.40 -16.51
C VAL B 112 1.89 -12.40 -17.87
N GLY B 113 2.80 -13.34 -18.09
CA GLY B 113 3.45 -13.60 -19.37
C GLY B 113 3.51 -12.46 -20.37
N VAL B 114 2.36 -12.09 -20.91
CA VAL B 114 2.19 -10.87 -21.69
C VAL B 114 2.82 -9.74 -20.89
N PHE B 115 3.54 -10.12 -19.84
CA PHE B 115 4.15 -9.20 -18.92
C PHE B 115 5.53 -9.70 -18.54
N LEU B 116 5.60 -10.99 -18.21
CA LEU B 116 6.87 -11.63 -17.89
C LEU B 116 7.84 -11.44 -19.04
N LYS B 117 7.33 -11.63 -20.25
CA LYS B 117 8.14 -11.53 -21.48
C LYS B 117 8.48 -10.07 -21.85
N ALA B 118 8.20 -9.14 -20.93
CA ALA B 118 8.54 -7.75 -21.11
C ALA B 118 9.79 -7.42 -20.28
N LYS B 119 9.74 -7.76 -18.99
CA LYS B 119 10.94 -7.87 -18.13
C LYS B 119 11.92 -6.69 -18.05
N ASP B 120 12.60 -6.41 -19.17
CA ASP B 120 13.87 -5.68 -19.17
C ASP B 120 13.95 -4.19 -18.72
N ILE B 121 13.04 -3.27 -19.09
CA ILE B 121 11.89 -3.36 -20.03
C ILE B 121 10.59 -3.92 -19.39
N PHE B 122 10.51 -3.81 -18.07
CA PHE B 122 9.28 -3.93 -17.26
C PHE B 122 9.43 -4.63 -15.90
N ASP B 123 10.46 -4.20 -15.19
CA ASP B 123 10.56 -4.35 -13.74
C ASP B 123 11.26 -3.09 -13.23
N LYS B 124 10.63 -1.95 -13.51
CA LYS B 124 11.16 -0.63 -13.22
C LYS B 124 10.06 0.29 -12.69
N TYR B 125 9.00 -0.30 -12.12
CA TYR B 125 7.85 0.46 -11.57
C TYR B 125 7.20 -0.21 -10.36
N SER B 126 6.27 0.52 -9.73
CA SER B 126 5.48 0.00 -8.61
C SER B 126 4.07 -0.38 -9.06
N LEU B 127 3.91 -1.64 -9.42
CA LEU B 127 2.64 -2.12 -9.93
C LEU B 127 1.80 -2.71 -8.81
N HIS B 128 0.50 -2.51 -8.94
CA HIS B 128 -0.51 -2.91 -7.96
C HIS B 128 -1.78 -3.12 -8.76
N PRO B 129 -2.63 -4.11 -8.36
CA PRO B 129 -3.90 -4.39 -9.06
C PRO B 129 -4.74 -3.17 -9.47
N ILE B 130 -5.58 -3.36 -10.49
CA ILE B 130 -6.49 -2.33 -11.02
C ILE B 130 -7.91 -2.37 -10.43
N SER B 131 -8.33 -3.54 -9.96
CA SER B 131 -9.71 -3.74 -9.50
C SER B 131 -10.18 -2.75 -8.42
N PRO B 132 -9.32 -2.46 -7.42
CA PRO B 132 -9.82 -1.61 -6.33
C PRO B 132 -10.21 -0.19 -6.77
N VAL B 133 -9.80 0.22 -7.97
CA VAL B 133 -10.04 1.59 -8.43
C VAL B 133 -11.18 1.64 -9.44
N ILE B 134 -11.00 0.95 -10.55
CA ILE B 134 -12.05 0.85 -11.56
C ILE B 134 -13.35 0.20 -11.05
N SER B 135 -13.27 -0.55 -9.95
CA SER B 135 -14.43 -1.25 -9.42
C SER B 135 -15.49 -0.27 -8.96
N GLU B 136 -15.06 0.82 -8.35
CA GLU B 136 -16.01 1.73 -7.75
C GLU B 136 -16.70 2.66 -8.75
N LEU B 137 -16.34 2.55 -10.03
CA LEU B 137 -17.07 3.25 -11.09
C LEU B 137 -17.98 2.28 -11.84
N ARG B 138 -17.68 0.99 -11.69
CA ARG B 138 -18.48 -0.02 -12.35
C ARG B 138 -19.61 -0.36 -11.44
N GLU B 139 -19.33 -0.35 -10.13
CA GLU B 139 -20.36 -0.69 -9.12
C GLU B 139 -21.53 0.32 -9.12
N ILE B 140 -21.31 1.52 -9.66
CA ILE B 140 -22.44 2.44 -9.91
C ILE B 140 -22.82 2.53 -11.39
N LYS B 141 -23.94 1.91 -11.78
CA LYS B 141 -24.34 1.91 -13.19
C LYS B 141 -25.03 3.21 -13.58
N ASP B 142 -24.83 3.64 -14.83
CA ASP B 142 -25.61 4.79 -15.33
C ASP B 142 -26.96 4.33 -15.94
N LYS B 143 -27.90 5.26 -16.07
CA LYS B 143 -29.22 5.00 -16.68
C LYS B 143 -29.17 4.02 -17.86
N ASP B 144 -28.32 4.28 -18.84
CA ASP B 144 -28.16 3.39 -20.00
C ASP B 144 -27.76 1.96 -19.66
N GLU B 145 -26.78 1.79 -18.78
CA GLU B 145 -26.38 0.47 -18.30
C GLU B 145 -27.54 -0.28 -17.62
N ILE B 146 -28.43 0.48 -16.99
CA ILE B 146 -29.58 -0.13 -16.35
C ILE B 146 -30.52 -0.65 -17.43
N LYS B 147 -30.64 0.13 -18.51
CA LYS B 147 -31.47 -0.26 -19.66
C LYS B 147 -30.93 -1.56 -20.28
N ALA B 148 -29.59 -1.68 -20.34
CA ALA B 148 -28.95 -2.93 -20.80
C ALA B 148 -29.32 -4.09 -19.87
N HIS B 149 -29.34 -3.83 -18.57
CA HIS B 149 -29.65 -4.85 -17.60
C HIS B 149 -31.07 -5.29 -17.61
N LYS B 150 -31.99 -4.34 -17.66
CA LYS B 150 -33.41 -4.66 -17.71
C LYS B 150 -33.73 -5.44 -19.00
N LYS B 151 -33.12 -5.00 -20.09
CA LYS B 151 -33.30 -5.62 -21.39
C LYS B 151 -32.78 -7.07 -21.33
N ALA B 152 -31.63 -7.27 -20.69
CA ALA B 152 -31.11 -8.63 -20.42
C ALA B 152 -32.04 -9.44 -19.52
N ALA B 153 -32.64 -8.80 -18.55
CA ALA B 153 -33.61 -9.48 -17.70
C ALA B 153 -34.85 -9.83 -18.53
N GLU B 154 -35.13 -9.04 -19.55
CA GLU B 154 -36.29 -9.33 -20.38
C GLU B 154 -36.15 -10.60 -21.18
N ILE B 155 -35.01 -10.79 -21.83
CA ILE B 155 -34.74 -11.96 -22.67
C ILE B 155 -34.89 -13.25 -21.88
N VAL B 156 -34.31 -13.22 -20.69
CA VAL B 156 -34.24 -14.35 -19.80
C VAL B 156 -35.63 -14.64 -19.23
N ASP B 157 -36.45 -13.60 -19.08
CA ASP B 157 -37.86 -13.74 -18.67
C ASP B 157 -38.55 -14.50 -19.76
N LYS B 158 -38.34 -14.07 -21.00
CA LYS B 158 -38.96 -14.74 -22.17
C LYS B 158 -38.53 -16.18 -22.28
N VAL B 159 -37.25 -16.44 -22.03
CA VAL B 159 -36.71 -17.78 -22.03
C VAL B 159 -37.42 -18.70 -21.03
N PHE B 160 -37.57 -18.28 -19.77
CA PHE B 160 -38.35 -19.04 -18.79
C PHE B 160 -39.69 -19.57 -19.29
N TYR B 161 -40.54 -18.72 -19.85
CA TYR B 161 -41.87 -19.17 -20.26
C TYR B 161 -41.81 -20.10 -21.44
N ARG B 162 -40.87 -19.85 -22.35
CA ARG B 162 -40.82 -20.71 -23.52
C ARG B 162 -40.36 -22.10 -23.07
N PHE B 163 -39.47 -22.12 -22.07
CA PHE B 163 -38.80 -23.33 -21.67
C PHE B 163 -39.68 -24.33 -20.94
N ILE B 164 -40.43 -23.84 -19.96
CA ILE B 164 -41.34 -24.67 -19.18
C ILE B 164 -42.55 -25.15 -20.00
N GLU B 165 -42.73 -24.57 -21.19
CA GLU B 165 -43.71 -25.11 -22.12
C GLU B 165 -43.19 -26.42 -22.72
N GLY B 166 -41.88 -26.54 -22.89
CA GLY B 166 -41.27 -27.73 -23.46
C GLY B 166 -41.44 -28.96 -22.58
N LYS B 167 -41.04 -30.12 -23.09
CA LYS B 167 -41.07 -31.36 -22.34
C LYS B 167 -39.73 -31.59 -21.61
N LEU B 168 -39.77 -31.71 -20.29
CA LEU B 168 -38.58 -31.92 -19.47
C LEU B 168 -38.32 -33.38 -19.03
N GLU B 169 -39.38 -34.13 -18.77
CA GLU B 169 -39.23 -35.54 -18.42
C GLU B 169 -38.44 -36.24 -19.51
N GLY B 170 -37.31 -36.85 -19.12
CA GLY B 170 -36.56 -37.74 -20.01
C GLY B 170 -35.29 -37.17 -20.60
N LYS B 171 -35.20 -35.86 -20.62
CA LYS B 171 -33.98 -35.20 -21.06
C LYS B 171 -33.04 -35.14 -19.86
N SER B 172 -31.74 -35.08 -20.11
CA SER B 172 -30.76 -35.00 -19.03
C SER B 172 -30.53 -33.55 -18.64
N GLU B 173 -29.98 -33.34 -17.44
CA GLU B 173 -29.65 -31.99 -16.99
C GLU B 173 -28.74 -31.25 -17.96
N ARG B 174 -27.81 -31.98 -18.58
CA ARG B 174 -26.90 -31.44 -19.59
C ARG B 174 -27.62 -30.99 -20.91
N GLU B 175 -28.61 -31.78 -21.38
CA GLU B 175 -29.41 -31.42 -22.57
C GLU B 175 -30.17 -30.14 -22.32
N LEU B 176 -30.93 -30.13 -21.24
CA LEU B 176 -31.71 -29.00 -20.82
C LEU B 176 -30.85 -27.76 -20.78
N ALA B 177 -29.70 -27.86 -20.12
CA ALA B 177 -28.72 -26.79 -20.05
C ALA B 177 -28.31 -26.31 -21.44
N ASN B 178 -28.07 -27.24 -22.36
CA ASN B 178 -27.69 -26.82 -23.71
C ASN B 178 -28.83 -26.16 -24.43
N ARG B 179 -30.04 -26.73 -24.26
CA ARG B 179 -31.22 -26.16 -24.89
C ARG B 179 -31.56 -24.75 -24.36
N ILE B 180 -31.38 -24.54 -23.08
CA ILE B 180 -31.50 -23.22 -22.50
C ILE B 180 -30.48 -22.23 -23.10
N GLU B 181 -29.24 -22.65 -23.26
CA GLU B 181 -28.27 -21.81 -23.97
C GLU B 181 -28.72 -21.48 -25.40
N TYR B 182 -29.32 -22.44 -26.09
CA TYR B 182 -29.76 -22.18 -27.47
C TYR B 182 -30.97 -21.24 -27.49
N MET B 183 -31.82 -21.35 -26.47
CA MET B 183 -32.98 -20.49 -26.37
C MET B 183 -32.56 -19.05 -26.22
N ILE B 184 -31.70 -18.79 -25.25
CA ILE B 184 -31.16 -17.48 -24.99
C ILE B 184 -30.60 -16.84 -26.24
N LYS B 185 -29.67 -17.55 -26.87
CA LYS B 185 -28.98 -17.02 -28.03
C LYS B 185 -29.84 -16.89 -29.29
N ASN B 186 -30.91 -17.67 -29.43
CA ASN B 186 -31.76 -17.45 -30.58
C ASN B 186 -32.70 -16.24 -30.44
N GLU B 187 -32.47 -15.42 -29.40
CA GLU B 187 -33.15 -14.14 -29.17
C GLU B 187 -32.19 -12.98 -29.23
N PHE B 188 -32.70 -11.85 -29.69
CA PHE B 188 -31.93 -10.61 -29.60
C PHE B 188 -32.52 -9.62 -28.57
N GLY B 189 -31.71 -8.63 -28.21
CA GLY B 189 -30.31 -8.56 -28.59
C GLY B 189 -29.46 -9.27 -27.57
N ALA B 190 -29.68 -10.57 -27.40
CA ALA B 190 -28.72 -11.44 -26.71
C ALA B 190 -27.50 -11.45 -27.58
N ASP B 191 -26.38 -11.00 -27.05
CA ASP B 191 -25.13 -11.21 -27.74
C ASP B 191 -24.79 -12.65 -27.49
N ASP B 192 -25.01 -13.08 -26.24
CA ASP B 192 -24.49 -14.32 -25.72
C ASP B 192 -25.13 -14.64 -24.37
N VAL B 193 -24.73 -15.77 -23.79
CA VAL B 193 -25.04 -16.09 -22.42
C VAL B 193 -24.06 -15.34 -21.54
N SER B 194 -24.50 -15.00 -20.34
CA SER B 194 -23.62 -14.37 -19.40
C SER B 194 -22.73 -15.45 -18.71
N PHE B 195 -23.19 -16.70 -18.71
CA PHE B 195 -22.49 -17.88 -18.17
C PHE B 195 -23.22 -19.14 -18.66
N GLU B 196 -22.51 -20.26 -18.71
CA GLU B 196 -23.12 -21.57 -19.08
C GLU B 196 -24.26 -21.93 -18.11
N PRO B 197 -25.47 -22.12 -18.64
CA PRO B 197 -26.65 -22.44 -17.85
C PRO B 197 -26.39 -23.65 -16.91
N ILE B 198 -27.01 -23.61 -15.74
CA ILE B 198 -26.91 -24.65 -14.75
C ILE B 198 -28.30 -25.25 -14.62
N VAL B 199 -28.39 -26.58 -14.62
CA VAL B 199 -29.65 -27.30 -14.41
C VAL B 199 -29.37 -28.33 -13.34
N ALA B 200 -30.03 -28.23 -12.19
CA ALA B 200 -29.79 -29.15 -11.07
C ALA B 200 -31.10 -29.78 -10.72
N SER B 201 -31.18 -31.10 -10.87
CA SER B 201 -32.44 -31.84 -10.72
C SER B 201 -32.34 -32.86 -9.60
N GLY B 202 -33.44 -33.06 -8.88
CA GLY B 202 -33.52 -34.08 -7.83
C GLY B 202 -32.60 -33.74 -6.68
N PRO B 203 -31.89 -34.73 -6.14
CA PRO B 203 -31.02 -34.35 -5.02
C PRO B 203 -29.84 -33.47 -5.46
N ASN B 204 -29.60 -33.37 -6.76
CA ASN B 204 -28.59 -32.47 -7.24
C ASN B 204 -28.92 -31.00 -6.94
N GLY B 205 -30.20 -30.69 -6.74
CA GLY B 205 -30.65 -29.36 -6.28
C GLY B 205 -30.05 -28.95 -4.94
N ALA B 206 -29.74 -29.90 -4.08
CA ALA B 206 -29.23 -29.55 -2.74
C ALA B 206 -27.79 -29.12 -2.78
N ASN B 207 -27.18 -29.24 -3.96
CA ASN B 207 -25.81 -28.83 -4.16
C ASN B 207 -25.70 -27.53 -4.96
N PRO B 208 -25.47 -26.41 -4.27
CA PRO B 208 -25.33 -25.08 -4.90
C PRO B 208 -24.30 -25.06 -6.03
N HIS B 209 -23.26 -25.85 -5.90
CA HIS B 209 -22.24 -25.81 -6.93
C HIS B 209 -22.44 -26.84 -8.00
N HIS B 210 -23.66 -27.37 -8.07
CA HIS B 210 -23.94 -28.41 -9.06
C HIS B 210 -23.65 -27.95 -10.44
N ARG B 211 -23.15 -28.87 -11.24
CA ARG B 211 -22.97 -28.59 -12.64
C ARG B 211 -23.82 -29.65 -13.31
N PRO B 212 -24.58 -29.25 -14.34
CA PRO B 212 -25.47 -30.23 -14.98
C PRO B 212 -24.72 -31.53 -15.30
N SER B 213 -25.38 -32.66 -15.09
CA SER B 213 -24.77 -33.98 -15.34
C SER B 213 -25.64 -34.77 -16.30
N HIS B 214 -25.51 -36.09 -16.30
CA HIS B 214 -26.24 -36.95 -17.21
C HIS B 214 -27.55 -37.40 -16.62
N ARG B 215 -27.73 -37.18 -15.33
CA ARG B 215 -29.00 -37.56 -14.68
C ARG B 215 -30.24 -37.02 -15.42
N LYS B 216 -31.07 -37.93 -15.92
CA LYS B 216 -32.33 -37.57 -16.60
C LYS B 216 -33.38 -37.01 -15.60
N ILE B 217 -34.16 -36.02 -16.04
CA ILE B 217 -35.25 -35.47 -15.23
C ILE B 217 -36.47 -36.40 -15.22
N ARG B 218 -37.03 -36.64 -14.05
CA ARG B 218 -38.06 -37.66 -13.88
C ARG B 218 -39.19 -37.10 -13.03
N LYS B 219 -40.39 -37.65 -13.17
CA LYS B 219 -41.52 -37.29 -12.30
C LYS B 219 -41.18 -37.40 -10.81
N GLY B 220 -41.47 -36.35 -10.04
CA GLY B 220 -41.05 -36.27 -8.64
C GLY B 220 -39.87 -35.34 -8.37
N ASP B 221 -39.15 -34.98 -9.43
CA ASP B 221 -37.97 -34.11 -9.33
C ASP B 221 -38.32 -32.64 -9.12
N VAL B 222 -37.66 -32.01 -8.16
CA VAL B 222 -37.58 -30.57 -8.25
C VAL B 222 -36.32 -30.16 -8.99
N VAL B 223 -36.49 -29.26 -9.97
CA VAL B 223 -35.40 -28.91 -10.87
C VAL B 223 -35.13 -27.42 -10.80
N ILE B 224 -33.89 -27.07 -10.47
CA ILE B 224 -33.42 -25.69 -10.41
C ILE B 224 -32.75 -25.30 -11.75
N PHE B 225 -33.21 -24.24 -12.42
CA PHE B 225 -32.48 -23.65 -13.55
C PHE B 225 -31.88 -22.32 -13.17
N ASP B 226 -30.65 -22.08 -13.60
CA ASP B 226 -29.93 -20.87 -13.27
C ASP B 226 -29.19 -20.49 -14.54
N TYR B 227 -29.52 -19.31 -15.09
CA TYR B 227 -29.01 -18.96 -16.42
C TYR B 227 -29.09 -17.47 -16.66
N GLY B 228 -28.41 -17.01 -17.71
CA GLY B 228 -28.27 -15.59 -17.92
C GLY B 228 -27.90 -15.13 -19.31
N ALA B 229 -28.20 -13.87 -19.62
CA ALA B 229 -27.97 -13.32 -20.94
C ALA B 229 -27.11 -12.07 -20.81
N LYS B 230 -26.58 -11.66 -21.97
CA LYS B 230 -25.83 -10.46 -22.11
C LYS B 230 -26.61 -9.57 -23.08
N TYR B 231 -26.73 -8.30 -22.72
CA TYR B 231 -27.28 -7.29 -23.63
C TYR B 231 -26.32 -6.09 -23.67
N LEU B 232 -25.90 -5.69 -24.86
CA LEU B 232 -24.77 -4.78 -25.00
C LEU B 232 -23.69 -5.05 -23.95
N GLY B 233 -23.38 -6.33 -23.74
CA GLY B 233 -22.37 -6.79 -22.76
C GLY B 233 -22.72 -6.75 -21.26
N TYR B 234 -23.98 -6.50 -20.92
CA TYR B 234 -24.39 -6.47 -19.53
C TYR B 234 -25.21 -7.71 -19.17
N CYS B 235 -25.01 -8.22 -17.98
CA CYS B 235 -25.39 -9.59 -17.64
C CYS B 235 -26.64 -9.67 -16.83
N SER B 236 -27.46 -10.67 -17.13
CA SER B 236 -28.58 -11.00 -16.29
C SER B 236 -28.26 -12.34 -15.69
N ASP B 237 -29.13 -12.77 -14.78
CA ASP B 237 -28.83 -13.94 -13.99
C ASP B 237 -30.09 -14.28 -13.25
N VAL B 238 -30.71 -15.38 -13.60
CA VAL B 238 -32.01 -15.70 -13.00
C VAL B 238 -32.01 -17.16 -12.58
N THR B 239 -32.67 -17.43 -11.46
CA THR B 239 -32.93 -18.78 -11.00
C THR B 239 -34.40 -19.00 -10.66
N ARG B 240 -34.94 -20.08 -11.19
CA ARG B 240 -36.26 -20.55 -10.87
C ARG B 240 -36.17 -22.05 -10.56
N THR B 241 -37.08 -22.50 -9.69
CA THR B 241 -37.21 -23.88 -9.27
C THR B 241 -38.63 -24.34 -9.55
N VAL B 242 -38.79 -25.49 -10.25
CA VAL B 242 -40.07 -26.09 -10.67
C VAL B 242 -40.19 -27.48 -10.07
N VAL B 243 -41.38 -28.10 -10.19
CA VAL B 243 -41.58 -29.50 -9.81
C VAL B 243 -42.18 -30.23 -10.97
N VAL B 244 -41.72 -31.47 -11.17
CA VAL B 244 -42.21 -32.33 -12.21
C VAL B 244 -43.22 -33.23 -11.55
N GLY B 245 -44.49 -32.90 -11.74
CA GLY B 245 -45.52 -33.71 -11.12
C GLY B 245 -45.86 -33.16 -9.74
N PRO B 246 -46.95 -33.65 -9.17
CA PRO B 246 -47.40 -33.00 -7.94
C PRO B 246 -46.26 -32.90 -6.92
N PRO B 247 -46.11 -31.73 -6.28
CA PRO B 247 -45.09 -31.58 -5.23
C PRO B 247 -45.52 -32.19 -3.88
N SER B 248 -44.55 -32.54 -3.04
CA SER B 248 -44.88 -32.91 -1.67
C SER B 248 -45.11 -31.68 -0.80
N GLU B 249 -45.77 -31.89 0.33
CA GLU B 249 -46.02 -30.84 1.31
C GLU B 249 -44.73 -30.21 1.83
N GLU B 250 -43.68 -31.00 1.96
CA GLU B 250 -42.38 -30.47 2.37
C GLU B 250 -41.75 -29.58 1.27
N VAL B 251 -41.95 -29.98 0.02
CA VAL B 251 -41.46 -29.11 -1.03
C VAL B 251 -42.27 -27.81 -1.04
N LYS B 252 -43.60 -27.95 -0.87
CA LYS B 252 -44.50 -26.81 -0.85
C LYS B 252 -44.12 -25.90 0.30
N LYS B 253 -43.82 -26.48 1.46
CA LYS B 253 -43.41 -25.70 2.65
C LYS B 253 -42.09 -24.95 2.43
N VAL B 254 -41.07 -25.68 1.99
CA VAL B 254 -39.76 -25.08 1.80
C VAL B 254 -39.78 -24.00 0.70
N TYR B 255 -40.54 -24.24 -0.36
CA TYR B 255 -40.64 -23.28 -1.46
C TYR B 255 -41.17 -21.88 -0.96
N GLU B 256 -42.37 -21.89 -0.39
CA GLU B 256 -42.95 -20.67 0.15
C GLU B 256 -41.98 -19.91 1.05
N ILE B 257 -41.24 -20.63 1.89
CA ILE B 257 -40.28 -20.02 2.80
C ILE B 257 -39.29 -19.22 1.95
N VAL B 258 -38.79 -19.84 0.87
CA VAL B 258 -37.74 -19.21 0.07
C VAL B 258 -38.31 -18.05 -0.72
N LYS B 259 -39.55 -18.21 -1.16
CA LYS B 259 -40.28 -17.16 -1.85
C LYS B 259 -40.41 -15.92 -0.97
N GLU B 260 -40.94 -16.07 0.25
CA GLU B 260 -41.14 -14.95 1.13
C GLU B 260 -39.80 -14.30 1.48
N ALA B 261 -38.76 -15.12 1.68
CA ALA B 261 -37.46 -14.64 2.14
C ALA B 261 -36.95 -13.65 1.10
N GLN B 262 -37.05 -14.10 -0.16
CA GLN B 262 -36.59 -13.39 -1.32
C GLN B 262 -37.39 -12.11 -1.52
N GLU B 263 -38.72 -12.22 -1.47
CA GLU B 263 -39.61 -11.08 -1.59
C GLU B 263 -39.40 -10.04 -0.51
N THR B 264 -39.24 -10.45 0.73
CA THR B 264 -39.05 -9.49 1.82
C THR B 264 -37.70 -8.80 1.66
N ALA B 265 -36.69 -9.57 1.21
CA ALA B 265 -35.36 -9.01 0.99
C ALA B 265 -35.32 -8.04 -0.18
N VAL B 266 -36.18 -8.27 -1.16
CA VAL B 266 -36.19 -7.40 -2.33
C VAL B 266 -36.77 -6.10 -1.82
N GLN B 267 -37.95 -6.18 -1.21
CA GLN B 267 -38.62 -5.01 -0.62
C GLN B 267 -37.77 -4.15 0.30
N LYS B 268 -36.77 -4.77 0.94
CA LYS B 268 -35.93 -4.08 1.91
C LYS B 268 -34.84 -3.25 1.23
N VAL B 269 -34.43 -3.65 0.02
CA VAL B 269 -33.42 -2.89 -0.72
C VAL B 269 -33.84 -1.43 -0.81
N ALA B 270 -32.93 -0.51 -0.46
CA ALA B 270 -33.20 0.92 -0.45
C ALA B 270 -31.85 1.63 -0.43
N GLU B 271 -31.77 2.79 -1.09
CA GLU B 271 -30.57 3.61 -0.98
C GLU B 271 -30.41 3.91 0.48
N GLY B 272 -29.27 3.53 1.02
CA GLY B 272 -28.91 3.92 2.36
C GLY B 272 -28.83 2.77 3.33
N ILE B 273 -29.46 1.64 3.01
CA ILE B 273 -29.42 0.57 4.00
C ILE B 273 -28.34 -0.44 3.66
N PRO B 274 -27.64 -0.94 4.69
CA PRO B 274 -26.47 -1.77 4.44
C PRO B 274 -26.73 -3.06 3.66
N ALA B 275 -25.68 -3.61 3.07
CA ALA B 275 -25.76 -4.89 2.36
C ALA B 275 -26.15 -6.00 3.31
N GLU B 276 -25.48 -6.09 4.46
CA GLU B 276 -25.69 -7.21 5.37
C GLU B 276 -27.09 -7.32 5.94
N VAL B 277 -27.78 -6.19 6.06
CA VAL B 277 -29.15 -6.20 6.58
C VAL B 277 -30.11 -6.73 5.55
N VAL B 278 -29.81 -6.53 4.27
CA VAL B 278 -30.53 -7.23 3.19
C VAL B 278 -30.27 -8.73 3.24
N ASP B 279 -29.04 -9.13 3.52
CA ASP B 279 -28.78 -10.53 3.79
C ASP B 279 -29.58 -11.02 4.99
N ALA B 280 -29.59 -10.25 6.08
CA ALA B 280 -30.31 -10.67 7.27
C ALA B 280 -31.82 -10.81 7.10
N THR B 281 -32.43 -9.90 6.34
CA THR B 281 -33.89 -9.99 6.07
C THR B 281 -34.21 -11.40 5.56
N ALA B 282 -33.59 -11.76 4.43
CA ALA B 282 -33.66 -13.11 3.83
C ALA B 282 -33.32 -14.24 4.80
N ARG B 283 -32.19 -14.10 5.47
CA ARG B 283 -31.63 -15.13 6.32
C ARG B 283 -32.51 -15.34 7.53
N GLY B 284 -32.99 -14.24 8.11
CA GLY B 284 -33.89 -14.26 9.27
C GLY B 284 -35.20 -15.00 9.03
N ILE B 285 -35.75 -14.85 7.83
CA ILE B 285 -37.00 -15.52 7.49
C ILE B 285 -36.83 -17.04 7.39
N ILE B 286 -35.84 -17.46 6.60
CA ILE B 286 -35.43 -18.85 6.55
C ILE B 286 -35.17 -19.42 7.96
N SER B 287 -34.52 -18.65 8.83
CA SER B 287 -34.26 -19.13 10.17
C SER B 287 -35.55 -19.28 10.97
N LYS B 288 -36.38 -18.24 11.03
CA LYS B 288 -37.59 -18.30 11.85
C LYS B 288 -38.32 -19.61 11.57
N TYR B 289 -38.21 -20.11 10.35
CA TYR B 289 -38.93 -21.32 10.03
C TYR B 289 -38.07 -22.57 10.11
N GLY B 290 -36.84 -22.43 10.61
CA GLY B 290 -36.01 -23.57 10.99
C GLY B 290 -34.85 -23.90 10.08
N TYR B 291 -34.89 -23.40 8.85
CA TYR B 291 -33.95 -23.80 7.81
C TYR B 291 -32.66 -22.98 7.75
N GLY B 292 -32.42 -22.18 8.77
CA GLY B 292 -31.19 -21.38 8.88
C GLY B 292 -29.89 -22.06 8.48
N GLU B 293 -29.72 -23.32 8.89
CA GLU B 293 -28.47 -24.03 8.58
C GLU B 293 -28.47 -24.65 7.20
N TYR B 294 -29.56 -24.48 6.45
CA TYR B 294 -29.66 -25.02 5.10
C TYR B 294 -29.56 -23.95 4.04
N PHE B 295 -29.44 -22.71 4.48
CA PHE B 295 -29.20 -21.59 3.60
C PHE B 295 -27.71 -21.36 3.71
N ILE B 296 -26.99 -21.84 2.70
CA ILE B 296 -25.56 -21.97 2.80
C ILE B 296 -24.82 -21.17 1.72
N HIS B 297 -25.26 -19.91 1.52
CA HIS B 297 -24.55 -18.89 0.73
C HIS B 297 -25.08 -17.50 1.02
N ARG B 298 -24.42 -16.46 0.50
CA ARG B 298 -24.98 -15.10 0.51
C ARG B 298 -26.28 -15.00 -0.28
N THR B 299 -26.95 -13.88 -0.12
CA THR B 299 -28.27 -13.62 -0.65
C THR B 299 -28.19 -13.12 -2.08
N GLY B 300 -27.03 -12.57 -2.46
CA GLY B 300 -26.86 -12.09 -3.81
C GLY B 300 -25.52 -11.46 -4.08
N HIS B 301 -25.33 -11.04 -5.32
CA HIS B 301 -24.05 -10.46 -5.77
C HIS B 301 -24.38 -9.47 -6.86
N GLY B 302 -23.44 -8.54 -7.10
CA GLY B 302 -23.52 -7.59 -8.21
C GLY B 302 -23.49 -8.24 -9.58
N LEU B 303 -24.13 -7.55 -10.54
CA LEU B 303 -24.05 -7.88 -11.96
C LEU B 303 -23.48 -6.67 -12.63
N GLY B 304 -23.05 -6.81 -13.88
CA GLY B 304 -22.47 -5.73 -14.65
C GLY B 304 -22.05 -6.31 -15.97
N ILE B 305 -20.80 -6.03 -16.36
CA ILE B 305 -20.14 -6.68 -17.50
C ILE B 305 -19.75 -8.12 -17.14
N ASP B 306 -19.63 -8.38 -15.83
CA ASP B 306 -19.39 -9.70 -15.29
C ASP B 306 -20.62 -10.09 -14.50
N VAL B 307 -20.82 -11.40 -14.34
CA VAL B 307 -21.95 -11.94 -13.61
C VAL B 307 -21.68 -11.84 -12.11
N HIS B 308 -20.41 -11.80 -11.73
CA HIS B 308 -20.07 -11.55 -10.34
C HIS B 308 -19.22 -10.31 -10.19
N GLU B 309 -19.77 -9.31 -9.51
CA GLU B 309 -19.05 -8.08 -9.22
C GLU B 309 -19.77 -7.36 -8.08
N GLU B 310 -19.29 -6.15 -7.74
CA GLU B 310 -19.84 -5.41 -6.64
C GLU B 310 -21.21 -4.83 -7.01
N PRO B 311 -22.11 -4.68 -6.01
CA PRO B 311 -21.97 -4.95 -4.56
C PRO B 311 -22.23 -6.41 -4.19
N TYR B 312 -21.64 -6.86 -3.09
CA TYR B 312 -21.89 -8.24 -2.64
C TYR B 312 -22.82 -8.27 -1.43
N ILE B 313 -24.03 -8.77 -1.63
CA ILE B 313 -25.06 -8.84 -0.56
C ILE B 313 -24.79 -9.97 0.46
N SER B 314 -23.81 -9.79 1.35
CA SER B 314 -23.36 -10.88 2.25
C SER B 314 -23.50 -10.67 3.78
N PRO B 315 -23.61 -11.76 4.56
CA PRO B 315 -23.78 -11.64 6.03
C PRO B 315 -22.68 -10.83 6.73
N GLY B 316 -21.49 -10.81 6.16
CA GLY B 316 -20.47 -9.98 6.74
C GLY B 316 -20.15 -8.88 5.75
N ASN B 317 -20.93 -7.80 5.79
CA ASN B 317 -20.69 -6.65 4.91
C ASN B 317 -21.54 -5.46 5.24
N LYS B 318 -20.89 -4.37 5.60
CA LYS B 318 -21.63 -3.13 5.80
C LYS B 318 -21.34 -2.05 4.75
N LYS B 319 -21.18 -2.46 3.49
CA LYS B 319 -21.22 -1.51 2.38
C LYS B 319 -22.63 -0.95 2.31
N ILE B 320 -22.74 0.36 2.15
CA ILE B 320 -24.07 0.96 2.13
C ILE B 320 -24.55 1.03 0.68
N LEU B 321 -25.68 0.36 0.42
CA LEU B 321 -26.31 0.29 -0.93
C LEU B 321 -26.63 1.69 -1.47
N LYS B 322 -26.48 1.84 -2.79
CA LYS B 322 -26.51 3.17 -3.42
C LYS B 322 -27.17 3.12 -4.78
N ASP B 323 -27.67 4.27 -5.23
CA ASP B 323 -28.37 4.38 -6.52
C ASP B 323 -27.44 3.99 -7.67
N GLY B 324 -27.94 3.18 -8.59
CA GLY B 324 -27.15 2.74 -9.74
C GLY B 324 -26.61 1.32 -9.59
N MET B 325 -26.48 0.87 -8.34
CA MET B 325 -26.08 -0.51 -8.06
C MET B 325 -27.08 -1.51 -8.61
N VAL B 326 -26.56 -2.60 -9.15
CA VAL B 326 -27.34 -3.70 -9.73
C VAL B 326 -26.82 -5.03 -9.12
N PHE B 327 -27.73 -5.89 -8.66
CA PHE B 327 -27.32 -7.12 -8.01
C PHE B 327 -28.47 -8.12 -7.97
N THR B 328 -28.15 -9.34 -7.55
CA THR B 328 -29.06 -10.45 -7.43
C THR B 328 -29.61 -10.55 -5.99
N ILE B 329 -30.81 -11.10 -5.86
CA ILE B 329 -31.35 -11.39 -4.57
C ILE B 329 -31.83 -12.80 -4.79
N GLU B 330 -31.23 -13.73 -4.04
CA GLU B 330 -31.37 -15.20 -4.30
C GLU B 330 -31.18 -16.12 -3.09
N PRO B 331 -31.99 -15.96 -2.03
CA PRO B 331 -31.82 -16.99 -0.99
C PRO B 331 -32.23 -18.37 -1.51
N GLY B 332 -31.78 -19.42 -0.85
CA GLY B 332 -32.14 -20.78 -1.19
C GLY B 332 -32.12 -21.68 0.03
N ILE B 333 -32.93 -22.74 -0.01
CA ILE B 333 -32.83 -23.82 1.00
C ILE B 333 -32.30 -25.11 0.33
N TYR B 334 -31.44 -25.80 1.02
CA TYR B 334 -30.68 -26.89 0.43
C TYR B 334 -30.73 -28.07 1.38
N LEU B 335 -31.39 -29.14 0.93
CA LEU B 335 -31.59 -30.33 1.76
C LEU B 335 -30.88 -31.55 1.14
N GLN B 336 -29.67 -31.74 1.63
CA GLN B 336 -28.75 -32.80 1.19
C GLN B 336 -29.51 -34.13 0.96
N GLY B 337 -29.30 -34.72 -0.21
CA GLY B 337 -29.96 -35.96 -0.59
C GLY B 337 -31.43 -35.90 -0.94
N LYS B 338 -32.05 -34.74 -0.79
CA LYS B 338 -33.47 -34.56 -1.13
C LYS B 338 -33.65 -33.70 -2.35
N PHE B 339 -33.51 -32.39 -2.16
CA PHE B 339 -33.71 -31.37 -3.21
C PHE B 339 -33.20 -30.02 -2.73
N GLY B 340 -33.08 -29.07 -3.67
CA GLY B 340 -32.89 -27.66 -3.31
C GLY B 340 -33.97 -26.76 -3.90
N VAL B 341 -34.11 -25.53 -3.33
CA VAL B 341 -34.95 -24.46 -3.90
C VAL B 341 -34.25 -23.11 -3.83
N ARG B 342 -34.01 -22.49 -4.98
CA ARG B 342 -33.50 -21.12 -5.01
C ARG B 342 -34.35 -20.29 -5.96
N ILE B 343 -34.65 -19.07 -5.55
CA ILE B 343 -35.32 -18.11 -6.39
C ILE B 343 -34.47 -16.85 -6.41
N GLU B 344 -34.08 -16.45 -7.60
CA GLU B 344 -33.10 -15.38 -7.83
C GLU B 344 -33.60 -14.38 -8.82
N ASP B 345 -33.52 -13.11 -8.43
CA ASP B 345 -33.88 -12.01 -9.29
C ASP B 345 -32.76 -10.99 -9.41
N ASP B 346 -32.81 -10.23 -10.49
CA ASP B 346 -31.90 -9.15 -10.73
C ASP B 346 -32.60 -7.89 -10.32
N VAL B 347 -31.91 -7.09 -9.49
CA VAL B 347 -32.44 -5.87 -8.89
C VAL B 347 -31.50 -4.71 -9.23
N ALA B 348 -32.07 -3.55 -9.52
CA ALA B 348 -31.35 -2.29 -9.71
C ALA B 348 -31.90 -1.22 -8.80
N LEU B 349 -31.01 -0.43 -8.21
CA LEU B 349 -31.43 0.61 -7.30
C LEU B 349 -31.62 1.92 -8.07
N VAL B 350 -32.87 2.32 -8.25
CA VAL B 350 -33.21 3.59 -8.90
C VAL B 350 -34.07 4.45 -8.01
N ASP B 351 -33.62 5.71 -7.87
CA ASP B 351 -34.38 6.78 -7.24
C ASP B 351 -34.71 6.42 -5.80
N LYS B 352 -33.73 5.82 -5.13
CA LYS B 352 -33.81 5.35 -3.75
C LYS B 352 -34.50 3.99 -3.58
N LYS B 353 -35.20 3.50 -4.59
CA LYS B 353 -35.86 2.20 -4.41
C LYS B 353 -35.25 1.05 -5.22
N GLY B 354 -35.37 -0.16 -4.67
CA GLY B 354 -34.93 -1.37 -5.34
C GLY B 354 -36.02 -1.85 -6.26
N ILE B 355 -35.70 -1.91 -7.55
CA ILE B 355 -36.63 -2.38 -8.56
C ILE B 355 -36.12 -3.69 -9.13
N ARG B 356 -37.04 -4.63 -9.27
CA ARG B 356 -36.76 -5.91 -9.87
C ARG B 356 -36.65 -5.68 -11.35
N LEU B 357 -35.60 -6.20 -11.98
CA LEU B 357 -35.49 -6.17 -13.43
C LEU B 357 -36.05 -7.49 -14.04
N THR B 358 -35.87 -8.61 -13.35
CA THR B 358 -36.39 -9.89 -13.80
C THR B 358 -37.79 -10.03 -13.20
N ASN B 359 -38.77 -10.41 -14.02
CA ASN B 359 -40.19 -10.52 -13.57
C ASN B 359 -40.93 -11.84 -13.80
N ALA B 360 -40.26 -12.88 -14.24
CA ALA B 360 -40.91 -14.17 -14.44
C ALA B 360 -41.53 -14.71 -13.16
N ASP B 361 -42.76 -15.18 -13.29
CA ASP B 361 -43.43 -15.96 -12.27
C ASP B 361 -42.50 -16.59 -11.23
N ARG B 362 -42.61 -16.10 -9.99
CA ARG B 362 -41.88 -16.60 -8.85
C ARG B 362 -42.72 -17.54 -8.01
N GLU B 363 -43.87 -17.95 -8.50
CA GLU B 363 -44.59 -19.07 -7.84
C GLU B 363 -44.14 -20.46 -8.35
N LEU B 364 -44.16 -21.45 -7.45
CA LEU B 364 -43.95 -22.87 -7.78
C LEU B 364 -44.93 -23.28 -8.85
N ILE B 365 -44.39 -23.63 -10.01
CA ILE B 365 -45.15 -24.18 -11.11
C ILE B 365 -44.93 -25.70 -11.18
N THR B 366 -45.98 -26.46 -11.49
CA THR B 366 -45.87 -27.90 -11.70
C THR B 366 -45.98 -28.25 -13.19
N LEU B 367 -45.00 -28.99 -13.71
CA LEU B 367 -44.91 -29.34 -15.15
C LEU B 367 -45.32 -30.76 -15.51
N GLY C 1 -11.90 5.17 24.80
CA GLY C 1 -11.32 6.44 25.32
C GLY C 1 -11.91 7.66 24.64
N SER C 2 -11.06 8.42 23.93
CA SER C 2 -11.48 9.54 23.08
C SER C 2 -10.97 9.36 21.65
N MET C 3 -9.65 9.19 21.50
CA MET C 3 -9.08 8.66 20.29
C MET C 3 -8.98 7.13 20.36
N ASP C 4 -8.66 6.52 19.21
CA ASP C 4 -8.99 5.12 19.00
C ASP C 4 -7.77 4.21 18.80
N TYR C 5 -6.98 4.03 19.85
CA TYR C 5 -5.75 3.23 19.77
C TYR C 5 -6.08 1.76 19.50
N LYS C 6 -7.16 1.29 20.10
CA LYS C 6 -7.80 0.08 19.66
C LYS C 6 -7.63 -0.06 18.13
N ARG C 7 -8.27 0.85 17.39
CA ARG C 7 -8.44 0.73 15.93
C ARG C 7 -7.18 1.02 15.10
N ARG C 8 -6.37 1.99 15.54
CA ARG C 8 -5.16 2.35 14.81
C ARG C 8 -4.25 1.16 14.66
N ILE C 9 -4.03 0.44 15.78
CA ILE C 9 -3.04 -0.63 15.87
C ILE C 9 -3.41 -1.79 14.98
N HIS C 10 -4.68 -2.21 15.04
CA HIS C 10 -5.17 -3.24 14.14
C HIS C 10 -5.13 -2.82 12.69
N LYS C 11 -5.37 -1.53 12.40
CA LYS C 11 -5.35 -1.04 11.02
C LYS C 11 -3.93 -1.13 10.47
N PHE C 12 -2.95 -0.69 11.26
CA PHE C 12 -1.53 -0.81 10.95
C PHE C 12 -1.11 -2.26 10.81
N GLN C 13 -1.48 -3.09 11.79
CA GLN C 13 -1.13 -4.51 11.79
C GLN C 13 -1.48 -5.19 10.48
N ALA C 14 -2.70 -4.94 10.01
CA ALA C 14 -3.17 -5.42 8.69
C ALA C 14 -2.41 -4.78 7.52
N HIS C 15 -2.13 -3.48 7.62
CA HIS C 15 -1.40 -2.76 6.57
C HIS C 15 0.00 -3.26 6.38
N PHE C 16 0.75 -3.41 7.46
CA PHE C 16 2.09 -3.96 7.34
C PHE C 16 2.09 -5.45 7.01
N GLY C 17 1.01 -6.15 7.36
CA GLY C 17 0.83 -7.54 6.96
C GLY C 17 0.61 -7.63 5.47
N LYS C 18 -0.21 -6.73 4.93
CA LYS C 18 -0.46 -6.65 3.50
C LYS C 18 0.83 -6.35 2.73
N LYS C 19 1.55 -5.32 3.17
CA LYS C 19 2.85 -4.96 2.58
C LYS C 19 3.93 -6.01 2.94
N GLY C 20 3.48 -7.21 3.32
CA GLY C 20 4.33 -8.38 3.52
C GLY C 20 5.34 -8.32 4.65
N PHE C 21 4.96 -7.74 5.78
CA PHE C 21 5.82 -7.69 6.97
C PHE C 21 5.20 -8.45 8.12
N GLU C 22 6.03 -9.16 8.87
CA GLU C 22 5.56 -9.98 9.99
C GLU C 22 5.32 -9.15 11.26
N GLY C 23 6.07 -8.06 11.41
CA GLY C 23 5.95 -7.24 12.60
C GLY C 23 6.67 -5.91 12.53
N ALA C 24 6.38 -5.07 13.51
CA ALA C 24 7.04 -3.79 13.64
C ALA C 24 7.77 -3.69 14.99
N LEU C 25 8.77 -2.79 15.04
CA LEU C 25 9.54 -2.50 16.23
C LEU C 25 9.70 -0.96 16.34
N VAL C 26 8.84 -0.37 17.16
CA VAL C 26 8.77 1.08 17.36
C VAL C 26 9.59 1.49 18.59
N ALA C 27 10.16 2.70 18.56
CA ALA C 27 10.84 3.30 19.70
C ALA C 27 10.10 4.53 20.21
N PRO C 28 10.42 5.00 21.44
CA PRO C 28 9.83 6.25 21.95
C PRO C 28 9.77 7.31 20.87
N GLY C 29 8.66 8.02 20.82
CA GLY C 29 8.49 9.04 19.81
C GLY C 29 7.11 9.04 19.17
N SER C 30 7.04 9.64 17.99
CA SER C 30 5.79 9.90 17.32
C SER C 30 5.03 8.62 17.00
N ASN C 31 5.69 7.65 16.39
CA ASN C 31 5.06 6.36 16.16
C ASN C 31 4.46 5.68 17.41
N PHE C 32 5.24 5.61 18.48
CA PHE C 32 4.79 5.11 19.77
C PHE C 32 3.46 5.75 20.18
N TYR C 33 3.52 7.08 20.38
CA TYR C 33 2.39 7.94 20.76
C TYR C 33 1.16 7.84 19.82
N TYR C 34 1.42 7.66 18.54
CA TYR C 34 0.35 7.59 17.57
C TYR C 34 -0.46 6.32 17.80
N LEU C 35 0.25 5.20 17.89
CA LEU C 35 -0.35 3.89 18.05
C LEU C 35 -1.08 3.72 19.37
N THR C 36 -0.40 4.08 20.47
CA THR C 36 -0.78 3.65 21.81
C THR C 36 -1.37 4.73 22.72
N GLY C 37 -0.99 5.98 22.45
CA GLY C 37 -1.42 7.11 23.25
C GLY C 37 -0.47 7.39 24.41
N PHE C 38 0.38 6.42 24.72
CA PHE C 38 1.38 6.65 25.74
C PHE C 38 2.56 7.41 25.10
N ASN C 39 3.10 8.36 25.85
CA ASN C 39 4.24 9.14 25.39
C ASN C 39 5.48 8.89 26.22
N PRO C 40 6.32 7.87 25.76
CA PRO C 40 7.51 7.67 26.62
C PRO C 40 8.56 8.74 26.37
N LEU C 41 8.53 9.80 27.16
CA LEU C 41 9.48 10.91 27.01
C LEU C 41 10.90 10.30 26.95
N GLY C 42 11.14 9.37 27.88
CA GLY C 42 12.12 8.29 27.76
C GLY C 42 13.46 8.62 27.16
N THR C 43 13.96 9.80 27.51
CA THR C 43 15.16 10.31 26.86
C THR C 43 16.38 9.48 27.30
N LEU C 44 17.58 9.85 26.82
CA LEU C 44 18.84 9.07 27.03
C LEU C 44 18.74 7.64 26.46
N GLU C 45 19.83 7.13 25.92
CA GLU C 45 19.85 5.77 25.43
C GLU C 45 19.47 4.85 26.56
N ARG C 46 18.19 4.46 26.52
CA ARG C 46 17.60 3.50 27.43
C ARG C 46 16.77 2.58 26.55
N LEU C 47 17.23 1.33 26.36
CA LEU C 47 16.50 0.43 25.46
C LEU C 47 15.04 0.28 25.87
N PHE C 48 14.19 0.83 25.01
CA PHE C 48 12.78 0.97 25.20
C PHE C 48 12.25 0.66 23.81
N VAL C 49 11.56 -0.46 23.67
CA VAL C 49 11.03 -0.84 22.36
C VAL C 49 9.64 -1.49 22.45
N LEU C 50 8.72 -1.00 21.63
CA LEU C 50 7.40 -1.57 21.49
C LEU C 50 7.46 -2.52 20.30
N ILE C 51 7.22 -3.80 20.55
CA ILE C 51 7.22 -4.78 19.49
C ILE C 51 5.79 -5.08 19.06
N LEU C 52 5.44 -4.78 17.82
CA LEU C 52 4.13 -5.14 17.32
C LEU C 52 4.17 -6.48 16.60
N PRO C 53 3.31 -7.42 17.00
CA PRO C 53 3.20 -8.61 16.18
C PRO C 53 2.25 -8.35 15.02
N SER C 54 2.17 -9.30 14.10
CA SER C 54 1.18 -9.27 13.05
C SER C 54 -0.24 -9.19 13.60
N GLU C 55 -0.46 -9.87 14.73
CA GLU C 55 -1.77 -9.91 15.35
C GLU C 55 -1.64 -9.96 16.88
N GLY C 56 -2.75 -9.67 17.56
CA GLY C 56 -2.78 -9.67 19.01
C GLY C 56 -2.10 -8.47 19.67
N LEU C 57 -1.93 -8.59 20.99
CA LEU C 57 -1.50 -7.49 21.85
C LEU C 57 -0.05 -7.06 21.66
N LEU C 58 0.20 -5.77 21.90
CA LEU C 58 1.53 -5.22 21.84
C LEU C 58 2.37 -5.69 23.02
N THR C 59 3.69 -5.72 22.83
CA THR C 59 4.66 -6.04 23.91
C THR C 59 5.59 -4.84 24.09
N ALA C 60 6.08 -4.62 25.31
CA ALA C 60 6.94 -3.47 25.57
C ALA C 60 8.02 -3.81 26.58
N ILE C 61 9.24 -3.37 26.26
CA ILE C 61 10.36 -3.35 27.21
C ILE C 61 10.62 -1.89 27.58
N ALA C 62 10.89 -1.63 28.85
CA ALA C 62 11.16 -0.29 29.36
C ALA C 62 11.91 -0.36 30.68
N PRO C 63 12.58 0.72 31.09
CA PRO C 63 13.17 0.74 32.43
C PRO C 63 12.15 0.86 33.57
N ARG C 64 12.49 0.30 34.73
CA ARG C 64 11.64 0.26 35.92
C ARG C 64 10.88 1.56 36.18
N LEU C 65 11.61 2.66 36.26
CA LEU C 65 11.07 3.99 36.53
C LEU C 65 9.81 4.37 35.70
N TYR C 66 9.51 3.55 34.69
CA TYR C 66 8.32 3.71 33.86
C TYR C 66 7.09 2.91 34.29
N GLU C 67 7.19 2.19 35.40
CA GLU C 67 6.12 1.30 35.83
C GLU C 67 4.81 2.06 35.92
N LYS C 68 4.81 3.20 36.58
CA LYS C 68 3.59 3.97 36.79
C LYS C 68 3.08 4.62 35.51
N GLU C 69 3.97 4.82 34.55
CA GLU C 69 3.52 5.35 33.29
C GLU C 69 2.90 4.20 32.51
N LEU C 70 3.33 2.98 32.81
CA LEU C 70 2.97 1.81 32.01
C LEU C 70 1.94 0.87 32.63
N GLU C 71 1.48 1.22 33.82
CA GLU C 71 0.60 0.37 34.61
C GLU C 71 -0.78 0.17 33.98
N GLU C 72 -1.19 1.13 33.18
CA GLU C 72 -2.46 1.06 32.48
C GLU C 72 -2.25 0.81 30.99
N PHE C 73 -1.08 0.30 30.65
CA PHE C 73 -0.77 -0.06 29.29
C PHE C 73 -1.53 -1.31 28.87
N ASN C 74 -1.97 -1.35 27.63
CA ASN C 74 -2.85 -2.40 27.14
C ASN C 74 -2.09 -3.46 26.34
N GLY C 75 -1.28 -4.25 27.04
CA GLY C 75 -0.46 -5.24 26.38
C GLY C 75 0.57 -5.76 27.35
N GLU C 76 1.43 -6.66 26.88
CA GLU C 76 2.52 -7.14 27.70
C GLU C 76 3.49 -6.01 27.99
N VAL C 77 3.65 -5.71 29.27
CA VAL C 77 4.63 -4.73 29.74
C VAL C 77 5.75 -5.53 30.39
N VAL C 78 6.99 -5.17 30.07
CA VAL C 78 8.14 -5.83 30.69
C VAL C 78 9.25 -4.83 30.99
N LEU C 79 9.58 -4.66 32.27
CA LEU C 79 10.63 -3.72 32.71
C LEU C 79 11.99 -4.43 32.75
N TRP C 80 13.03 -3.79 33.28
CA TRP C 80 14.26 -4.53 33.57
C TRP C 80 14.41 -4.77 35.08
N SER C 81 15.18 -3.96 35.80
CA SER C 81 15.94 -2.84 35.25
C SER C 81 17.35 -2.81 35.77
N ASP C 82 18.16 -2.00 35.08
CA ASP C 82 19.59 -1.78 35.35
C ASP C 82 20.47 -3.04 35.37
N SER C 83 20.10 -4.02 36.21
CA SER C 83 20.94 -5.20 36.53
C SER C 83 22.05 -5.59 35.53
N GLU C 84 21.82 -6.29 34.41
CA GLU C 84 20.57 -6.82 33.78
C GLU C 84 20.67 -6.52 32.28
N ASN C 85 20.61 -7.57 31.46
CA ASN C 85 20.91 -7.46 30.02
C ASN C 85 19.78 -6.93 29.14
N PRO C 86 19.86 -5.65 28.75
CA PRO C 86 18.75 -5.00 28.05
C PRO C 86 18.30 -5.75 26.79
N TYR C 87 19.22 -6.22 25.95
CA TYR C 87 18.81 -7.05 24.81
C TYR C 87 18.51 -8.47 25.28
N LYS C 88 19.32 -9.45 24.83
CA LYS C 88 19.21 -10.84 25.30
C LYS C 88 17.79 -11.36 25.22
N ILE C 89 16.98 -11.04 26.22
CA ILE C 89 15.58 -11.42 26.21
C ILE C 89 14.79 -10.49 25.27
N PHE C 90 15.44 -9.42 24.79
CA PHE C 90 14.92 -8.69 23.63
C PHE C 90 14.89 -9.69 22.49
N ALA C 91 16.05 -10.29 22.21
CA ALA C 91 16.18 -11.33 21.20
C ALA C 91 15.30 -12.58 21.49
N THR C 92 14.98 -12.82 22.76
CA THR C 92 14.11 -13.94 23.14
C THR C 92 12.68 -13.77 22.60
N LYS C 93 12.06 -12.60 22.83
CA LYS C 93 10.71 -12.33 22.32
C LYS C 93 10.71 -12.36 20.79
N ILE C 94 11.77 -11.78 20.23
CA ILE C 94 12.04 -11.83 18.80
C ILE C 94 12.05 -13.29 18.32
N LYS C 95 12.75 -14.16 19.04
CA LYS C 95 12.75 -15.61 18.79
C LYS C 95 11.38 -16.21 19.10
N GLU C 96 10.68 -15.64 20.08
CA GLU C 96 9.44 -16.22 20.60
C GLU C 96 8.23 -15.83 19.74
N THR C 97 8.26 -14.62 19.18
CA THR C 97 7.19 -14.14 18.31
C THR C 97 7.42 -14.42 16.82
N PHE C 98 8.54 -13.95 16.26
CA PHE C 98 8.74 -14.02 14.80
C PHE C 98 9.83 -14.95 14.30
N LYS C 99 9.41 -15.96 13.53
CA LYS C 99 10.28 -16.88 12.80
C LYS C 99 11.37 -16.14 12.05
N GLU C 100 12.61 -16.60 12.19
CA GLU C 100 13.77 -15.90 11.66
C GLU C 100 13.87 -16.01 10.14
N GLY C 101 12.93 -15.33 9.47
CA GLY C 101 12.99 -15.11 8.03
C GLY C 101 13.76 -13.82 7.83
N GLU C 102 13.09 -12.70 7.55
CA GLU C 102 11.62 -12.51 7.41
C GLU C 102 11.37 -11.03 7.65
N LYS C 103 10.46 -10.44 6.87
CA LYS C 103 10.36 -8.99 6.79
C LYS C 103 9.82 -8.33 8.07
N LEU C 104 10.59 -7.35 8.57
CA LEU C 104 10.22 -6.55 9.74
C LEU C 104 10.45 -5.07 9.52
N LEU C 105 9.56 -4.26 10.08
CA LEU C 105 9.70 -2.81 10.01
C LEU C 105 10.53 -2.30 11.18
N ILE C 106 11.01 -1.05 11.10
CA ILE C 106 11.94 -0.49 12.09
C ILE C 106 11.81 1.02 12.21
N ASP C 107 11.73 1.51 13.45
CA ASP C 107 11.42 2.92 13.71
C ASP C 107 12.50 3.87 13.22
N ASP C 108 12.12 4.73 12.27
CA ASP C 108 13.00 5.74 11.71
C ASP C 108 13.74 6.54 12.77
N THR C 109 13.02 6.99 13.80
CA THR C 109 13.62 7.86 14.81
C THR C 109 14.39 7.12 15.91
N MET C 110 14.23 5.80 15.99
CA MET C 110 15.10 5.00 16.85
C MET C 110 16.54 5.37 16.54
N PRO C 111 17.31 5.78 17.57
CA PRO C 111 18.72 6.19 17.47
C PRO C 111 19.66 5.11 16.93
N VAL C 112 20.68 5.56 16.18
CA VAL C 112 21.66 4.69 15.53
C VAL C 112 22.52 3.89 16.48
N GLY C 113 23.64 3.39 15.95
CA GLY C 113 24.39 2.27 16.52
C GLY C 113 23.55 1.07 16.16
N VAL C 114 22.24 1.29 16.29
CA VAL C 114 21.15 0.31 16.06
C VAL C 114 21.37 -1.14 16.52
N PHE C 115 22.13 -1.39 17.60
CA PHE C 115 23.22 -0.56 18.10
C PHE C 115 24.47 -1.43 18.27
N LEU C 116 24.53 -2.41 19.18
CA LEU C 116 23.52 -2.86 20.20
C LEU C 116 22.29 -3.65 19.70
N LYS C 117 22.49 -4.94 19.54
CA LYS C 117 23.79 -5.53 19.92
C LYS C 117 24.94 -5.58 18.89
N ALA C 118 24.73 -5.24 17.60
CA ALA C 118 23.49 -4.71 17.01
C ALA C 118 22.31 -5.67 16.69
N LYS C 119 22.46 -6.86 16.06
CA LYS C 119 23.69 -7.61 15.64
C LYS C 119 24.44 -8.35 16.78
N ASP C 120 24.27 -9.66 16.97
CA ASP C 120 23.67 -10.59 16.01
C ASP C 120 22.13 -10.72 16.01
N ILE C 121 21.44 -9.78 16.66
CA ILE C 121 19.96 -9.80 16.67
C ILE C 121 19.39 -9.12 15.44
N PHE C 122 19.97 -7.96 15.09
CA PHE C 122 19.66 -7.28 13.85
C PHE C 122 20.79 -7.50 12.87
N ASP C 123 20.63 -8.47 11.96
CA ASP C 123 21.62 -8.70 10.89
C ASP C 123 21.55 -9.93 9.98
N LYS C 124 20.62 -10.90 10.11
CA LYS C 124 19.41 -11.01 10.96
C LYS C 124 18.20 -10.11 10.66
N TYR C 125 17.17 -10.78 10.15
CA TYR C 125 15.91 -10.18 9.68
C TYR C 125 16.04 -9.18 8.55
N SER C 126 15.16 -9.34 7.56
CA SER C 126 14.94 -8.33 6.52
C SER C 126 14.29 -7.12 7.17
N LEU C 127 15.03 -6.02 7.21
CA LEU C 127 14.60 -4.79 7.87
C LEU C 127 14.59 -3.60 6.94
N HIS C 128 13.42 -3.05 6.65
CA HIS C 128 13.30 -1.82 5.86
C HIS C 128 12.59 -0.81 6.75
N PRO C 129 12.73 0.51 6.48
CA PRO C 129 12.20 1.48 7.46
C PRO C 129 10.68 1.44 7.59
N ILE C 130 10.19 1.98 8.71
CA ILE C 130 8.78 2.01 9.04
C ILE C 130 8.07 3.17 8.36
N SER C 131 8.82 4.24 8.12
CA SER C 131 8.26 5.47 7.60
C SER C 131 7.45 5.25 6.33
N PRO C 132 7.97 4.45 5.38
CA PRO C 132 7.07 4.29 4.25
C PRO C 132 5.71 3.65 4.63
N VAL C 133 5.69 2.69 5.55
CA VAL C 133 4.43 2.01 5.85
C VAL C 133 3.48 2.83 6.74
N ILE C 134 3.99 3.34 7.85
CA ILE C 134 3.12 4.01 8.82
C ILE C 134 2.66 5.43 8.43
N SER C 135 3.44 6.12 7.61
CA SER C 135 3.06 7.48 7.21
C SER C 135 1.74 7.50 6.43
N GLU C 136 1.52 6.44 5.66
CA GLU C 136 0.24 6.21 4.96
C GLU C 136 -0.99 6.24 5.87
N LEU C 137 -0.86 5.75 7.09
CA LEU C 137 -1.94 5.88 8.06
C LEU C 137 -1.82 7.22 8.80
N ARG C 138 -0.61 7.75 8.90
CA ARG C 138 -0.46 8.93 9.74
C ARG C 138 -0.89 10.20 9.03
N GLU C 139 -0.69 10.22 7.71
CA GLU C 139 -1.01 11.35 6.82
C GLU C 139 -2.51 11.51 6.51
N ILE C 140 -3.31 10.50 6.86
CA ILE C 140 -4.77 10.62 6.81
C ILE C 140 -5.31 10.71 8.24
N LYS C 141 -5.89 11.85 8.59
CA LYS C 141 -6.39 12.05 9.93
C LYS C 141 -7.88 11.72 9.99
N ASP C 142 -8.33 11.19 11.13
CA ASP C 142 -9.76 10.92 11.32
C ASP C 142 -10.51 12.15 11.81
N LYS C 143 -11.83 12.06 11.88
CA LYS C 143 -12.66 13.14 12.42
C LYS C 143 -12.09 13.69 13.76
N ASP C 144 -11.70 12.77 14.64
CA ASP C 144 -11.13 13.13 15.93
C ASP C 144 -9.81 13.91 15.80
N GLU C 145 -8.81 13.32 15.17
CA GLU C 145 -7.52 13.97 15.05
C GLU C 145 -7.68 15.38 14.44
N ILE C 146 -8.56 15.50 13.43
CA ILE C 146 -8.81 16.79 12.77
C ILE C 146 -9.39 17.77 13.77
N LYS C 147 -10.26 17.28 14.65
CA LYS C 147 -10.83 18.11 15.70
C LYS C 147 -9.72 18.68 16.63
N ALA C 148 -8.79 17.86 17.09
CA ALA C 148 -7.65 18.36 17.88
C ALA C 148 -6.83 19.49 17.17
N HIS C 149 -6.33 19.18 15.97
CA HIS C 149 -5.67 20.16 15.11
C HIS C 149 -6.38 21.47 15.07
N LYS C 150 -7.70 21.41 14.92
CA LYS C 150 -8.51 22.59 14.91
C LYS C 150 -8.44 23.28 16.27
N LYS C 151 -8.45 22.52 17.36
CA LYS C 151 -8.47 23.16 18.68
C LYS C 151 -7.09 23.76 18.91
N ALA C 152 -6.06 22.98 18.55
CA ALA C 152 -4.69 23.43 18.63
C ALA C 152 -4.45 24.65 17.77
N ALA C 153 -5.37 24.88 16.83
CA ALA C 153 -5.30 26.06 15.95
C ALA C 153 -5.99 27.25 16.59
N GLU C 154 -7.16 27.00 17.16
CA GLU C 154 -7.89 28.05 17.90
C GLU C 154 -6.96 28.69 18.91
N ILE C 155 -6.32 27.88 19.74
CA ILE C 155 -5.38 28.36 20.78
C ILE C 155 -4.35 29.36 20.23
N VAL C 156 -3.71 28.93 19.16
CA VAL C 156 -2.71 29.67 18.45
C VAL C 156 -3.23 30.99 17.85
N ASP C 157 -4.52 30.99 17.49
CA ASP C 157 -5.20 32.21 17.02
C ASP C 157 -5.55 33.13 18.19
N LYS C 158 -6.00 32.53 19.30
CA LYS C 158 -6.30 33.29 20.51
C LYS C 158 -5.03 33.93 21.05
N VAL C 159 -3.93 33.19 20.96
CA VAL C 159 -2.64 33.67 21.38
C VAL C 159 -2.13 34.79 20.49
N PHE C 160 -2.44 34.73 19.20
CA PHE C 160 -2.08 35.81 18.33
C PHE C 160 -2.73 37.12 18.79
N TYR C 161 -4.04 37.07 19.00
CA TYR C 161 -4.79 38.27 19.35
C TYR C 161 -4.44 38.90 20.68
N ARG C 162 -4.14 38.13 21.71
CA ARG C 162 -3.79 38.79 22.98
C ARG C 162 -2.37 39.33 22.91
N PHE C 163 -1.46 38.49 22.42
CA PHE C 163 -0.05 38.83 22.37
C PHE C 163 0.23 40.18 21.70
N ILE C 164 -0.44 40.45 20.58
CA ILE C 164 -0.19 41.68 19.80
C ILE C 164 -0.61 42.99 20.50
N GLU C 165 -1.51 42.90 21.48
CA GLU C 165 -1.96 44.10 22.18
C GLU C 165 -1.17 44.34 23.46
N GLY C 166 -0.06 43.62 23.59
CA GLY C 166 0.93 43.90 24.62
C GLY C 166 1.97 44.82 24.03
N LYS C 167 2.90 45.30 24.86
CA LYS C 167 4.00 46.13 24.40
C LYS C 167 5.17 45.25 23.89
N LEU C 168 5.50 45.40 22.61
CA LEU C 168 6.54 44.59 21.95
C LEU C 168 7.84 45.37 21.78
N GLU C 169 7.72 46.67 21.53
CA GLU C 169 8.86 47.57 21.37
C GLU C 169 9.77 47.63 22.60
N GLY C 170 11.07 47.41 22.37
CA GLY C 170 12.06 47.47 23.46
C GLY C 170 12.23 46.15 24.22
N LYS C 171 11.55 45.13 23.75
CA LYS C 171 11.72 43.78 24.29
C LYS C 171 12.60 43.02 23.34
N SER C 172 13.07 41.85 23.72
CA SER C 172 13.88 41.06 22.82
C SER C 172 13.06 39.96 22.18
N GLU C 173 13.49 39.53 21.00
CA GLU C 173 13.10 38.27 20.42
C GLU C 173 13.01 37.17 21.53
N ARG C 174 14.06 37.02 22.35
CA ARG C 174 13.99 36.07 23.46
C ARG C 174 12.79 36.31 24.38
N GLU C 175 12.67 37.51 24.94
CA GLU C 175 11.56 37.82 25.86
C GLU C 175 10.22 37.54 25.17
N LEU C 176 10.07 38.05 23.95
CA LEU C 176 8.87 37.86 23.13
C LEU C 176 8.50 36.41 22.89
N ALA C 177 9.43 35.61 22.36
CA ALA C 177 9.18 34.18 22.26
C ALA C 177 8.86 33.58 23.64
N ASN C 178 9.42 34.15 24.69
CA ASN C 178 9.16 33.57 26.00
C ASN C 178 7.78 33.92 26.52
N ARG C 179 7.24 35.07 26.11
CA ARG C 179 5.85 35.38 26.41
C ARG C 179 4.92 34.41 25.69
N ILE C 180 5.08 34.33 24.38
CA ILE C 180 4.28 33.48 23.54
C ILE C 180 4.18 32.10 24.18
N GLU C 181 5.31 31.52 24.53
CA GLU C 181 5.34 30.16 25.04
C GLU C 181 4.51 30.07 26.29
N TYR C 182 4.68 31.06 27.17
CA TYR C 182 3.94 31.09 28.42
C TYR C 182 2.49 31.45 28.20
N MET C 183 2.14 31.96 27.03
CA MET C 183 0.75 32.22 26.75
C MET C 183 -0.01 31.00 26.24
N ILE C 184 0.73 29.95 25.91
CA ILE C 184 0.20 28.88 25.10
C ILE C 184 -0.45 27.56 25.64
N LYS C 185 -0.40 27.07 26.89
CA LYS C 185 -0.49 27.67 28.22
C LYS C 185 0.14 29.00 28.46
N ASN C 186 -0.62 29.88 29.12
CA ASN C 186 -1.92 29.54 29.69
C ASN C 186 -2.59 30.78 30.26
N GLU C 187 -3.78 31.21 29.82
CA GLU C 187 -4.35 31.13 28.47
C GLU C 187 -4.34 29.84 27.60
N PHE C 188 -4.72 28.73 28.20
CA PHE C 188 -5.02 27.48 27.47
C PHE C 188 -3.93 26.42 27.54
N GLY C 189 -3.99 25.66 28.63
CA GLY C 189 -3.03 24.60 28.90
C GLY C 189 -3.57 23.23 28.58
N ALA C 190 -3.05 22.55 27.55
CA ALA C 190 -1.84 22.89 26.77
C ALA C 190 -1.20 21.59 26.39
N ASP C 191 -0.09 21.25 27.06
CA ASP C 191 0.82 20.16 26.65
C ASP C 191 2.01 20.82 25.94
N ASP C 192 2.19 22.09 26.27
CA ASP C 192 3.24 22.93 25.72
C ASP C 192 3.12 23.09 24.20
N VAL C 193 4.24 23.43 23.59
CA VAL C 193 4.30 23.96 22.25
C VAL C 193 4.63 22.83 21.25
N SER C 194 4.35 23.05 19.96
CA SER C 194 4.81 22.10 18.93
C SER C 194 6.27 22.32 18.65
N PHE C 195 6.78 23.50 19.01
CA PHE C 195 8.20 23.85 18.84
C PHE C 195 8.41 25.18 19.55
N GLU C 196 9.66 25.49 19.88
CA GLU C 196 9.97 26.77 20.52
C GLU C 196 9.88 27.88 19.48
N PRO C 197 9.06 28.90 19.80
CA PRO C 197 8.73 29.99 18.90
C PRO C 197 9.96 30.61 18.28
N ILE C 198 9.90 30.78 16.98
CA ILE C 198 10.77 31.69 16.29
C ILE C 198 10.12 33.09 16.45
N VAL C 199 10.86 34.05 16.99
CA VAL C 199 10.56 35.47 16.83
C VAL C 199 11.78 35.99 16.12
N ALA C 200 11.56 36.56 14.93
CA ALA C 200 12.66 37.07 14.12
C ALA C 200 12.44 38.51 13.71
N SER C 201 13.30 39.41 14.17
CA SER C 201 13.04 40.85 14.02
C SER C 201 13.97 41.57 13.06
N GLY C 202 13.40 42.53 12.33
CA GLY C 202 14.18 43.33 11.38
C GLY C 202 15.02 42.43 10.49
N PRO C 203 16.32 42.70 10.38
CA PRO C 203 17.13 41.89 9.45
C PRO C 203 17.11 40.36 9.72
N ASN C 204 16.94 39.96 10.98
CA ASN C 204 16.89 38.53 11.33
C ASN C 204 15.72 37.82 10.70
N GLY C 205 14.70 38.58 10.32
CA GLY C 205 13.56 38.02 9.61
C GLY C 205 13.94 37.36 8.30
N ALA C 206 15.08 37.74 7.75
CA ALA C 206 15.56 37.10 6.51
C ALA C 206 16.04 35.66 6.71
N ASN C 207 16.14 35.20 7.96
CA ASN C 207 16.61 33.85 8.24
C ASN C 207 15.50 32.99 8.73
N PRO C 208 15.08 32.02 7.90
CA PRO C 208 13.80 31.33 8.11
C PRO C 208 13.69 30.53 9.43
N HIS C 209 14.82 30.15 10.02
CA HIS C 209 14.91 29.41 11.28
C HIS C 209 15.86 30.13 12.18
N HIS C 210 15.70 31.44 12.29
CA HIS C 210 16.43 32.26 13.25
C HIS C 210 16.09 31.85 14.67
N ARG C 211 17.14 31.59 15.49
CA ARG C 211 16.98 31.40 16.91
C ARG C 211 16.82 32.80 17.53
N PRO C 212 15.75 33.03 18.33
CA PRO C 212 15.51 34.37 18.79
C PRO C 212 16.74 34.81 19.51
N SER C 213 17.12 36.08 19.38
CA SER C 213 18.32 36.59 20.04
C SER C 213 17.98 37.67 21.04
N HIS C 214 18.98 38.47 21.38
CA HIS C 214 18.84 39.58 22.29
C HIS C 214 18.45 40.83 21.57
N ARG C 215 18.31 40.76 20.25
CA ARG C 215 18.00 41.95 19.47
C ARG C 215 16.71 42.58 19.96
N LYS C 216 16.78 43.89 20.15
CA LYS C 216 15.61 44.63 20.62
C LYS C 216 14.74 45.08 19.45
N ILE C 217 13.45 44.75 19.58
CA ILE C 217 12.42 45.21 18.65
C ILE C 217 12.36 46.75 18.79
N ARG C 218 12.60 47.42 17.67
CA ARG C 218 12.58 48.87 17.65
C ARG C 218 11.56 49.33 16.61
N LYS C 219 11.23 50.63 16.68
CA LYS C 219 10.45 51.32 15.67
C LYS C 219 11.03 51.00 14.31
N GLY C 220 10.18 50.61 13.38
CA GLY C 220 10.60 50.36 12.02
C GLY C 220 10.88 48.90 11.73
N ASP C 221 10.82 48.04 12.75
CA ASP C 221 11.09 46.61 12.56
C ASP C 221 9.92 45.80 11.96
N VAL C 222 10.20 45.02 10.93
CA VAL C 222 9.34 43.91 10.57
C VAL C 222 9.66 42.75 11.52
N VAL C 223 8.62 42.10 12.02
CA VAL C 223 8.76 41.01 12.98
C VAL C 223 7.89 39.83 12.57
N ILE C 224 8.54 38.70 12.34
CA ILE C 224 7.88 37.42 12.14
C ILE C 224 7.75 36.72 13.49
N PHE C 225 6.53 36.21 13.77
CA PHE C 225 6.26 35.21 14.83
C PHE C 225 5.71 33.92 14.24
N ASP C 226 6.40 32.84 14.56
CA ASP C 226 6.13 31.49 14.11
C ASP C 226 6.08 30.63 15.36
N TYR C 227 4.93 30.01 15.64
CA TYR C 227 4.75 29.24 16.87
C TYR C 227 3.62 28.25 16.70
N GLY C 228 3.33 27.48 17.73
CA GLY C 228 2.34 26.42 17.63
C GLY C 228 2.13 25.71 18.95
N ALA C 229 0.99 25.04 19.06
CA ALA C 229 0.63 24.38 20.31
C ALA C 229 0.37 22.91 20.05
N LYS C 230 0.33 22.12 21.13
CA LYS C 230 -0.15 20.75 21.06
C LYS C 230 -1.52 20.69 21.73
N TYR C 231 -2.36 19.80 21.23
CA TYR C 231 -3.64 19.51 21.86
C TYR C 231 -3.89 18.04 21.60
N LEU C 232 -4.14 17.28 22.68
CA LEU C 232 -4.18 15.81 22.68
C LEU C 232 -3.14 15.19 21.74
N GLY C 233 -2.00 15.90 21.62
CA GLY C 233 -0.78 15.43 20.98
C GLY C 233 -0.51 15.95 19.58
N TYR C 234 -1.46 16.73 19.04
CA TYR C 234 -1.44 17.17 17.64
C TYR C 234 -1.06 18.63 17.46
N CYS C 235 -0.26 18.88 16.44
CA CYS C 235 0.41 20.16 16.33
C CYS C 235 -0.34 21.15 15.46
N SER C 236 -0.42 22.38 15.97
CA SER C 236 -0.71 23.51 15.12
C SER C 236 0.60 24.24 14.88
N ASP C 237 0.60 25.09 13.85
CA ASP C 237 1.79 25.81 13.40
C ASP C 237 1.29 27.07 12.70
N VAL C 238 1.72 28.23 13.17
CA VAL C 238 1.16 29.47 12.67
C VAL C 238 2.26 30.50 12.50
N THR C 239 2.22 31.24 11.39
CA THR C 239 3.11 32.38 11.24
C THR C 239 2.34 33.62 10.81
N ARG C 240 2.66 34.71 11.48
CA ARG C 240 2.15 36.01 11.12
C ARG C 240 3.32 36.95 11.19
N THR C 241 3.36 37.88 10.24
CA THR C 241 4.37 38.95 10.20
C THR C 241 3.70 40.29 10.38
N VAL C 242 4.27 41.12 11.26
CA VAL C 242 3.68 42.42 11.58
C VAL C 242 4.73 43.48 11.36
N VAL C 243 4.37 44.75 11.60
CA VAL C 243 5.35 45.86 11.74
C VAL C 243 5.09 46.79 12.90
N VAL C 244 6.17 47.36 13.40
CA VAL C 244 6.14 48.35 14.44
C VAL C 244 6.41 49.68 13.75
N GLY C 245 5.50 50.62 13.91
CA GLY C 245 5.55 51.89 13.18
C GLY C 245 5.05 51.68 11.76
N PRO C 246 4.79 52.77 11.03
CA PRO C 246 4.15 52.46 9.75
C PRO C 246 5.18 51.85 8.80
N PRO C 247 4.75 50.89 7.96
CA PRO C 247 5.61 50.22 7.00
C PRO C 247 6.00 51.12 5.86
N SER C 248 7.23 50.99 5.40
CA SER C 248 7.68 51.58 4.13
C SER C 248 7.00 50.91 2.93
N GLU C 249 7.21 51.49 1.76
CA GLU C 249 6.69 50.92 0.54
C GLU C 249 7.22 49.50 0.30
N GLU C 250 8.52 49.34 0.45
CA GLU C 250 9.19 48.07 0.22
C GLU C 250 8.54 46.94 1.01
N VAL C 251 8.25 47.19 2.29
CA VAL C 251 7.62 46.19 3.15
C VAL C 251 6.19 45.89 2.62
N LYS C 252 5.46 46.95 2.28
CA LYS C 252 4.08 46.77 1.84
C LYS C 252 4.04 45.95 0.57
N LYS C 253 4.91 46.29 -0.39
CA LYS C 253 5.00 45.47 -1.58
C LYS C 253 5.41 44.04 -1.22
N VAL C 254 6.53 43.88 -0.52
CA VAL C 254 6.98 42.51 -0.25
C VAL C 254 5.93 41.70 0.54
N TYR C 255 5.17 42.36 1.43
CA TYR C 255 4.18 41.65 2.27
C TYR C 255 3.08 41.12 1.37
N GLU C 256 2.54 42.03 0.57
CA GLU C 256 1.43 41.73 -0.31
C GLU C 256 1.73 40.64 -1.35
N ILE C 257 2.98 40.49 -1.78
CA ILE C 257 3.32 39.34 -2.63
C ILE C 257 3.25 38.01 -1.87
N VAL C 258 3.72 37.99 -0.64
CA VAL C 258 3.55 36.80 0.19
C VAL C 258 2.05 36.54 0.46
N LYS C 259 1.28 37.60 0.70
CA LYS C 259 -0.11 37.42 1.06
C LYS C 259 -0.92 36.81 -0.08
N GLU C 260 -0.66 37.32 -1.30
CA GLU C 260 -1.31 36.82 -2.52
C GLU C 260 -0.82 35.42 -2.81
N ALA C 261 0.49 35.23 -2.74
CA ALA C 261 1.02 33.89 -2.97
C ALA C 261 0.38 32.88 -2.01
N GLN C 262 0.24 33.26 -0.74
CA GLN C 262 -0.38 32.40 0.30
C GLN C 262 -1.90 32.17 0.05
N GLU C 263 -2.66 33.22 -0.15
CA GLU C 263 -4.09 33.05 -0.37
C GLU C 263 -4.37 32.09 -1.53
N THR C 264 -3.70 32.34 -2.65
CA THR C 264 -3.95 31.64 -3.93
C THR C 264 -3.49 30.17 -3.81
N ALA C 265 -2.46 29.94 -3.01
CA ALA C 265 -2.05 28.57 -2.68
C ALA C 265 -3.14 27.81 -1.89
N VAL C 266 -3.76 28.45 -0.91
CA VAL C 266 -4.79 27.80 -0.09
C VAL C 266 -5.96 27.40 -0.98
N GLN C 267 -6.34 28.31 -1.87
CA GLN C 267 -7.44 28.11 -2.80
C GLN C 267 -7.24 26.93 -3.73
N LYS C 268 -5.98 26.63 -4.03
CA LYS C 268 -5.68 25.52 -4.95
C LYS C 268 -5.71 24.17 -4.22
N VAL C 269 -5.67 24.20 -2.91
CA VAL C 269 -5.75 22.97 -2.20
C VAL C 269 -7.12 22.40 -2.45
N ALA C 270 -7.15 21.25 -3.12
CA ALA C 270 -8.34 20.42 -3.31
C ALA C 270 -7.91 18.95 -3.39
N GLU C 271 -8.86 18.03 -3.31
CA GLU C 271 -8.43 16.63 -3.44
C GLU C 271 -8.20 16.30 -4.90
N GLY C 272 -7.04 15.70 -5.16
CA GLY C 272 -6.73 15.17 -6.48
C GLY C 272 -5.51 15.84 -7.06
N ILE C 273 -5.20 17.06 -6.59
CA ILE C 273 -4.10 17.82 -7.16
C ILE C 273 -2.73 17.47 -6.53
N PRO C 274 -1.67 17.47 -7.38
CA PRO C 274 -0.38 17.03 -6.86
C PRO C 274 0.13 18.04 -5.87
N ALA C 275 0.77 17.54 -4.81
CA ALA C 275 1.44 18.38 -3.81
C ALA C 275 2.25 19.48 -4.47
N GLU C 276 2.99 19.15 -5.54
CA GLU C 276 3.82 20.14 -6.25
C GLU C 276 3.06 21.30 -6.92
N VAL C 277 1.83 21.05 -7.39
CA VAL C 277 1.05 22.09 -8.06
C VAL C 277 0.74 23.20 -7.06
N VAL C 278 0.55 22.77 -5.82
CA VAL C 278 0.29 23.70 -4.73
C VAL C 278 1.52 24.56 -4.50
N ASP C 279 2.68 23.91 -4.45
CA ASP C 279 3.92 24.66 -4.32
C ASP C 279 4.13 25.62 -5.47
N ALA C 280 3.83 25.16 -6.69
CA ALA C 280 4.07 25.96 -7.89
C ALA C 280 3.14 27.16 -7.92
N THR C 281 2.00 27.05 -7.24
CA THR C 281 1.06 28.14 -7.27
C THR C 281 1.68 29.28 -6.48
N ALA C 282 2.19 28.97 -5.30
CA ALA C 282 2.80 30.00 -4.47
C ALA C 282 4.12 30.52 -5.06
N ARG C 283 5.05 29.61 -5.32
CA ARG C 283 6.32 29.90 -6.00
C ARG C 283 6.03 30.72 -7.27
N GLY C 284 5.11 30.23 -8.07
CA GLY C 284 4.71 30.90 -9.31
C GLY C 284 4.52 32.39 -9.11
N ILE C 285 3.73 32.76 -8.10
CA ILE C 285 3.34 34.16 -7.90
C ILE C 285 4.53 35.02 -7.43
N ILE C 286 5.27 34.48 -6.47
CA ILE C 286 6.48 35.12 -5.95
C ILE C 286 7.54 35.33 -7.07
N SER C 287 7.46 34.50 -8.11
CA SER C 287 8.44 34.61 -9.19
C SER C 287 8.04 35.61 -10.22
N LYS C 288 6.74 35.75 -10.45
CA LYS C 288 6.28 36.74 -11.44
C LYS C 288 6.60 38.18 -10.98
N TYR C 289 6.90 38.34 -9.70
CA TYR C 289 7.44 39.62 -9.19
C TYR C 289 8.96 39.60 -9.08
N GLY C 290 9.57 38.49 -9.48
CA GLY C 290 11.03 38.38 -9.52
C GLY C 290 11.67 38.07 -8.19
N TYR C 291 10.87 37.57 -7.23
CA TYR C 291 11.41 37.22 -5.91
C TYR C 291 11.67 35.74 -5.75
N GLY C 292 11.54 35.04 -6.86
CA GLY C 292 11.69 33.59 -6.91
C GLY C 292 12.88 33.06 -6.14
N GLU C 293 13.97 33.82 -6.13
CA GLU C 293 15.24 33.40 -5.56
C GLU C 293 15.31 33.58 -4.05
N TYR C 294 14.28 34.18 -3.46
CA TYR C 294 14.32 34.51 -2.04
C TYR C 294 13.33 33.66 -1.25
N PHE C 295 12.56 32.85 -1.97
CA PHE C 295 11.62 31.94 -1.37
C PHE C 295 12.41 30.64 -1.21
N ILE C 296 13.18 30.56 -0.12
CA ILE C 296 14.27 29.62 -0.01
C ILE C 296 13.89 28.32 0.71
N HIS C 297 12.60 27.98 0.72
CA HIS C 297 12.13 26.72 1.25
C HIS C 297 10.82 26.25 0.61
N ARG C 298 10.27 25.11 1.08
CA ARG C 298 9.02 24.58 0.53
C ARG C 298 7.81 25.46 0.89
N THR C 299 6.69 25.24 0.23
CA THR C 299 5.48 25.98 0.57
C THR C 299 4.87 25.44 1.88
N GLY C 300 5.09 24.17 2.22
CA GLY C 300 4.55 23.73 3.49
C GLY C 300 4.91 22.32 3.90
N HIS C 301 4.54 21.95 5.12
CA HIS C 301 4.85 20.64 5.63
C HIS C 301 3.62 20.10 6.26
N GLY C 302 3.50 18.77 6.26
CA GLY C 302 2.36 18.13 6.90
C GLY C 302 2.50 18.24 8.41
N LEU C 303 1.35 18.26 9.08
CA LEU C 303 1.24 18.29 10.53
C LEU C 303 0.63 17.00 11.12
N GLY C 304 0.76 16.81 12.43
CA GLY C 304 0.15 15.66 13.12
C GLY C 304 0.74 15.58 14.52
N ILE C 305 1.24 14.41 14.89
CA ILE C 305 1.94 14.31 16.16
C ILE C 305 3.33 14.97 16.07
N ASP C 306 3.88 15.02 14.87
CA ASP C 306 5.07 15.80 14.62
C ASP C 306 4.66 17.12 14.02
N VAL C 307 5.60 18.05 14.03
CA VAL C 307 5.37 19.36 13.50
C VAL C 307 5.69 19.39 12.01
N HIS C 308 6.59 18.51 11.59
CA HIS C 308 6.86 18.29 10.17
C HIS C 308 6.59 16.83 9.89
N GLU C 309 5.54 16.54 9.14
CA GLU C 309 5.31 15.15 8.72
C GLU C 309 4.74 15.18 7.31
N GLU C 310 4.34 14.04 6.79
CA GLU C 310 3.77 14.03 5.44
C GLU C 310 2.39 14.64 5.48
N PRO C 311 1.97 15.32 4.39
CA PRO C 311 2.71 15.49 3.14
C PRO C 311 3.55 16.78 3.08
N TYR C 312 4.61 16.74 2.28
CA TYR C 312 5.37 17.96 2.07
C TYR C 312 4.97 18.64 0.76
N ILE C 313 4.67 19.93 0.90
CA ILE C 313 4.25 20.78 -0.18
C ILE C 313 5.52 21.33 -0.88
N SER C 314 6.14 20.50 -1.72
CA SER C 314 7.52 20.72 -2.21
C SER C 314 7.68 20.70 -3.72
N PRO C 315 8.62 21.51 -4.25
CA PRO C 315 8.68 21.53 -5.70
C PRO C 315 8.74 20.14 -6.37
N GLY C 316 9.34 19.14 -5.76
CA GLY C 316 9.48 17.90 -6.54
C GLY C 316 8.44 16.79 -6.31
N ASN C 317 7.46 17.06 -5.45
CA ASN C 317 6.58 16.06 -4.91
C ASN C 317 5.30 15.79 -5.68
N LYS C 318 5.22 14.58 -6.25
CA LYS C 318 4.15 14.10 -7.16
C LYS C 318 2.91 13.63 -6.43
N LYS C 319 3.07 13.39 -5.14
CA LYS C 319 2.05 12.78 -4.31
C LYS C 319 0.80 13.64 -4.37
N ILE C 320 -0.34 12.96 -4.58
CA ILE C 320 -1.68 13.58 -4.63
C ILE C 320 -2.22 13.86 -3.22
N LEU C 321 -2.77 15.05 -3.01
CA LEU C 321 -3.46 15.42 -1.76
C LEU C 321 -4.86 14.75 -1.59
N LYS C 322 -5.13 14.20 -0.41
CA LYS C 322 -6.39 13.50 -0.15
C LYS C 322 -7.12 14.01 1.11
N ASP C 323 -8.43 13.71 1.22
CA ASP C 323 -9.18 14.02 2.43
C ASP C 323 -8.50 13.36 3.59
N GLY C 324 -8.28 14.12 4.64
CA GLY C 324 -7.61 13.62 5.80
C GLY C 324 -6.24 14.22 6.03
N MET C 325 -5.60 14.71 4.98
CA MET C 325 -4.27 15.26 5.14
C MET C 325 -4.33 16.63 5.83
N VAL C 326 -3.28 16.96 6.59
CA VAL C 326 -3.17 18.23 7.27
C VAL C 326 -1.80 18.82 6.96
N PHE C 327 -1.75 20.12 6.71
CA PHE C 327 -0.48 20.71 6.35
C PHE C 327 -0.51 22.24 6.46
N THR C 328 0.68 22.83 6.27
CA THR C 328 0.87 24.27 6.32
C THR C 328 0.96 24.84 4.92
N ILE C 329 0.59 26.11 4.80
CA ILE C 329 0.73 26.87 3.58
C ILE C 329 1.38 28.17 4.04
N GLU C 330 2.69 28.22 3.79
CA GLU C 330 3.58 29.22 4.37
C GLU C 330 4.70 29.73 3.44
N PRO C 331 4.30 30.39 2.32
CA PRO C 331 5.37 30.92 1.50
C PRO C 331 5.98 32.18 2.15
N GLY C 332 7.15 32.59 1.71
CA GLY C 332 7.79 33.75 2.30
C GLY C 332 8.84 34.26 1.36
N ILE C 333 9.27 35.49 1.62
CA ILE C 333 10.36 36.13 0.87
C ILE C 333 11.36 36.59 1.90
N TYR C 334 12.63 36.23 1.71
CA TYR C 334 13.65 36.49 2.71
C TYR C 334 14.74 37.35 2.11
N LEU C 335 14.90 38.56 2.65
CA LEU C 335 15.83 39.55 2.09
C LEU C 335 16.86 39.92 3.11
N GLN C 336 18.10 39.51 2.84
CA GLN C 336 19.18 39.63 3.77
C GLN C 336 19.49 41.13 3.98
N GLY C 337 19.77 41.54 5.21
CA GLY C 337 19.97 42.93 5.53
C GLY C 337 18.71 43.78 5.50
N LYS C 338 17.55 43.13 5.36
CA LYS C 338 16.32 43.88 5.35
C LYS C 338 15.31 43.31 6.29
N PHE C 339 14.50 42.39 5.77
CA PHE C 339 13.51 41.76 6.58
C PHE C 339 13.14 40.46 5.93
N GLY C 340 12.22 39.77 6.59
CA GLY C 340 11.55 38.66 5.97
C GLY C 340 10.07 38.80 6.17
N VAL C 341 9.28 38.09 5.35
CA VAL C 341 7.83 38.04 5.54
C VAL C 341 7.35 36.63 5.21
N ARG C 342 6.63 36.01 6.16
CA ARG C 342 6.11 34.65 6.01
C ARG C 342 4.71 34.68 6.55
N ILE C 343 3.74 34.22 5.78
CA ILE C 343 2.37 34.08 6.28
C ILE C 343 2.03 32.60 6.26
N GLU C 344 1.55 32.08 7.38
CA GLU C 344 1.33 30.64 7.48
C GLU C 344 0.00 30.33 8.06
N ASP C 345 -0.61 29.29 7.52
CA ASP C 345 -1.88 28.74 8.02
C ASP C 345 -1.85 27.24 8.00
N ASP C 346 -2.68 26.66 8.85
CA ASP C 346 -2.89 25.23 8.86
C ASP C 346 -4.17 24.92 8.09
N VAL C 347 -4.06 24.02 7.13
CA VAL C 347 -5.11 23.67 6.25
C VAL C 347 -5.33 22.16 6.35
N ALA C 348 -6.60 21.74 6.44
CA ALA C 348 -6.97 20.32 6.35
C ALA C 348 -7.95 20.10 5.21
N LEU C 349 -7.64 19.15 4.35
CA LEU C 349 -8.61 18.73 3.35
C LEU C 349 -9.78 18.00 4.02
N VAL C 350 -10.99 18.49 3.76
CA VAL C 350 -12.23 17.91 4.24
C VAL C 350 -13.27 18.00 3.12
N ASP C 351 -13.83 16.84 2.76
CA ASP C 351 -14.72 16.66 1.62
C ASP C 351 -14.22 17.27 0.31
N LYS C 352 -12.94 17.05 0.02
CA LYS C 352 -12.33 17.45 -1.24
C LYS C 352 -11.82 18.87 -1.16
N LYS C 353 -12.26 19.60 -0.14
CA LYS C 353 -11.98 21.02 -0.04
C LYS C 353 -10.92 21.32 1.02
N GLY C 354 -9.87 22.07 0.66
CA GLY C 354 -8.93 22.60 1.67
C GLY C 354 -9.68 23.51 2.64
N ILE C 355 -9.35 23.48 3.92
CA ILE C 355 -10.03 24.38 4.84
C ILE C 355 -8.99 24.97 5.78
N ARG C 356 -9.04 26.28 5.98
CA ARG C 356 -8.14 26.96 6.91
C ARG C 356 -8.57 26.58 8.31
N LEU C 357 -7.69 25.87 9.01
CA LEU C 357 -7.83 25.60 10.43
C LEU C 357 -7.46 26.84 11.27
N THR C 358 -6.45 27.59 10.83
CA THR C 358 -6.08 28.87 11.45
C THR C 358 -6.78 30.07 10.78
N ASN C 359 -7.33 30.99 11.57
CA ASN C 359 -8.03 32.14 11.01
C ASN C 359 -7.56 33.50 11.47
N ALA C 360 -6.34 33.57 11.98
CA ALA C 360 -5.81 34.83 12.44
C ALA C 360 -5.78 35.82 11.27
N ASP C 361 -6.26 37.03 11.52
CA ASP C 361 -6.04 38.15 10.63
C ASP C 361 -4.74 38.01 9.87
N ARG C 362 -4.81 38.07 8.54
CA ARG C 362 -3.66 37.90 7.66
C ARG C 362 -3.26 39.21 7.01
N GLU C 363 -3.97 40.28 7.33
CA GLU C 363 -3.53 41.59 6.85
C GLU C 363 -2.24 42.04 7.54
N LEU C 364 -1.56 43.01 6.93
CA LEU C 364 -0.41 43.62 7.58
C LEU C 364 -0.88 44.59 8.66
N ILE C 365 -0.63 44.22 9.91
CA ILE C 365 -1.00 45.02 11.06
C ILE C 365 0.15 45.94 11.49
N THR C 366 -0.13 47.22 11.69
CA THR C 366 0.83 48.13 12.26
C THR C 366 0.62 48.22 13.77
N LEU C 367 1.54 47.58 14.48
CA LEU C 367 1.64 47.67 15.93
C LEU C 367 2.29 49.00 16.39
N GLY D 1 34.13 35.21 28.30
CA GLY D 1 35.40 34.94 27.56
C GLY D 1 35.20 34.08 26.32
N SER D 2 36.17 33.19 26.07
CA SER D 2 36.19 32.30 24.91
C SER D 2 36.04 30.82 25.26
N MET D 3 35.38 30.09 24.37
CA MET D 3 35.38 28.63 24.42
C MET D 3 35.75 28.17 23.01
N ASP D 4 37.06 28.00 22.76
CA ASP D 4 37.60 27.82 21.40
C ASP D 4 37.52 26.39 20.79
N TYR D 5 37.35 26.34 19.47
CA TYR D 5 36.95 25.10 18.80
C TYR D 5 37.99 24.56 17.82
N LYS D 6 38.97 25.38 17.47
CA LYS D 6 40.18 24.87 16.84
C LYS D 6 40.73 23.72 17.71
N ARG D 7 40.67 23.89 19.03
CA ARG D 7 41.27 22.94 19.98
C ARG D 7 40.47 21.65 20.17
N ARG D 8 39.18 21.78 20.50
CA ARG D 8 38.34 20.58 20.66
C ARG D 8 38.34 19.68 19.42
N ILE D 9 38.11 20.27 18.24
CA ILE D 9 38.17 19.54 16.98
C ILE D 9 39.52 18.83 16.89
N HIS D 10 40.61 19.55 17.13
CA HIS D 10 41.97 18.96 17.03
C HIS D 10 42.24 17.89 18.06
N LYS D 11 41.83 18.11 19.30
CA LYS D 11 41.88 17.07 20.32
C LYS D 11 41.11 15.83 19.84
N PHE D 12 39.84 16.02 19.50
CA PHE D 12 38.97 14.93 19.12
C PHE D 12 39.50 14.13 17.92
N GLN D 13 39.88 14.82 16.85
CA GLN D 13 40.56 14.19 15.68
C GLN D 13 41.73 13.36 16.18
N ALA D 14 42.60 13.99 16.96
CA ALA D 14 43.77 13.31 17.52
C ALA D 14 43.36 12.07 18.29
N HIS D 15 42.26 12.18 19.04
CA HIS D 15 41.75 11.08 19.85
C HIS D 15 41.15 9.96 19.08
N PHE D 16 40.28 10.28 18.12
CA PHE D 16 39.74 9.22 17.28
C PHE D 16 40.71 8.63 16.26
N GLY D 17 41.67 9.43 15.79
CA GLY D 17 42.74 8.94 14.92
C GLY D 17 43.59 7.86 15.59
N LYS D 18 43.99 8.13 16.83
CA LYS D 18 44.71 7.16 17.65
C LYS D 18 43.99 5.80 17.67
N LYS D 19 42.68 5.83 17.92
CA LYS D 19 41.87 4.62 18.11
C LYS D 19 41.46 3.87 16.82
N GLY D 20 41.98 4.33 15.68
CA GLY D 20 41.79 3.65 14.39
C GLY D 20 40.74 4.28 13.49
N PHE D 21 40.05 5.28 14.01
CA PHE D 21 38.94 5.85 13.32
C PHE D 21 39.39 6.94 12.36
N GLU D 22 38.82 6.90 11.15
CA GLU D 22 39.20 7.83 10.07
C GLU D 22 38.35 9.10 10.04
N GLY D 23 37.23 9.06 10.76
CA GLY D 23 36.38 10.22 10.90
C GLY D 23 35.09 9.98 11.65
N ALA D 24 34.36 11.07 11.88
CA ALA D 24 33.06 11.05 12.55
C ALA D 24 31.99 11.76 11.70
N LEU D 25 30.78 11.21 11.75
CA LEU D 25 29.60 11.82 11.15
C LEU D 25 28.74 12.25 12.30
N VAL D 26 28.27 13.48 12.28
CA VAL D 26 27.60 14.07 13.42
C VAL D 26 26.35 14.86 12.99
N ALA D 27 25.27 14.75 13.74
CA ALA D 27 24.04 15.49 13.44
C ALA D 27 23.89 16.67 14.40
N PRO D 28 22.93 17.56 14.13
CA PRO D 28 22.69 18.59 15.15
C PRO D 28 22.35 17.94 16.49
N GLY D 29 22.78 18.58 17.58
CA GLY D 29 22.73 17.97 18.91
C GLY D 29 23.95 18.32 19.73
N SER D 30 24.15 17.58 20.81
CA SER D 30 25.19 17.90 21.76
C SER D 30 26.59 17.88 21.18
N ASN D 31 26.94 16.79 20.47
CA ASN D 31 28.29 16.64 19.92
C ASN D 31 28.62 17.72 18.90
N PHE D 32 27.64 18.11 18.10
CA PHE D 32 27.85 19.09 17.05
C PHE D 32 28.19 20.40 17.71
N TYR D 33 27.42 20.72 18.76
CA TYR D 33 27.53 21.96 19.51
C TYR D 33 28.85 22.02 20.25
N TYR D 34 29.16 20.94 20.99
CA TYR D 34 30.45 20.83 21.65
C TYR D 34 31.62 21.07 20.72
N LEU D 35 31.49 20.55 19.49
CA LEU D 35 32.57 20.62 18.51
C LEU D 35 32.77 21.98 17.86
N THR D 36 31.67 22.64 17.47
CA THR D 36 31.70 23.76 16.54
C THR D 36 31.02 25.01 17.07
N GLY D 37 30.30 24.87 18.19
CA GLY D 37 29.53 25.96 18.77
C GLY D 37 28.25 26.30 18.04
N PHE D 38 27.88 25.49 17.04
CA PHE D 38 26.64 25.69 16.27
C PHE D 38 25.44 25.02 16.93
N ASN D 39 24.29 25.69 16.89
CA ASN D 39 23.08 25.20 17.59
C ASN D 39 21.84 25.51 16.73
N PRO D 40 21.73 24.85 15.55
CA PRO D 40 20.66 25.19 14.58
C PRO D 40 19.27 24.85 15.08
N LEU D 41 18.33 25.78 14.92
CA LEU D 41 16.98 25.66 15.46
C LEU D 41 16.13 24.90 14.46
N GLY D 42 15.42 23.89 14.94
CA GLY D 42 14.39 23.23 14.17
C GLY D 42 14.79 22.39 12.97
N THR D 43 15.92 21.70 13.05
CA THR D 43 16.38 20.89 11.92
C THR D 43 15.37 19.78 11.60
N LEU D 44 14.68 19.32 12.63
CA LEU D 44 13.60 18.31 12.51
C LEU D 44 13.96 17.19 11.52
N GLU D 45 13.22 17.06 10.42
CA GLU D 45 13.41 15.90 9.49
C GLU D 45 14.47 16.11 8.41
N ARG D 46 14.99 17.31 8.32
CA ARG D 46 15.78 17.77 7.21
C ARG D 46 17.22 17.29 7.46
N LEU D 47 17.83 16.63 6.48
CA LEU D 47 19.20 16.13 6.66
C LEU D 47 20.23 17.23 6.89
N PHE D 48 20.88 17.17 8.05
CA PHE D 48 21.85 18.15 8.44
C PHE D 48 23.02 17.40 9.10
N VAL D 49 24.14 17.26 8.39
CA VAL D 49 25.23 16.44 8.91
C VAL D 49 26.60 17.13 8.83
N LEU D 50 27.40 16.95 9.89
CA LEU D 50 28.79 17.34 9.89
C LEU D 50 29.69 16.14 9.55
N ILE D 51 30.58 16.36 8.57
CA ILE D 51 31.57 15.39 8.12
C ILE D 51 32.94 15.77 8.66
N LEU D 52 33.40 15.03 9.66
CA LEU D 52 34.62 15.36 10.35
C LEU D 52 35.66 14.29 10.08
N PRO D 53 36.61 14.57 9.17
CA PRO D 53 37.75 13.68 8.95
C PRO D 53 38.77 13.74 10.09
N SER D 54 39.74 12.85 10.03
CA SER D 54 40.84 12.84 10.95
C SER D 54 41.71 14.06 10.71
N GLU D 55 41.67 14.59 9.49
CA GLU D 55 42.46 15.76 9.11
C GLU D 55 41.87 16.34 7.84
N GLY D 56 42.20 17.59 7.54
CA GLY D 56 41.76 18.24 6.32
C GLY D 56 40.43 18.94 6.46
N LEU D 57 39.71 19.04 5.34
CA LEU D 57 38.58 19.94 5.20
C LEU D 57 37.30 19.40 5.86
N LEU D 58 36.75 20.14 6.81
CA LEU D 58 35.45 19.74 7.39
C LEU D 58 34.32 20.17 6.47
N THR D 59 33.28 19.35 6.38
CA THR D 59 32.13 19.66 5.52
C THR D 59 30.84 19.69 6.33
N ALA D 60 29.95 20.60 6.01
CA ALA D 60 28.62 20.57 6.58
C ALA D 60 27.57 20.52 5.46
N ILE D 61 26.78 19.44 5.44
CA ILE D 61 25.66 19.33 4.54
C ILE D 61 24.38 19.76 5.27
N ALA D 62 23.74 20.78 4.75
CA ALA D 62 22.62 21.40 5.43
C ALA D 62 21.62 22.03 4.47
N PRO D 63 20.38 22.25 4.92
CA PRO D 63 19.38 22.93 4.12
C PRO D 63 19.76 24.37 3.80
N ARG D 64 19.44 24.83 2.59
CA ARG D 64 19.72 26.18 2.16
C ARG D 64 19.21 27.25 3.12
N LEU D 65 18.19 26.96 3.93
CA LEU D 65 17.70 27.97 4.84
C LEU D 65 18.69 28.26 5.99
N TYR D 66 19.83 27.57 5.99
CA TYR D 66 20.77 27.76 7.09
C TYR D 66 22.03 28.49 6.62
N GLU D 67 21.94 29.02 5.40
CA GLU D 67 23.06 29.65 4.70
C GLU D 67 23.70 30.75 5.52
N LYS D 68 22.90 31.52 6.23
CA LYS D 68 23.46 32.60 7.04
C LYS D 68 24.15 32.15 8.35
N GLU D 69 23.53 31.21 9.08
CA GLU D 69 24.09 30.65 10.33
C GLU D 69 25.45 30.06 10.01
N LEU D 70 25.42 29.00 9.22
CA LEU D 70 26.57 28.39 8.56
C LEU D 70 27.15 29.54 7.78
N GLU D 71 28.40 29.50 7.38
CA GLU D 71 28.94 30.74 6.86
C GLU D 71 29.95 31.24 7.86
N GLU D 72 29.59 31.21 9.13
CA GLU D 72 30.56 31.20 10.24
C GLU D 72 31.26 29.83 10.40
N PHE D 73 30.79 28.83 9.67
CA PHE D 73 31.43 27.52 9.56
C PHE D 73 32.43 27.54 8.38
N ASN D 74 33.71 27.18 8.52
CA ASN D 74 34.44 26.57 9.59
C ASN D 74 35.74 26.20 8.85
N GLY D 75 35.69 25.48 7.69
CA GLY D 75 34.53 24.79 6.99
C GLY D 75 34.02 24.92 5.50
N GLU D 76 33.94 23.83 4.72
CA GLU D 76 33.12 23.79 3.47
C GLU D 76 31.59 23.50 3.70
N VAL D 77 30.73 24.34 3.11
CA VAL D 77 29.31 24.25 3.34
C VAL D 77 28.56 23.85 2.08
N VAL D 78 27.80 22.76 2.17
CA VAL D 78 27.03 22.24 1.04
C VAL D 78 25.56 22.45 1.37
N LEU D 79 24.90 23.37 0.65
CA LEU D 79 23.50 23.65 0.92
C LEU D 79 22.64 22.86 -0.03
N TRP D 80 21.49 22.36 0.44
CA TRP D 80 20.52 21.67 -0.45
C TRP D 80 19.13 22.24 -0.30
N SER D 81 18.41 22.31 -1.40
CA SER D 81 17.05 22.84 -1.45
C SER D 81 15.95 21.78 -1.29
N ASP D 82 14.75 22.19 -0.89
CA ASP D 82 13.66 21.23 -0.71
C ASP D 82 13.22 20.44 -1.94
N SER D 83 13.78 20.71 -3.11
CA SER D 83 13.43 19.88 -4.26
C SER D 83 14.47 18.78 -4.47
N GLU D 84 15.49 18.80 -3.63
CA GLU D 84 16.62 17.93 -3.82
C GLU D 84 16.63 16.73 -2.87
N ASN D 85 17.37 15.72 -3.28
CA ASN D 85 17.66 14.56 -2.44
C ASN D 85 19.00 14.76 -1.75
N PRO D 86 18.98 15.17 -0.45
CA PRO D 86 20.23 15.36 0.29
C PRO D 86 20.96 14.04 0.56
N TYR D 87 20.38 12.89 0.19
CA TYR D 87 21.11 11.62 0.32
C TYR D 87 22.07 11.34 -0.85
N LYS D 88 21.67 11.67 -2.07
CA LYS D 88 22.61 11.60 -3.20
C LYS D 88 23.90 12.41 -2.92
N ILE D 89 23.75 13.66 -2.49
CA ILE D 89 24.94 14.49 -2.19
C ILE D 89 25.71 14.00 -0.94
N PHE D 90 24.97 13.59 0.10
CA PHE D 90 25.56 13.01 1.32
C PHE D 90 26.43 11.81 1.00
N ALA D 91 25.88 10.87 0.25
CA ALA D 91 26.58 9.64 -0.06
C ALA D 91 27.78 9.94 -0.95
N THR D 92 27.69 11.01 -1.74
CA THR D 92 28.79 11.40 -2.61
C THR D 92 30.00 11.84 -1.80
N LYS D 93 29.80 12.80 -0.88
CA LYS D 93 30.88 13.32 -0.02
C LYS D 93 31.49 12.24 0.86
N ILE D 94 30.64 11.34 1.34
CA ILE D 94 31.12 10.15 2.02
C ILE D 94 32.09 9.39 1.12
N LYS D 95 31.64 9.05 -0.09
CA LYS D 95 32.38 8.18 -1.02
C LYS D 95 33.51 8.89 -1.75
N GLU D 96 34.08 9.88 -1.07
CA GLU D 96 34.96 10.83 -1.68
C GLU D 96 35.94 11.13 -0.57
N THR D 97 35.39 11.45 0.60
CA THR D 97 36.16 11.77 1.79
C THR D 97 36.83 10.51 2.37
N PHE D 98 36.08 9.42 2.48
CA PHE D 98 36.62 8.24 3.16
C PHE D 98 36.91 7.02 2.28
N LYS D 99 38.15 6.55 2.33
CA LYS D 99 38.52 5.28 1.69
C LYS D 99 37.51 4.21 2.11
N GLU D 100 37.04 3.45 1.14
CA GLU D 100 36.02 2.43 1.37
C GLU D 100 36.55 1.32 2.27
N GLY D 101 35.81 1.02 3.32
CA GLY D 101 36.17 -0.10 4.20
C GLY D 101 36.62 0.27 5.61
N GLU D 102 37.21 1.45 5.78
CA GLU D 102 37.69 1.89 7.08
C GLU D 102 36.55 2.33 8.01
N LYS D 103 36.82 2.29 9.30
CA LYS D 103 35.77 2.43 10.30
C LYS D 103 35.46 3.88 10.64
N LEU D 104 34.18 4.17 10.84
CA LEU D 104 33.77 5.54 11.11
C LEU D 104 32.93 5.66 12.37
N LEU D 105 32.99 6.82 13.02
CA LEU D 105 32.19 7.09 14.20
C LEU D 105 30.85 7.75 13.83
N ILE D 106 29.77 7.24 14.39
CA ILE D 106 28.48 7.85 14.17
C ILE D 106 27.86 8.44 15.43
N ASP D 107 27.27 9.62 15.29
CA ASP D 107 26.50 10.26 16.37
C ASP D 107 25.38 9.31 16.82
N ASP D 108 25.45 8.87 18.07
CA ASP D 108 24.57 7.83 18.60
C ASP D 108 23.11 8.20 18.38
N THR D 109 22.82 9.50 18.53
CA THR D 109 21.45 10.03 18.49
C THR D 109 20.89 10.31 17.10
N MET D 110 21.62 9.94 16.06
CA MET D 110 21.11 10.09 14.72
C MET D 110 20.00 9.09 14.49
N PRO D 111 18.89 9.52 13.88
CA PRO D 111 17.87 8.55 13.50
C PRO D 111 18.45 7.44 12.68
N VAL D 112 18.08 6.19 12.97
CA VAL D 112 18.54 5.10 12.15
C VAL D 112 17.96 5.24 10.74
N GLY D 113 16.89 6.02 10.63
CA GLY D 113 16.19 6.22 9.37
C GLY D 113 17.14 6.77 8.33
N VAL D 114 17.99 7.71 8.77
CA VAL D 114 19.01 8.28 7.92
C VAL D 114 19.90 7.18 7.35
N PHE D 115 20.26 6.21 8.19
CA PHE D 115 21.20 5.18 7.78
C PHE D 115 20.62 4.16 6.86
N LEU D 116 19.30 4.03 6.90
CA LEU D 116 18.63 3.16 5.95
C LEU D 116 18.48 3.80 4.56
N LYS D 117 18.38 5.12 4.52
CA LYS D 117 18.31 5.82 3.25
C LYS D 117 19.70 5.84 2.63
N ALA D 118 20.72 5.84 3.47
CA ALA D 118 22.09 5.71 3.00
C ALA D 118 22.60 4.26 3.08
N LYS D 119 21.69 3.32 2.84
CA LYS D 119 21.96 1.88 2.96
C LYS D 119 23.10 1.41 2.03
N ASP D 120 22.92 1.64 0.71
CA ASP D 120 23.90 1.15 -0.28
C ASP D 120 25.21 1.96 -0.27
N ILE D 121 25.40 2.75 0.78
CA ILE D 121 26.60 3.58 0.95
C ILE D 121 27.38 3.28 2.22
N PHE D 122 26.71 3.06 3.34
CA PHE D 122 27.40 2.79 4.61
C PHE D 122 27.72 1.32 4.85
N ASP D 123 27.13 0.44 4.03
CA ASP D 123 27.42 -0.98 4.12
C ASP D 123 28.86 -1.24 3.72
N LYS D 124 29.49 -0.19 3.21
CA LYS D 124 30.87 -0.24 2.73
C LYS D 124 31.85 0.12 3.85
N TYR D 125 31.31 0.60 4.97
CA TYR D 125 32.11 0.96 6.15
C TYR D 125 31.67 0.22 7.40
N SER D 126 32.62 0.03 8.31
CA SER D 126 32.33 -0.50 9.63
C SER D 126 31.87 0.67 10.54
N LEU D 127 30.69 0.56 11.12
CA LEU D 127 30.19 1.66 11.95
C LEU D 127 30.16 1.38 13.47
N HIS D 128 30.62 2.38 14.23
CA HIS D 128 30.81 2.32 15.66
C HIS D 128 30.31 3.61 16.24
N PRO D 129 29.73 3.56 17.44
CA PRO D 129 29.07 4.75 17.99
C PRO D 129 30.08 5.80 18.44
N ILE D 130 29.69 7.07 18.49
CA ILE D 130 30.63 8.12 18.79
C ILE D 130 30.85 8.35 20.29
N SER D 131 29.81 8.15 21.10
CA SER D 131 29.89 8.48 22.52
C SER D 131 31.09 7.81 23.24
N PRO D 132 31.32 6.49 23.03
CA PRO D 132 32.50 5.92 23.72
C PRO D 132 33.74 6.80 23.58
N VAL D 133 33.88 7.46 22.44
CA VAL D 133 35.10 8.20 22.15
C VAL D 133 35.03 9.66 22.62
N ILE D 134 33.90 10.31 22.42
CA ILE D 134 33.83 11.73 22.69
C ILE D 134 33.49 12.04 24.16
N SER D 135 32.79 11.11 24.81
CA SER D 135 32.44 11.26 26.21
C SER D 135 33.71 11.51 27.03
N GLU D 136 34.81 10.90 26.60
CA GLU D 136 36.08 11.06 27.28
C GLU D 136 36.52 12.53 27.28
N LEU D 137 36.11 13.28 26.26
CA LEU D 137 36.41 14.72 26.14
C LEU D 137 35.47 15.60 26.99
N ARG D 138 34.18 15.34 26.89
CA ARG D 138 33.14 16.15 27.53
C ARG D 138 33.03 16.01 29.06
N GLU D 139 33.46 14.87 29.61
CA GLU D 139 33.27 14.59 31.04
C GLU D 139 34.29 15.34 31.91
N ILE D 140 35.26 15.97 31.26
CA ILE D 140 36.24 16.83 31.92
C ILE D 140 36.06 18.26 31.41
N LYS D 141 35.48 19.09 32.25
CA LYS D 141 35.24 20.48 31.91
C LYS D 141 36.47 21.32 32.22
N ASP D 142 36.85 22.19 31.29
CA ASP D 142 37.84 23.25 31.57
C ASP D 142 37.20 24.33 32.45
N LYS D 143 38.00 25.27 32.96
CA LYS D 143 37.40 26.25 33.85
C LYS D 143 36.35 27.19 33.21
N ASP D 144 36.34 27.26 31.87
CA ASP D 144 35.31 27.99 31.13
C ASP D 144 33.98 27.28 31.34
N GLU D 145 33.98 25.98 31.07
CA GLU D 145 32.79 25.17 31.15
C GLU D 145 32.17 25.16 32.56
N ILE D 146 33.02 24.94 33.58
CA ILE D 146 32.63 24.98 34.98
C ILE D 146 31.98 26.34 35.33
N LYS D 147 32.58 27.42 34.85
CA LYS D 147 32.04 28.74 35.07
C LYS D 147 30.59 28.86 34.51
N ALA D 148 30.33 28.27 33.35
CA ALA D 148 29.00 28.28 32.77
C ALA D 148 28.02 27.49 33.66
N HIS D 149 28.36 26.26 34.02
CA HIS D 149 27.63 25.51 35.02
C HIS D 149 27.40 26.31 36.28
N LYS D 150 28.43 27.02 36.72
CA LYS D 150 28.37 27.77 37.95
C LYS D 150 27.19 28.71 37.86
N LYS D 151 27.13 29.39 36.71
CA LYS D 151 26.16 30.43 36.42
C LYS D 151 24.77 29.84 36.22
N ALA D 152 24.70 28.76 35.45
CA ALA D 152 23.50 27.95 35.36
C ALA D 152 22.90 27.57 36.72
N ALA D 153 23.77 27.37 37.71
CA ALA D 153 23.39 26.81 39.00
C ALA D 153 22.78 27.89 39.86
N GLU D 154 23.36 29.09 39.73
CA GLU D 154 22.92 30.27 40.46
C GLU D 154 21.53 30.74 40.04
N ILE D 155 21.31 30.78 38.73
CA ILE D 155 20.00 31.03 38.13
C ILE D 155 18.94 30.13 38.76
N VAL D 156 19.33 28.90 38.98
CA VAL D 156 18.39 27.88 39.39
C VAL D 156 18.18 27.92 40.91
N ASP D 157 19.20 28.39 41.64
CA ASP D 157 19.09 28.74 43.06
C ASP D 157 18.24 30.00 43.30
N LYS D 158 18.37 31.01 42.44
CA LYS D 158 17.56 32.23 42.61
C LYS D 158 16.07 31.97 42.39
N VAL D 159 15.80 31.17 41.35
CA VAL D 159 14.45 30.81 40.96
C VAL D 159 13.76 30.15 42.14
N PHE D 160 14.53 29.34 42.89
CA PHE D 160 13.95 28.60 43.96
C PHE D 160 13.35 29.51 45.01
N TYR D 161 14.02 30.62 45.29
CA TYR D 161 13.59 31.54 46.34
C TYR D 161 12.42 32.38 45.90
N ARG D 162 12.33 32.67 44.61
CA ARG D 162 11.28 33.54 44.11
C ARG D 162 10.07 32.70 43.86
N PHE D 163 10.29 31.47 43.38
CA PHE D 163 9.21 30.53 43.23
C PHE D 163 8.43 30.21 44.51
N ILE D 164 9.12 29.88 45.60
CA ILE D 164 8.42 29.55 46.86
C ILE D 164 7.68 30.74 47.55
N GLU D 165 7.76 31.94 46.99
CA GLU D 165 7.08 33.12 47.57
C GLU D 165 5.62 33.20 47.18
N GLY D 166 5.36 32.97 45.89
CA GLY D 166 4.02 32.91 45.31
C GLY D 166 3.17 31.78 45.89
N LYS D 167 1.87 31.84 45.64
CA LYS D 167 0.94 30.91 46.29
C LYS D 167 0.81 29.63 45.45
N LEU D 168 1.07 28.51 46.11
CA LEU D 168 1.08 27.20 45.47
C LEU D 168 -0.27 26.49 45.48
N GLU D 169 -1.03 26.64 46.56
CA GLU D 169 -2.29 25.94 46.70
C GLU D 169 -3.35 26.46 45.74
N GLY D 170 -4.01 25.54 45.05
CA GLY D 170 -5.07 25.91 44.10
C GLY D 170 -4.57 25.88 42.68
N LYS D 171 -3.25 25.86 42.54
CA LYS D 171 -2.60 25.83 41.23
C LYS D 171 -2.23 24.38 40.86
N SER D 172 -2.47 24.01 39.61
CA SER D 172 -2.12 22.69 39.08
C SER D 172 -0.62 22.51 38.89
N GLU D 173 -0.16 21.28 38.99
CA GLU D 173 1.25 21.00 38.71
C GLU D 173 1.59 21.64 37.35
N ARG D 174 0.66 21.58 36.40
CA ARG D 174 0.90 22.14 35.05
C ARG D 174 1.26 23.60 35.18
N GLU D 175 0.51 24.34 36.01
CA GLU D 175 0.67 25.77 36.19
C GLU D 175 1.99 26.09 36.86
N LEU D 176 2.34 25.32 37.87
CA LEU D 176 3.54 25.54 38.63
C LEU D 176 4.74 25.30 37.73
N ALA D 177 4.75 24.18 37.01
CA ALA D 177 5.76 23.91 36.00
C ALA D 177 5.96 25.12 35.05
N ASN D 178 4.85 25.63 34.49
CA ASN D 178 4.96 26.71 33.53
C ASN D 178 5.60 27.94 34.16
N ARG D 179 5.24 28.20 35.43
CA ARG D 179 5.77 29.35 36.16
C ARG D 179 7.31 29.27 36.35
N ILE D 180 7.81 28.13 36.79
CA ILE D 180 9.23 27.87 36.85
C ILE D 180 9.86 28.18 35.48
N GLU D 181 9.30 27.58 34.42
CA GLU D 181 9.79 27.78 33.07
C GLU D 181 9.97 29.26 32.72
N TYR D 182 8.88 30.03 32.80
CA TYR D 182 8.90 31.47 32.60
C TYR D 182 9.94 32.23 33.48
N MET D 183 9.99 31.90 34.77
CA MET D 183 10.96 32.44 35.72
C MET D 183 12.40 32.10 35.32
N ILE D 184 12.66 30.85 34.96
CA ILE D 184 13.98 30.49 34.49
C ILE D 184 14.46 31.35 33.28
N LYS D 185 13.58 31.73 32.36
CA LYS D 185 14.04 32.51 31.18
C LYS D 185 13.71 34.01 31.20
N ASN D 186 13.23 34.52 32.32
CA ASN D 186 13.18 35.98 32.56
C ASN D 186 13.45 36.22 34.05
N GLU D 187 14.59 35.72 34.54
CA GLU D 187 15.08 36.11 35.84
C GLU D 187 15.61 37.55 35.69
N PHE D 188 16.84 37.84 35.24
CA PHE D 188 17.92 36.92 34.70
C PHE D 188 17.43 35.80 33.76
N GLY D 189 17.12 36.18 32.52
CA GLY D 189 16.74 35.24 31.51
C GLY D 189 17.89 34.32 31.18
N ALA D 190 17.66 33.02 31.31
CA ALA D 190 18.67 32.03 30.93
C ALA D 190 18.46 31.71 29.48
N ASP D 191 19.43 31.08 28.83
CA ASP D 191 19.26 30.75 27.40
C ASP D 191 17.95 29.95 27.18
N ASP D 192 17.83 28.85 27.92
CA ASP D 192 16.66 28.02 27.92
C ASP D 192 16.65 27.22 29.24
N VAL D 193 15.58 26.46 29.47
CA VAL D 193 15.59 25.49 30.53
C VAL D 193 16.46 24.40 29.99
N SER D 194 16.89 23.49 30.86
CA SER D 194 17.69 22.37 30.40
C SER D 194 16.78 21.20 30.17
N PHE D 195 15.64 21.20 30.83
CA PHE D 195 14.59 20.22 30.56
C PHE D 195 13.26 20.87 30.97
N GLU D 196 12.14 20.25 30.59
CA GLU D 196 10.85 20.78 30.98
C GLU D 196 10.67 20.47 32.46
N PRO D 197 10.42 21.50 33.27
CA PRO D 197 10.35 21.32 34.72
C PRO D 197 9.37 20.24 35.18
N ILE D 198 9.78 19.52 36.21
CA ILE D 198 8.95 18.54 36.87
C ILE D 198 8.42 19.12 38.18
N VAL D 199 7.10 19.10 38.32
CA VAL D 199 6.41 19.46 39.56
C VAL D 199 5.53 18.27 39.87
N ALA D 200 5.81 17.62 40.99
CA ALA D 200 5.14 16.38 41.32
C ALA D 200 4.57 16.43 42.74
N SER D 201 3.24 16.46 42.85
CA SER D 201 2.59 16.70 44.12
C SER D 201 1.76 15.54 44.57
N GLY D 202 1.87 15.24 45.86
CA GLY D 202 1.12 14.18 46.51
C GLY D 202 1.48 12.81 45.97
N PRO D 203 0.46 11.98 45.73
CA PRO D 203 0.64 10.66 45.14
C PRO D 203 1.57 10.72 43.92
N ASN D 204 1.47 11.80 43.15
CA ASN D 204 2.27 11.94 41.97
C ASN D 204 3.79 12.13 42.24
N GLY D 205 4.13 12.32 43.52
CA GLY D 205 5.51 12.47 43.96
C GLY D 205 6.34 11.21 43.76
N ALA D 206 5.66 10.07 43.77
CA ALA D 206 6.32 8.77 43.72
C ALA D 206 6.77 8.29 42.33
N ASN D 207 6.41 9.00 41.26
CA ASN D 207 6.85 8.62 39.90
C ASN D 207 7.99 9.55 39.44
N PRO D 208 9.26 9.17 39.71
CA PRO D 208 10.42 10.06 39.67
C PRO D 208 10.55 10.87 38.38
N HIS D 209 10.27 10.22 37.25
CA HIS D 209 10.01 10.94 36.00
C HIS D 209 8.52 10.96 35.85
N HIS D 210 7.94 12.18 35.87
CA HIS D 210 6.50 12.38 35.93
C HIS D 210 6.07 13.58 35.17
N ARG D 211 5.06 13.39 34.34
CA ARG D 211 4.56 14.47 33.54
C ARG D 211 3.62 15.27 34.45
N PRO D 212 3.93 16.55 34.74
CA PRO D 212 3.02 17.37 35.56
C PRO D 212 1.59 17.32 35.06
N SER D 213 0.64 16.93 35.93
CA SER D 213 -0.75 16.73 35.49
C SER D 213 -1.66 17.96 35.67
N HIS D 214 -2.96 17.74 35.87
CA HIS D 214 -3.88 18.85 36.13
C HIS D 214 -4.21 18.89 37.58
N ARG D 215 -3.53 18.05 38.34
CA ARG D 215 -3.73 17.93 39.77
C ARG D 215 -3.37 19.21 40.52
N LYS D 216 -4.35 19.76 41.23
CA LYS D 216 -4.15 20.93 42.07
C LYS D 216 -3.39 20.59 43.33
N ILE D 217 -2.42 21.43 43.69
CA ILE D 217 -1.70 21.32 44.96
C ILE D 217 -2.61 21.70 46.12
N ARG D 218 -2.62 20.89 47.19
CA ARG D 218 -3.51 21.11 48.34
C ARG D 218 -2.75 21.08 49.66
N LYS D 219 -3.39 21.56 50.73
CA LYS D 219 -2.87 21.43 52.09
C LYS D 219 -2.62 19.95 52.36
N GLY D 220 -1.48 19.63 52.98
CA GLY D 220 -1.11 18.24 53.18
C GLY D 220 -0.15 17.66 52.15
N ASP D 221 -0.26 18.10 50.89
CA ASP D 221 0.62 17.67 49.81
C ASP D 221 2.10 17.90 50.08
N VAL D 222 2.94 16.90 49.84
CA VAL D 222 4.35 17.20 49.64
C VAL D 222 4.57 17.33 48.15
N VAL D 223 5.45 18.25 47.76
CA VAL D 223 5.67 18.62 46.38
C VAL D 223 7.14 18.72 46.07
N ILE D 224 7.57 17.95 45.05
CA ILE D 224 8.93 17.97 44.55
C ILE D 224 8.98 18.92 43.39
N PHE D 225 10.03 19.76 43.38
CA PHE D 225 10.34 20.62 42.24
C PHE D 225 11.68 20.25 41.75
N ASP D 226 11.77 20.10 40.44
CA ASP D 226 12.93 19.50 39.83
C ASP D 226 13.11 20.17 38.49
N TYR D 227 14.16 20.98 38.39
CA TYR D 227 14.22 21.86 37.23
C TYR D 227 15.64 22.33 36.97
N GLY D 228 15.88 22.93 35.80
CA GLY D 228 17.25 23.21 35.40
C GLY D 228 17.35 24.33 34.38
N ALA D 229 18.55 24.91 34.28
CA ALA D 229 18.76 26.00 33.36
C ALA D 229 19.96 25.72 32.50
N LYS D 230 20.01 26.42 31.35
CA LYS D 230 21.14 26.36 30.43
C LYS D 230 21.81 27.70 30.49
N TYR D 231 23.14 27.72 30.53
CA TYR D 231 23.85 28.98 30.43
C TYR D 231 25.04 28.72 29.51
N LEU D 232 25.21 29.59 28.51
CA LEU D 232 26.15 29.32 27.41
C LEU D 232 26.21 27.82 27.11
N GLY D 233 25.05 27.19 26.95
CA GLY D 233 24.95 25.80 26.49
C GLY D 233 25.05 24.75 27.59
N TYR D 234 25.56 25.13 28.75
CA TYR D 234 25.82 24.18 29.83
C TYR D 234 24.68 24.10 30.86
N CYS D 235 24.32 22.85 31.20
CA CYS D 235 23.12 22.51 31.98
C CYS D 235 23.26 22.46 33.52
N SER D 236 22.31 23.10 34.22
CA SER D 236 22.11 22.88 35.66
C SER D 236 20.83 22.05 35.89
N ASP D 237 20.61 21.61 37.12
CA ASP D 237 19.51 20.69 37.36
C ASP D 237 19.39 20.45 38.85
N VAL D 238 18.33 20.97 39.43
CA VAL D 238 18.16 21.00 40.86
C VAL D 238 16.79 20.43 41.25
N THR D 239 16.74 19.77 42.41
CA THR D 239 15.48 19.34 43.01
C THR D 239 15.36 19.77 44.46
N ARG D 240 14.21 20.34 44.79
CA ARG D 240 13.88 20.66 46.17
C ARG D 240 12.50 20.08 46.48
N THR D 241 12.24 19.85 47.77
CA THR D 241 11.00 19.22 48.20
C THR D 241 10.47 19.95 49.42
N VAL D 242 9.24 20.43 49.32
CA VAL D 242 8.61 21.25 50.34
C VAL D 242 7.29 20.60 50.77
N VAL D 243 6.69 21.12 51.84
CA VAL D 243 5.37 20.69 52.26
C VAL D 243 4.42 21.87 52.30
N VAL D 244 3.19 21.63 51.86
CA VAL D 244 2.14 22.60 52.02
C VAL D 244 1.34 22.28 53.28
N GLY D 245 1.49 23.16 54.26
CA GLY D 245 0.94 22.94 55.59
C GLY D 245 1.93 22.10 56.40
N PRO D 246 1.82 22.17 57.74
CA PRO D 246 2.74 21.48 58.63
C PRO D 246 2.88 19.99 58.30
N PRO D 247 4.14 19.50 58.16
CA PRO D 247 4.54 18.15 57.74
C PRO D 247 4.03 16.95 58.61
N SER D 248 3.52 15.93 57.92
CA SER D 248 2.83 14.79 58.55
C SER D 248 3.66 13.77 59.32
N GLU D 249 4.89 14.08 59.70
CA GLU D 249 5.65 13.14 60.55
C GLU D 249 6.27 11.94 59.78
N GLU D 250 5.46 11.12 59.11
CA GLU D 250 5.99 10.19 58.11
C GLU D 250 6.85 10.93 57.06
N VAL D 251 6.35 12.07 56.58
CA VAL D 251 7.06 13.00 55.69
C VAL D 251 8.33 13.56 56.33
N LYS D 252 8.22 13.98 57.58
CA LYS D 252 9.36 14.52 58.32
C LYS D 252 10.44 13.47 58.43
N LYS D 253 10.02 12.22 58.63
CA LYS D 253 10.96 11.10 58.78
C LYS D 253 11.64 10.74 57.47
N VAL D 254 10.85 10.47 56.45
CA VAL D 254 11.40 10.27 55.11
C VAL D 254 12.29 11.45 54.71
N TYR D 255 11.84 12.69 54.90
CA TYR D 255 12.68 13.84 54.50
C TYR D 255 14.04 13.80 55.18
N GLU D 256 14.09 13.47 56.46
CA GLU D 256 15.36 13.55 57.15
C GLU D 256 16.35 12.59 56.51
N ILE D 257 15.88 11.37 56.26
CA ILE D 257 16.67 10.30 55.66
C ILE D 257 17.26 10.70 54.27
N VAL D 258 16.42 11.09 53.32
CA VAL D 258 16.86 11.58 52.04
C VAL D 258 17.89 12.69 52.24
N LYS D 259 17.65 13.58 53.19
CA LYS D 259 18.56 14.70 53.41
C LYS D 259 19.91 14.17 53.89
N GLU D 260 19.85 13.32 54.92
CA GLU D 260 21.01 12.70 55.53
C GLU D 260 21.85 11.99 54.46
N ALA D 261 21.18 11.26 53.58
CA ALA D 261 21.85 10.56 52.51
C ALA D 261 22.45 11.56 51.51
N GLN D 262 21.71 12.62 51.19
CA GLN D 262 22.21 13.58 50.20
C GLN D 262 23.48 14.25 50.65
N GLU D 263 23.48 14.73 51.89
CA GLU D 263 24.58 15.53 52.40
C GLU D 263 25.88 14.73 52.52
N THR D 264 25.77 13.46 52.92
CA THR D 264 26.96 12.64 53.21
C THR D 264 27.58 12.10 51.93
N ALA D 265 26.71 11.82 50.96
CA ALA D 265 27.15 11.42 49.63
C ALA D 265 27.77 12.59 48.84
N VAL D 266 27.30 13.83 49.09
CA VAL D 266 28.01 15.03 48.55
C VAL D 266 29.41 15.08 49.14
N GLN D 267 29.50 14.94 50.45
CA GLN D 267 30.78 14.99 51.17
C GLN D 267 31.76 13.87 50.77
N LYS D 268 31.23 12.71 50.36
CA LYS D 268 32.04 11.55 49.97
C LYS D 268 32.73 11.75 48.63
N VAL D 269 32.29 12.75 47.87
CA VAL D 269 32.89 13.05 46.56
C VAL D 269 34.30 13.60 46.76
N ALA D 270 35.21 13.23 45.84
CA ALA D 270 36.63 13.61 45.84
C ALA D 270 37.34 12.95 44.63
N GLU D 271 38.36 13.58 44.07
CA GLU D 271 39.09 12.94 42.96
C GLU D 271 39.67 11.59 43.45
N GLY D 272 39.70 10.61 42.57
CA GLY D 272 40.30 9.32 42.88
C GLY D 272 39.37 8.32 43.53
N ILE D 273 38.12 8.69 43.75
CA ILE D 273 37.16 7.74 44.36
C ILE D 273 36.08 7.29 43.35
N PRO D 274 35.69 5.99 43.41
CA PRO D 274 34.75 5.40 42.45
C PRO D 274 33.32 5.98 42.50
N ALA D 275 32.72 6.14 41.33
CA ALA D 275 31.34 6.61 41.25
C ALA D 275 30.43 5.78 42.17
N GLU D 276 30.64 4.47 42.16
CA GLU D 276 29.76 3.53 42.84
C GLU D 276 29.84 3.61 44.36
N VAL D 277 30.98 4.08 44.87
CA VAL D 277 31.13 4.32 46.30
C VAL D 277 30.16 5.42 46.77
N VAL D 278 30.20 6.55 46.08
CA VAL D 278 29.30 7.68 46.32
C VAL D 278 27.85 7.22 46.25
N ASP D 279 27.50 6.47 45.20
CA ASP D 279 26.16 5.91 45.12
C ASP D 279 25.86 5.14 46.37
N ALA D 280 26.72 4.18 46.68
CA ALA D 280 26.58 3.30 47.84
C ALA D 280 26.49 4.03 49.18
N THR D 281 27.15 5.20 49.27
CA THR D 281 27.17 6.02 50.49
C THR D 281 25.78 6.61 50.78
N ALA D 282 25.15 7.15 49.73
CA ALA D 282 23.76 7.50 49.80
C ALA D 282 22.92 6.23 49.98
N ARG D 283 22.91 5.39 48.94
CA ARG D 283 22.09 4.19 48.86
C ARG D 283 22.08 3.33 50.10
N GLY D 284 23.23 3.21 50.77
CA GLY D 284 23.31 2.47 52.05
C GLY D 284 22.43 3.05 53.15
N ILE D 285 22.29 4.37 53.17
CA ILE D 285 21.58 5.06 54.25
C ILE D 285 20.05 4.88 54.14
N ILE D 286 19.51 5.06 52.93
CA ILE D 286 18.11 4.74 52.58
C ILE D 286 17.71 3.24 52.70
N SER D 287 18.60 2.32 52.30
CA SER D 287 18.42 0.91 52.64
C SER D 287 18.45 0.75 54.15
N LYS D 288 19.40 1.44 54.78
CA LYS D 288 19.65 1.25 56.21
C LYS D 288 18.43 1.57 57.06
N TYR D 289 17.51 2.35 56.53
CA TYR D 289 16.26 2.63 57.22
C TYR D 289 15.08 1.86 56.62
N GLY D 290 15.35 0.83 55.80
CA GLY D 290 14.31 -0.03 55.20
C GLY D 290 13.56 0.50 53.96
N TYR D 291 14.08 1.56 53.34
CA TYR D 291 13.46 2.13 52.14
C TYR D 291 14.19 1.80 50.84
N GLY D 292 15.14 0.89 50.89
CA GLY D 292 15.89 0.55 49.71
C GLY D 292 15.03 0.23 48.51
N GLU D 293 13.83 -0.33 48.74
CA GLU D 293 12.97 -0.73 47.62
C GLU D 293 12.27 0.45 46.97
N TYR D 294 12.25 1.59 47.66
CA TYR D 294 11.60 2.81 47.18
C TYR D 294 12.61 3.85 46.68
N PHE D 295 13.90 3.53 46.78
CA PHE D 295 14.96 4.32 46.14
C PHE D 295 15.19 3.72 44.77
N ILE D 296 14.41 4.13 43.77
CA ILE D 296 14.47 3.42 42.47
C ILE D 296 15.26 4.11 41.31
N HIS D 297 16.46 4.62 41.62
CA HIS D 297 17.33 5.20 40.58
C HIS D 297 18.74 5.47 41.07
N ARG D 298 19.65 5.81 40.15
CA ARG D 298 21.01 6.28 40.45
C ARG D 298 21.02 7.40 41.52
N THR D 299 22.14 7.53 42.20
CA THR D 299 22.38 8.69 43.05
C THR D 299 22.47 9.99 42.22
N GLY D 300 22.91 9.89 40.96
CA GLY D 300 23.03 11.00 40.04
C GLY D 300 23.67 10.73 38.68
N HIS D 301 23.54 11.70 37.79
CA HIS D 301 24.05 11.68 36.43
C HIS D 301 24.91 12.87 36.24
N GLY D 302 25.82 12.79 35.27
CA GLY D 302 26.60 13.94 34.87
C GLY D 302 25.75 14.98 34.15
N LEU D 303 26.30 16.18 33.99
CA LEU D 303 25.66 17.27 33.26
C LEU D 303 26.73 17.92 32.42
N GLY D 304 26.31 18.56 31.32
CA GLY D 304 27.21 19.34 30.54
C GLY D 304 26.37 20.00 29.49
N ILE D 305 26.60 19.58 28.26
CA ILE D 305 25.79 20.06 27.21
C ILE D 305 24.39 19.40 27.27
N ASP D 306 24.32 18.16 27.75
CA ASP D 306 23.06 17.44 28.11
C ASP D 306 22.83 17.39 29.62
N VAL D 307 21.58 17.14 30.01
CA VAL D 307 21.27 16.95 31.41
C VAL D 307 21.58 15.55 31.87
N HIS D 308 21.96 14.70 30.93
CA HIS D 308 22.25 13.31 31.21
C HIS D 308 23.47 12.90 30.45
N GLU D 309 24.62 12.94 31.12
CA GLU D 309 25.86 12.47 30.50
C GLU D 309 26.78 11.90 31.57
N GLU D 310 28.00 11.52 31.20
CA GLU D 310 28.95 10.92 32.17
C GLU D 310 29.51 11.94 33.17
N PRO D 311 29.90 11.49 34.38
CA PRO D 311 29.80 10.17 34.99
C PRO D 311 28.45 9.89 35.62
N TYR D 312 28.11 8.62 35.62
CA TYR D 312 26.89 8.17 36.23
C TYR D 312 27.18 7.62 37.62
N ILE D 313 26.64 8.30 38.63
CA ILE D 313 26.82 7.89 40.02
C ILE D 313 25.88 6.71 40.31
N SER D 314 26.08 5.63 39.56
CA SER D 314 25.21 4.46 39.59
C SER D 314 25.84 3.31 40.42
N PRO D 315 25.00 2.38 40.93
CA PRO D 315 25.50 1.47 41.97
C PRO D 315 26.56 0.44 41.54
N GLY D 316 27.04 0.50 40.31
CA GLY D 316 28.06 -0.46 39.86
C GLY D 316 29.10 0.11 38.93
N ASN D 317 29.38 1.40 39.09
CA ASN D 317 30.34 2.11 38.23
C ASN D 317 31.71 2.20 38.90
N LYS D 318 32.70 1.62 38.22
CA LYS D 318 34.06 1.61 38.71
C LYS D 318 34.81 2.89 38.34
N LYS D 319 34.19 3.75 37.51
CA LYS D 319 34.87 4.97 37.03
C LYS D 319 35.43 5.80 38.18
N ILE D 320 36.73 6.07 38.14
CA ILE D 320 37.37 6.86 39.17
C ILE D 320 36.83 8.27 38.92
N LEU D 321 36.49 8.96 39.99
CA LEU D 321 35.99 10.32 39.81
C LEU D 321 37.18 11.23 39.65
N LYS D 322 37.04 12.24 38.80
CA LYS D 322 38.17 13.07 38.43
C LYS D 322 37.84 14.56 38.30
N ASP D 323 38.84 15.39 38.64
CA ASP D 323 38.75 16.85 38.51
C ASP D 323 38.18 17.20 37.15
N GLY D 324 37.09 17.98 37.15
CA GLY D 324 36.53 18.52 35.91
C GLY D 324 35.18 17.90 35.59
N MET D 325 34.81 16.88 36.36
CA MET D 325 33.55 16.18 36.14
C MET D 325 32.47 16.99 36.83
N VAL D 326 31.27 16.97 36.28
CA VAL D 326 30.17 17.69 36.85
C VAL D 326 28.97 16.78 36.80
N PHE D 327 28.21 16.70 37.89
CA PHE D 327 27.13 15.69 38.06
C PHE D 327 26.21 16.01 39.23
N THR D 328 25.06 15.35 39.26
CA THR D 328 24.05 15.56 40.31
C THR D 328 24.21 14.51 41.38
N ILE D 329 23.75 14.85 42.59
CA ILE D 329 23.70 13.97 43.78
C ILE D 329 22.27 14.11 44.29
N GLU D 330 21.45 13.10 44.06
CA GLU D 330 20.03 13.24 44.27
C GLU D 330 19.40 11.97 44.82
N PRO D 331 19.84 11.52 46.00
CA PRO D 331 19.14 10.36 46.56
C PRO D 331 17.67 10.70 46.81
N GLY D 332 16.78 9.74 46.63
CA GLY D 332 15.34 9.96 46.81
C GLY D 332 14.60 8.72 47.29
N ILE D 333 13.45 8.95 47.92
CA ILE D 333 12.52 7.88 48.37
C ILE D 333 11.10 8.12 47.82
N TYR D 334 10.49 7.07 47.26
CA TYR D 334 9.24 7.24 46.52
C TYR D 334 8.20 6.22 46.95
N LEU D 335 7.24 6.67 47.77
CA LEU D 335 6.22 5.77 48.30
C LEU D 335 4.96 5.78 47.44
N GLN D 336 4.60 4.62 46.90
CA GLN D 336 3.53 4.54 45.91
C GLN D 336 2.16 4.81 46.54
N GLY D 337 1.46 5.79 45.97
CA GLY D 337 0.12 6.17 46.43
C GLY D 337 0.10 7.12 47.62
N LYS D 338 1.28 7.59 48.02
CA LYS D 338 1.40 8.55 49.10
C LYS D 338 2.07 9.81 48.56
N PHE D 339 3.40 9.74 48.45
CA PHE D 339 4.26 10.88 48.09
C PHE D 339 5.71 10.47 47.74
N GLY D 340 6.52 11.45 47.35
CA GLY D 340 7.95 11.22 47.16
C GLY D 340 8.78 12.34 47.76
N VAL D 341 10.07 12.06 48.03
CA VAL D 341 11.05 13.05 48.47
C VAL D 341 12.42 12.91 47.75
N ARG D 342 12.94 14.01 47.21
CA ARG D 342 14.26 14.03 46.59
C ARG D 342 14.96 15.34 46.85
N ILE D 343 16.25 15.26 47.19
CA ILE D 343 17.10 16.47 47.31
C ILE D 343 18.32 16.34 46.37
N GLU D 344 18.44 17.27 45.40
CA GLU D 344 19.43 17.20 44.34
C GLU D 344 20.30 18.45 44.21
N ASP D 345 21.62 18.25 44.19
CA ASP D 345 22.51 19.35 43.90
C ASP D 345 23.38 19.06 42.68
N ASP D 346 23.97 20.12 42.15
CA ASP D 346 24.94 19.96 41.12
C ASP D 346 26.30 20.13 41.78
N VAL D 347 27.19 19.19 41.55
CA VAL D 347 28.51 19.15 42.15
C VAL D 347 29.58 19.21 41.06
N ALA D 348 30.61 20.03 41.29
CA ALA D 348 31.83 20.01 40.47
C ALA D 348 33.02 19.45 41.25
N LEU D 349 33.84 18.70 40.55
CA LEU D 349 35.12 18.31 41.11
C LEU D 349 36.18 19.33 40.72
N VAL D 350 36.65 20.13 41.69
CA VAL D 350 37.80 21.04 41.48
C VAL D 350 38.87 20.90 42.55
N ASP D 351 40.13 21.02 42.12
CA ASP D 351 41.30 20.81 42.99
C ASP D 351 41.15 19.61 43.91
N LYS D 352 40.75 18.47 43.36
CA LYS D 352 40.62 17.21 44.12
C LYS D 352 39.36 17.11 45.00
N LYS D 353 38.72 18.25 45.26
CA LYS D 353 37.59 18.34 46.19
C LYS D 353 36.23 18.33 45.47
N GLY D 354 35.18 17.85 46.15
CA GLY D 354 33.83 17.96 45.62
C GLY D 354 33.22 19.29 46.02
N ILE D 355 32.66 20.04 45.06
CA ILE D 355 32.10 21.37 45.34
C ILE D 355 30.66 21.49 44.87
N ARG D 356 29.76 21.89 45.77
CA ARG D 356 28.37 22.21 45.35
C ARG D 356 28.35 23.47 44.50
N LEU D 357 27.69 23.38 43.35
CA LEU D 357 27.41 24.53 42.53
C LEU D 357 26.08 25.14 42.95
N THR D 358 25.08 24.29 43.21
CA THR D 358 23.82 24.73 43.76
C THR D 358 23.83 24.68 45.31
N ASN D 359 23.33 25.74 45.95
CA ASN D 359 23.21 25.72 47.41
C ASN D 359 21.89 26.21 48.04
N ALA D 360 20.81 26.18 47.28
CA ALA D 360 19.53 26.60 47.82
C ALA D 360 19.22 25.86 49.12
N ASP D 361 18.68 26.59 50.08
CA ASP D 361 18.21 25.99 51.31
C ASP D 361 17.74 24.54 51.12
N ARG D 362 18.22 23.66 51.98
CA ARG D 362 17.85 22.25 51.89
C ARG D 362 16.99 21.77 53.06
N GLU D 363 16.66 22.69 53.98
CA GLU D 363 15.79 22.41 55.11
C GLU D 363 14.42 22.16 54.56
N LEU D 364 13.69 21.27 55.22
CA LEU D 364 12.31 21.04 54.88
C LEU D 364 11.54 22.29 55.23
N ILE D 365 11.02 22.95 54.20
CA ILE D 365 10.27 24.20 54.32
C ILE D 365 8.76 23.93 54.31
N THR D 366 8.06 24.46 55.31
CA THR D 366 6.59 24.48 55.32
C THR D 366 6.03 25.75 54.68
N LEU D 367 5.06 25.57 53.79
CA LEU D 367 4.51 26.66 52.98
C LEU D 367 3.05 26.88 53.29
ZN ZN E . -10.62 -22.06 -37.72
ZN ZN F . -5.37 -17.51 -37.04
ZN ZN G . -25.21 -17.78 -9.15
ZN ZN H . -27.82 -17.18 -11.11
ZN ZN I . 5.48 27.60 11.35
P PO4 J . 9.65 24.51 7.13
O1 PO4 J . 10.67 24.33 8.25
O2 PO4 J . 10.39 24.98 5.87
O3 PO4 J . 8.92 23.25 6.74
O4 PO4 J . 8.64 25.52 7.59
P PO4 K . 17.41 40.50 27.12
O1 PO4 K . 18.06 39.74 28.27
O2 PO4 K . 18.36 41.35 26.32
O3 PO4 K . 16.83 39.46 26.19
O4 PO4 K . 16.34 41.42 27.67
ZN ZN L . 8.29 26.50 9.74
P PO4 M . 20.85 33.50 13.06
O1 PO4 M . 22.00 33.18 12.13
O2 PO4 M . 21.18 34.68 13.94
O3 PO4 M . 19.64 33.92 12.24
O4 PO4 M . 20.52 32.27 13.90
ZN ZN N . 16.84 16.87 38.53
ZN ZN O . 17.36 14.29 37.75
#